data_9DYN
#
_entry.id   9DYN
#
_cell.length_a   1.00
_cell.length_b   1.00
_cell.length_c   1.00
_cell.angle_alpha   90.00
_cell.angle_beta   90.00
_cell.angle_gamma   90.00
#
_symmetry.space_group_name_H-M   'P 1'
#
loop_
_entity.id
_entity.type
_entity.pdbx_description
1 polymer Bestrophin-2a
2 non-polymer 'CALCIUM ION'
3 non-polymer '4-AMINOBENZOIC ACID'
4 non-polymer 'CHLORIDE ION'
#
_entity_poly.entity_id   1
_entity_poly.type   'polypeptide(L)'
_entity_poly.pdbx_seq_one_letter_code
;MTVTYTARVANARFGGFSQLLLLWRGSIYKLLWRELLCFLGFYMALSAAYRFVLTEGQKRYFEKLVIYCDQYASLIPVSF
VLGFYVTLVVNRWWSQYLCMPLPDALMCVVAGTVHGRDDRGRLYRRTLMRYAGLSAVLILRSVSTAVFKRFPTIDHVVEA
GFMTREERKKFENLNSSYNKYWVPCVWFSNLAAQARREGRIRDNSALKLLLEELNVFRGKCGMLFHYDWISVPLVYTQVV
TIALYSYFLACLIGRQFLDPAQGYKDHDLDLCVPIFTLLQFFFYAGWLKVAEQLINPFGEDDDDFETNFLIDRNFQVSML
AVDEMYDDLAVLEKDLYWDAAEARAPYTAATVFQLRQPSFQGSTFDITLAKEDMQFQRLDGLDGPMGEAPGDFLQRLLPA
GAGMVAGGPLGRRLSFLLRKNSCVSEASTGASCSCAVVPEGAAPECSCGDPLLDPGLPEPEAPPPAGPEPLTLIPGPVEP
FSIVTMPGPRGPAPPWLPSPIGEEEENLA
;
_entity_poly.pdbx_strand_id   A,E,D,B,C
#
# COMPACT_ATOMS: atom_id res chain seq x y z
N THR A 2 -13.19 -14.69 -16.82
CA THR A 2 -12.81 -15.09 -15.46
C THR A 2 -12.99 -16.58 -15.24
N VAL A 3 -11.93 -17.25 -14.80
CA VAL A 3 -11.96 -18.67 -14.45
C VAL A 3 -11.96 -18.75 -12.93
N THR A 4 -13.03 -19.28 -12.36
CA THR A 4 -13.24 -19.30 -10.91
C THR A 4 -12.95 -20.70 -10.38
N TYR A 5 -12.14 -20.76 -9.32
CA TYR A 5 -11.87 -22.02 -8.64
C TYR A 5 -11.86 -21.85 -7.12
N THR A 6 -12.58 -20.86 -6.60
CA THR A 6 -12.54 -20.58 -5.17
C THR A 6 -13.11 -21.74 -4.35
N ALA A 7 -14.19 -22.34 -4.82
CA ALA A 7 -14.81 -23.43 -4.08
C ALA A 7 -13.91 -24.66 -4.01
N ARG A 8 -13.15 -24.94 -5.07
CA ARG A 8 -12.26 -26.09 -5.06
C ARG A 8 -11.12 -25.94 -4.06
N VAL A 9 -10.87 -24.73 -3.57
CA VAL A 9 -9.73 -24.48 -2.69
C VAL A 9 -10.24 -23.97 -1.35
N ALA A 10 -11.48 -24.28 -1.02
CA ALA A 10 -12.08 -23.79 0.22
C ALA A 10 -11.30 -24.28 1.44
N ASN A 11 -10.90 -25.54 1.42
CA ASN A 11 -10.11 -26.14 2.50
C ASN A 11 -8.79 -26.65 1.95
N ALA A 12 -7.73 -26.53 2.75
CA ALA A 12 -6.42 -27.03 2.37
C ALA A 12 -6.42 -28.55 2.52
N ARG A 13 -6.82 -29.23 1.45
CA ARG A 13 -6.87 -30.68 1.44
C ARG A 13 -5.51 -31.27 1.10
N PHE A 14 -5.43 -32.60 1.18
CA PHE A 14 -4.16 -33.27 0.94
C PHE A 14 -3.63 -32.99 -0.46
N GLY A 15 -4.45 -33.25 -1.48
CA GLY A 15 -4.10 -32.88 -2.84
C GLY A 15 -4.70 -31.54 -3.24
N GLY A 16 -4.42 -30.50 -2.44
CA GLY A 16 -5.09 -29.23 -2.59
C GLY A 16 -4.97 -28.60 -3.96
N PHE A 17 -3.78 -28.17 -4.34
CA PHE A 17 -3.57 -27.49 -5.61
C PHE A 17 -3.25 -28.45 -6.75
N SER A 18 -3.02 -29.73 -6.46
CA SER A 18 -2.72 -30.69 -7.52
C SER A 18 -3.92 -30.86 -8.46
N GLN A 19 -5.13 -30.89 -7.92
CA GLN A 19 -6.31 -31.08 -8.74
C GLN A 19 -6.60 -29.89 -9.65
N LEU A 20 -5.93 -28.76 -9.45
CA LEU A 20 -6.09 -27.63 -10.35
C LEU A 20 -5.14 -27.69 -11.55
N LEU A 21 -4.17 -28.61 -11.53
CA LEU A 21 -3.25 -28.73 -12.65
C LEU A 21 -3.92 -29.33 -13.88
N LEU A 22 -5.08 -29.96 -13.71
CA LEU A 22 -5.77 -30.62 -14.82
C LEU A 22 -6.64 -29.67 -15.64
N LEU A 23 -6.87 -28.46 -15.17
CA LEU A 23 -7.73 -27.52 -15.87
C LEU A 23 -7.01 -26.97 -17.10
N TRP A 24 -7.76 -26.83 -18.20
CA TRP A 24 -7.22 -26.27 -19.43
C TRP A 24 -7.64 -24.82 -19.65
N ARG A 25 -8.92 -24.52 -19.50
CA ARG A 25 -9.38 -23.14 -19.66
C ARG A 25 -8.74 -22.23 -18.62
N GLY A 26 -8.24 -21.09 -19.06
CA GLY A 26 -7.56 -20.17 -18.16
C GLY A 26 -6.33 -20.75 -17.51
N SER A 27 -5.59 -21.58 -18.23
CA SER A 27 -4.45 -22.31 -17.68
C SER A 27 -3.15 -21.79 -18.27
N ILE A 28 -2.05 -22.14 -17.59
CA ILE A 28 -0.73 -21.76 -18.08
C ILE A 28 -0.40 -22.52 -19.36
N TYR A 29 -0.82 -23.78 -19.45
CA TYR A 29 -0.56 -24.56 -20.66
C TYR A 29 -1.20 -23.90 -21.87
N LYS A 30 -2.46 -23.48 -21.74
CA LYS A 30 -3.15 -22.87 -22.87
C LYS A 30 -2.43 -21.62 -23.35
N LEU A 31 -1.85 -20.85 -22.42
CA LEU A 31 -1.18 -19.60 -22.76
C LEU A 31 0.26 -19.80 -23.23
N LEU A 32 0.89 -20.93 -22.91
CA LEU A 32 2.32 -21.05 -23.10
C LEU A 32 2.76 -22.26 -23.94
N TRP A 33 1.84 -23.12 -24.39
CA TRP A 33 2.28 -24.33 -25.07
C TRP A 33 2.93 -24.01 -26.41
N ARG A 34 2.39 -23.02 -27.13
CA ARG A 34 3.00 -22.64 -28.41
C ARG A 34 4.42 -22.12 -28.21
N GLU A 35 4.60 -21.24 -27.23
CA GLU A 35 5.91 -20.67 -26.96
C GLU A 35 6.89 -21.75 -26.52
N LEU A 36 6.44 -22.67 -25.66
CA LEU A 36 7.31 -23.76 -25.23
C LEU A 36 7.68 -24.64 -26.42
N LEU A 37 6.73 -24.91 -27.30
CA LEU A 37 7.03 -25.73 -28.47
C LEU A 37 8.05 -25.05 -29.37
N CYS A 38 7.92 -23.74 -29.58
CA CYS A 38 8.89 -23.03 -30.40
C CYS A 38 10.27 -23.04 -29.74
N PHE A 39 10.33 -22.81 -28.43
CA PHE A 39 11.61 -22.83 -27.72
C PHE A 39 12.28 -24.19 -27.86
N LEU A 40 11.51 -25.27 -27.65
CA LEU A 40 12.07 -26.61 -27.80
C LEU A 40 12.46 -26.88 -29.24
N GLY A 41 11.73 -26.33 -30.20
CA GLY A 41 12.10 -26.51 -31.60
C GLY A 41 13.43 -25.88 -31.94
N PHE A 42 13.71 -24.69 -31.45
CA PHE A 42 14.97 -24.01 -31.82
C PHE A 42 16.12 -24.67 -31.08
N TYR A 43 15.86 -25.21 -29.89
CA TYR A 43 16.91 -25.90 -29.10
C TYR A 43 17.32 -27.18 -29.80
N MET A 44 16.34 -27.95 -30.24
CA MET A 44 16.63 -29.22 -30.93
C MET A 44 17.22 -28.92 -32.29
N ALA A 45 16.77 -27.88 -32.97
CA ALA A 45 17.45 -27.56 -34.21
C ALA A 45 18.94 -27.29 -33.95
N LEU A 46 19.24 -26.51 -32.92
CA LEU A 46 20.64 -26.26 -32.57
C LEU A 46 21.33 -27.56 -32.17
N SER A 47 20.65 -28.41 -31.40
CA SER A 47 21.25 -29.68 -30.98
C SER A 47 21.55 -30.58 -32.18
N ALA A 48 20.60 -30.68 -33.11
CA ALA A 48 20.82 -31.50 -34.30
C ALA A 48 21.96 -30.95 -35.14
N ALA A 49 22.03 -29.63 -35.28
CA ALA A 49 23.16 -29.03 -35.99
C ALA A 49 24.48 -29.41 -35.32
N TYR A 50 24.56 -29.20 -34.01
CA TYR A 50 25.80 -29.49 -33.28
C TYR A 50 26.16 -30.96 -33.35
N ARG A 51 25.18 -31.84 -33.44
CA ARG A 51 25.43 -33.27 -33.40
C ARG A 51 25.79 -33.86 -34.76
N PHE A 52 25.14 -33.40 -35.83
CA PHE A 52 25.27 -34.06 -37.13
C PHE A 52 25.67 -33.13 -38.26
N VAL A 53 26.11 -31.90 -37.96
CA VAL A 53 26.48 -30.97 -39.02
C VAL A 53 27.88 -30.45 -38.81
N LEU A 54 28.13 -29.84 -37.65
CA LEU A 54 29.41 -29.19 -37.40
C LEU A 54 30.54 -30.21 -37.42
N THR A 55 31.70 -29.77 -37.91
CA THR A 55 32.90 -30.59 -37.91
C THR A 55 33.54 -30.57 -36.53
N GLU A 56 34.68 -31.27 -36.40
CA GLU A 56 35.34 -31.36 -35.10
C GLU A 56 35.76 -29.98 -34.60
N GLY A 57 36.41 -29.19 -35.46
CA GLY A 57 36.80 -27.86 -35.05
C GLY A 57 35.60 -26.95 -34.79
N GLN A 58 34.60 -27.01 -35.67
CA GLN A 58 33.38 -26.26 -35.42
C GLN A 58 32.72 -26.72 -34.13
N LYS A 59 32.75 -28.02 -33.85
CA LYS A 59 32.19 -28.53 -32.60
C LYS A 59 32.94 -27.96 -31.39
N ARG A 60 34.27 -27.92 -31.45
CA ARG A 60 35.04 -27.38 -30.34
C ARG A 60 34.73 -25.90 -30.13
N TYR A 61 34.65 -25.13 -31.22
CA TYR A 61 34.31 -23.72 -31.08
C TYR A 61 32.91 -23.54 -30.52
N PHE A 62 31.96 -24.36 -30.97
CA PHE A 62 30.61 -24.26 -30.46
C PHE A 62 30.57 -24.61 -28.98
N GLU A 63 31.39 -25.56 -28.54
CA GLU A 63 31.45 -25.90 -27.13
C GLU A 63 32.01 -24.75 -26.30
N LYS A 64 33.06 -24.09 -26.80
CA LYS A 64 33.57 -22.92 -26.10
C LYS A 64 32.50 -21.83 -25.99
N LEU A 65 31.80 -21.57 -27.10
CA LEU A 65 30.73 -20.58 -27.08
C LEU A 65 29.63 -20.97 -26.12
N VAL A 66 29.30 -22.27 -26.07
CA VAL A 66 28.26 -22.75 -25.17
C VAL A 66 28.64 -22.50 -23.72
N ILE A 67 29.86 -22.84 -23.34
CA ILE A 67 30.31 -22.69 -21.94
C ILE A 67 30.36 -21.22 -21.52
N TYR A 68 30.65 -20.29 -22.42
CA TYR A 68 30.65 -18.84 -22.15
C TYR A 68 29.23 -18.33 -21.97
N CYS A 69 28.40 -18.50 -22.98
CA CYS A 69 26.98 -18.12 -22.89
C CYS A 69 26.37 -18.76 -21.65
N ASP A 70 26.88 -19.90 -21.16
CA ASP A 70 26.32 -20.48 -19.92
C ASP A 70 26.69 -19.68 -18.69
N GLN A 71 27.95 -19.23 -18.56
CA GLN A 71 28.41 -18.55 -17.32
C GLN A 71 28.07 -17.05 -17.26
N TYR A 72 27.61 -16.43 -18.35
CA TYR A 72 27.37 -14.96 -18.36
C TYR A 72 25.92 -14.64 -18.66
N ALA A 73 25.20 -15.62 -19.22
CA ALA A 73 23.75 -15.42 -19.47
C ALA A 73 23.10 -14.98 -18.16
N SER A 74 23.82 -15.17 -17.04
CA SER A 74 23.25 -14.83 -15.73
C SER A 74 23.40 -13.33 -15.45
N LEU A 75 24.09 -12.58 -16.30
CA LEU A 75 24.26 -11.12 -16.13
C LEU A 75 22.97 -10.42 -16.58
N ILE A 76 22.09 -11.13 -17.27
CA ILE A 76 20.79 -10.54 -17.67
C ILE A 76 19.87 -10.56 -16.45
N PRO A 77 19.50 -9.41 -15.86
CA PRO A 77 18.68 -9.38 -14.65
C PRO A 77 17.23 -9.76 -14.91
N VAL A 78 17.00 -11.01 -15.29
CA VAL A 78 15.65 -11.44 -15.64
C VAL A 78 14.73 -11.33 -14.42
N SER A 79 15.15 -11.89 -13.29
CA SER A 79 14.27 -11.95 -12.13
C SER A 79 13.93 -10.55 -11.62
N PHE A 80 14.91 -9.66 -11.59
CA PHE A 80 14.70 -8.33 -11.02
C PHE A 80 13.66 -7.54 -11.81
N VAL A 81 13.90 -7.35 -13.10
CA VAL A 81 12.97 -6.61 -13.95
C VAL A 81 11.64 -7.33 -14.03
N LEU A 82 11.67 -8.66 -14.15
CA LEU A 82 10.44 -9.43 -14.26
C LEU A 82 9.57 -9.28 -13.02
N GLY A 83 10.17 -9.35 -11.83
CA GLY A 83 9.39 -9.20 -10.61
C GLY A 83 8.81 -7.81 -10.48
N PHE A 84 9.61 -6.78 -10.74
CA PHE A 84 9.07 -5.43 -10.69
C PHE A 84 7.88 -5.29 -11.63
N TYR A 85 8.04 -5.74 -12.88
CA TYR A 85 7.00 -5.60 -13.88
C TYR A 85 5.74 -6.36 -13.49
N VAL A 86 5.90 -7.59 -13.00
CA VAL A 86 4.74 -8.40 -12.68
C VAL A 86 4.00 -7.81 -11.49
N THR A 87 4.72 -7.31 -10.49
CA THR A 87 4.06 -6.68 -9.35
C THR A 87 3.26 -5.45 -9.81
N LEU A 88 3.87 -4.63 -10.65
CA LEU A 88 3.15 -3.47 -11.17
C LEU A 88 1.89 -3.89 -11.91
N VAL A 89 2.01 -4.90 -12.77
CA VAL A 89 0.88 -5.34 -13.58
C VAL A 89 -0.23 -5.90 -12.71
N VAL A 90 0.11 -6.68 -11.69
CA VAL A 90 -0.91 -7.29 -10.84
C VAL A 90 -1.64 -6.23 -10.01
N ASN A 91 -0.89 -5.26 -9.48
CA ASN A 91 -1.53 -4.17 -8.75
C ASN A 91 -2.49 -3.41 -9.66
N ARG A 92 -2.05 -3.11 -10.88
CA ARG A 92 -2.93 -2.43 -11.82
C ARG A 92 -4.14 -3.29 -12.16
N TRP A 93 -3.95 -4.60 -12.28
CA TRP A 93 -5.06 -5.49 -12.60
C TRP A 93 -6.14 -5.43 -11.54
N TRP A 94 -5.76 -5.55 -10.27
CA TRP A 94 -6.76 -5.50 -9.22
C TRP A 94 -7.41 -4.12 -9.13
N SER A 95 -6.62 -3.05 -9.26
CA SER A 95 -7.19 -1.71 -9.22
C SER A 95 -8.17 -1.49 -10.35
N GLN A 96 -7.84 -1.97 -11.55
CA GLN A 96 -8.75 -1.85 -12.68
C GLN A 96 -10.04 -2.60 -12.44
N TYR A 97 -9.95 -3.82 -11.88
CA TYR A 97 -11.19 -4.53 -11.58
C TYR A 97 -12.03 -3.75 -10.57
N LEU A 98 -11.39 -3.20 -9.54
CA LEU A 98 -12.13 -2.42 -8.56
C LEU A 98 -12.69 -1.12 -9.16
N CYS A 99 -12.15 -0.67 -10.29
CA CYS A 99 -12.63 0.55 -10.92
C CYS A 99 -13.82 0.34 -11.83
N MET A 100 -14.31 -0.89 -11.99
CA MET A 100 -15.47 -1.13 -12.84
C MET A 100 -16.72 -0.62 -12.16
N PRO A 101 -17.48 0.28 -12.78
CA PRO A 101 -18.66 0.84 -12.10
C PRO A 101 -19.73 -0.22 -11.85
N LEU A 102 -20.41 -0.08 -10.72
CA LEU A 102 -21.55 -0.92 -10.38
C LEU A 102 -22.69 -0.06 -9.89
N PRO A 103 -23.94 -0.39 -10.23
CA PRO A 103 -25.08 0.45 -9.86
C PRO A 103 -25.69 0.13 -8.51
N ASP A 104 -25.12 -0.80 -7.74
CA ASP A 104 -25.78 -1.26 -6.52
C ASP A 104 -26.03 -0.13 -5.54
N ALA A 105 -25.00 0.69 -5.28
CA ALA A 105 -25.18 1.83 -4.39
C ALA A 105 -26.18 2.81 -4.97
N LEU A 106 -26.02 3.13 -6.26
CA LEU A 106 -26.95 4.05 -6.90
C LEU A 106 -28.35 3.47 -6.94
N MET A 107 -28.47 2.16 -7.18
CA MET A 107 -29.80 1.57 -7.26
C MET A 107 -30.49 1.57 -5.90
N CYS A 108 -29.75 1.31 -4.83
CA CYS A 108 -30.33 1.42 -3.49
C CYS A 108 -30.76 2.85 -3.19
N VAL A 109 -29.92 3.84 -3.53
CA VAL A 109 -30.27 5.22 -3.27
C VAL A 109 -31.50 5.62 -4.08
N VAL A 110 -31.57 5.19 -5.33
CA VAL A 110 -32.70 5.56 -6.19
C VAL A 110 -33.98 4.90 -5.71
N ALA A 111 -33.89 3.64 -5.27
CA ALA A 111 -35.06 2.98 -4.72
C ALA A 111 -35.55 3.68 -3.47
N GLY A 112 -34.63 4.14 -2.62
CA GLY A 112 -35.04 4.80 -1.40
C GLY A 112 -35.30 6.29 -1.48
N THR A 113 -35.02 6.93 -2.61
CA THR A 113 -35.09 8.39 -2.68
C THR A 113 -35.99 8.92 -3.78
N VAL A 114 -36.01 8.28 -4.95
CA VAL A 114 -36.88 8.71 -6.04
C VAL A 114 -38.22 7.99 -5.89
N HIS A 115 -39.29 8.75 -5.73
CA HIS A 115 -40.56 8.22 -5.25
C HIS A 115 -41.63 8.29 -6.33
N GLY A 116 -42.69 7.52 -6.10
CA GLY A 116 -43.81 7.46 -7.01
C GLY A 116 -44.08 6.05 -7.49
N ARG A 117 -45.29 5.55 -7.22
CA ARG A 117 -45.70 4.27 -7.75
C ARG A 117 -46.30 4.38 -9.15
N ASP A 118 -46.57 5.60 -9.62
CA ASP A 118 -47.17 5.80 -10.92
C ASP A 118 -46.12 5.62 -12.01
N ASP A 119 -46.54 5.87 -13.25
CA ASP A 119 -45.64 5.68 -14.39
C ASP A 119 -44.51 6.70 -14.40
N ARG A 120 -44.76 7.92 -13.90
CA ARG A 120 -43.72 8.94 -13.90
C ARG A 120 -42.57 8.58 -12.97
N GLY A 121 -42.87 8.08 -11.77
CA GLY A 121 -41.81 7.65 -10.88
C GLY A 121 -41.04 6.46 -11.43
N ARG A 122 -41.75 5.50 -12.03
CA ARG A 122 -41.10 4.40 -12.71
C ARG A 122 -40.14 4.92 -13.77
N LEU A 123 -40.60 5.88 -14.57
CA LEU A 123 -39.76 6.46 -15.61
C LEU A 123 -38.52 7.12 -15.02
N TYR A 124 -38.70 7.89 -13.95
CA TYR A 124 -37.55 8.55 -13.33
C TYR A 124 -36.52 7.54 -12.86
N ARG A 125 -36.96 6.54 -12.10
CA ARG A 125 -36.02 5.57 -11.55
C ARG A 125 -35.33 4.78 -12.65
N ARG A 126 -36.11 4.30 -13.62
CA ARG A 126 -35.55 3.53 -14.72
C ARG A 126 -34.58 4.36 -15.53
N THR A 127 -34.91 5.62 -15.79
CA THR A 127 -34.04 6.48 -16.59
C THR A 127 -32.74 6.78 -15.86
N LEU A 128 -32.79 7.00 -14.54
CA LEU A 128 -31.56 7.23 -13.80
C LEU A 128 -30.67 5.99 -13.84
N MET A 129 -31.25 4.82 -13.56
CA MET A 129 -30.47 3.59 -13.59
C MET A 129 -29.91 3.34 -14.99
N ARG A 130 -30.69 3.66 -16.02
CA ARG A 130 -30.24 3.45 -17.39
C ARG A 130 -29.16 4.45 -17.79
N TYR A 131 -29.21 5.68 -17.27
CA TYR A 131 -28.13 6.62 -17.51
C TYR A 131 -26.83 6.11 -16.91
N ALA A 132 -26.89 5.60 -15.69
CA ALA A 132 -25.70 5.01 -15.09
C ALA A 132 -25.18 3.83 -15.92
N GLY A 133 -26.10 2.94 -16.33
CA GLY A 133 -25.70 1.81 -17.14
C GLY A 133 -25.12 2.22 -18.48
N LEU A 134 -25.66 3.29 -19.07
CA LEU A 134 -25.18 3.76 -20.36
C LEU A 134 -23.80 4.38 -20.24
N SER A 135 -23.54 5.13 -19.17
CA SER A 135 -22.18 5.60 -18.93
C SER A 135 -21.22 4.43 -18.81
N ALA A 136 -21.61 3.40 -18.05
CA ALA A 136 -20.76 2.22 -17.92
C ALA A 136 -20.52 1.57 -19.28
N VAL A 137 -21.57 1.44 -20.10
CA VAL A 137 -21.43 0.79 -21.40
C VAL A 137 -20.53 1.60 -22.31
N LEU A 138 -20.69 2.93 -22.34
CA LEU A 138 -19.86 3.76 -23.20
C LEU A 138 -18.39 3.64 -22.81
N ILE A 139 -18.09 3.74 -21.52
CA ILE A 139 -16.71 3.62 -21.09
C ILE A 139 -16.16 2.23 -21.41
N LEU A 140 -16.97 1.19 -21.17
CA LEU A 140 -16.50 -0.17 -21.38
C LEU A 140 -16.21 -0.44 -22.85
N ARG A 141 -17.10 0.00 -23.76
CA ARG A 141 -16.82 -0.16 -25.17
C ARG A 141 -15.65 0.70 -25.62
N SER A 142 -15.36 1.80 -24.91
CA SER A 142 -14.14 2.54 -25.17
C SER A 142 -12.91 1.75 -24.75
N VAL A 143 -12.99 1.00 -23.66
CA VAL A 143 -11.82 0.36 -23.08
C VAL A 143 -11.80 -1.15 -23.26
N SER A 144 -12.92 -1.79 -23.57
CA SER A 144 -13.01 -3.23 -23.65
C SER A 144 -13.21 -3.67 -25.09
N THR A 145 -12.35 -4.58 -25.55
CA THR A 145 -12.48 -5.09 -26.91
C THR A 145 -13.72 -5.97 -27.04
N ALA A 146 -14.03 -6.77 -26.02
CA ALA A 146 -15.22 -7.61 -26.08
C ALA A 146 -16.49 -6.77 -26.12
N VAL A 147 -16.58 -5.74 -25.28
CA VAL A 147 -17.77 -4.89 -25.28
C VAL A 147 -17.89 -4.16 -26.61
N PHE A 148 -16.78 -3.67 -27.14
CA PHE A 148 -16.82 -3.00 -28.44
C PHE A 148 -17.28 -3.96 -29.53
N LYS A 149 -16.82 -5.20 -29.50
CA LYS A 149 -17.32 -6.20 -30.43
C LYS A 149 -18.81 -6.42 -30.26
N ARG A 150 -19.31 -6.30 -29.02
CA ARG A 150 -20.75 -6.40 -28.79
C ARG A 150 -21.48 -5.13 -29.19
N PHE A 151 -20.83 -3.96 -29.07
CA PHE A 151 -21.43 -2.67 -29.40
C PHE A 151 -20.49 -1.93 -30.34
N PRO A 152 -20.33 -2.42 -31.57
CA PRO A 152 -19.38 -1.77 -32.49
C PRO A 152 -19.76 -0.34 -32.87
N THR A 153 -21.02 0.04 -32.69
CA THR A 153 -21.47 1.39 -33.03
C THR A 153 -22.46 1.85 -31.98
N ILE A 154 -22.69 3.17 -31.96
CA ILE A 154 -23.69 3.71 -31.04
C ILE A 154 -25.08 3.23 -31.42
N ASP A 155 -25.28 2.85 -32.68
CA ASP A 155 -26.56 2.27 -33.09
C ASP A 155 -26.83 0.97 -32.36
N HIS A 156 -25.78 0.16 -32.13
CA HIS A 156 -25.94 -1.04 -31.33
C HIS A 156 -26.35 -0.71 -29.91
N VAL A 157 -25.76 0.34 -29.34
CA VAL A 157 -26.16 0.78 -28.00
C VAL A 157 -27.62 1.17 -27.99
N VAL A 158 -28.07 1.87 -29.03
CA VAL A 158 -29.48 2.27 -29.11
C VAL A 158 -30.38 1.04 -29.19
N GLU A 159 -29.99 0.06 -30.01
CA GLU A 159 -30.83 -1.12 -30.19
C GLU A 159 -30.82 -2.05 -28.98
N ALA A 160 -29.86 -1.89 -28.07
CA ALA A 160 -29.83 -2.69 -26.85
C ALA A 160 -30.69 -2.10 -25.75
N GLY A 161 -31.32 -0.94 -25.97
CA GLY A 161 -32.13 -0.31 -24.98
C GLY A 161 -31.39 0.62 -24.03
N PHE A 162 -30.08 0.75 -24.18
CA PHE A 162 -29.32 1.63 -23.31
C PHE A 162 -29.51 3.10 -23.67
N MET A 163 -29.59 3.41 -24.97
CA MET A 163 -29.83 4.75 -25.45
C MET A 163 -31.09 4.78 -26.30
N THR A 164 -31.89 5.83 -26.12
CA THR A 164 -33.05 6.04 -26.97
C THR A 164 -32.62 6.80 -28.22
N ARG A 165 -33.55 6.87 -29.19
CA ARG A 165 -33.25 7.58 -30.43
C ARG A 165 -33.05 9.07 -30.18
N GLU A 166 -33.92 9.68 -29.37
CA GLU A 166 -33.76 11.09 -29.03
C GLU A 166 -32.47 11.32 -28.26
N GLU A 167 -32.16 10.42 -27.32
CA GLU A 167 -30.90 10.52 -26.60
C GLU A 167 -29.73 10.35 -27.56
N ARG A 168 -29.87 9.50 -28.57
CA ARG A 168 -28.81 9.35 -29.56
C ARG A 168 -28.61 10.64 -30.35
N LYS A 169 -29.71 11.31 -30.71
CA LYS A 169 -29.59 12.58 -31.40
C LYS A 169 -28.88 13.62 -30.54
N LYS A 170 -29.25 13.70 -29.26
CA LYS A 170 -28.57 14.63 -28.36
C LYS A 170 -27.10 14.28 -28.19
N PHE A 171 -26.80 12.97 -28.09
CA PHE A 171 -25.42 12.53 -27.92
C PHE A 171 -24.57 12.87 -29.13
N GLU A 172 -25.11 12.68 -30.33
CA GLU A 172 -24.32 12.96 -31.53
C GLU A 172 -24.21 14.45 -31.82
N ASN A 173 -25.25 15.22 -31.51
CA ASN A 173 -25.21 16.65 -31.77
C ASN A 173 -24.26 17.40 -30.85
N LEU A 174 -23.77 16.76 -29.79
CA LEU A 174 -22.84 17.43 -28.89
C LEU A 174 -21.49 17.60 -29.57
N ASN A 175 -21.02 18.84 -29.64
CA ASN A 175 -19.80 19.17 -30.36
C ASN A 175 -18.61 18.92 -29.44
N SER A 176 -18.09 17.70 -29.48
CA SER A 176 -16.95 17.32 -28.66
C SER A 176 -16.12 16.31 -29.43
N SER A 177 -14.80 16.47 -29.36
CA SER A 177 -13.86 15.55 -30.00
C SER A 177 -13.31 14.50 -29.04
N TYR A 178 -13.79 14.48 -27.80
CA TYR A 178 -13.30 13.56 -26.79
C TYR A 178 -14.39 12.55 -26.43
N ASN A 179 -13.98 11.51 -25.70
CA ASN A 179 -14.93 10.47 -25.30
C ASN A 179 -16.07 11.08 -24.50
N LYS A 180 -17.30 10.71 -24.85
CA LYS A 180 -18.50 11.29 -24.27
C LYS A 180 -19.13 10.41 -23.21
N TYR A 181 -18.38 9.48 -22.62
CA TYR A 181 -18.94 8.61 -21.60
C TYR A 181 -19.53 9.40 -20.43
N TRP A 182 -19.02 10.60 -20.19
CA TRP A 182 -19.50 11.43 -19.10
C TRP A 182 -20.86 12.04 -19.39
N VAL A 183 -21.28 12.07 -20.65
CA VAL A 183 -22.54 12.71 -21.00
C VAL A 183 -23.72 12.12 -20.22
N PRO A 184 -23.88 10.80 -20.13
CA PRO A 184 -24.98 10.27 -19.32
C PRO A 184 -24.89 10.68 -17.86
N CYS A 185 -23.70 10.94 -17.33
CA CYS A 185 -23.60 11.42 -15.96
C CYS A 185 -24.17 12.83 -15.81
N VAL A 186 -23.92 13.70 -16.78
CA VAL A 186 -24.53 15.03 -16.75
C VAL A 186 -26.04 14.93 -16.93
N TRP A 187 -26.49 14.00 -17.78
CA TRP A 187 -27.92 13.76 -17.90
C TRP A 187 -28.51 13.30 -16.57
N PHE A 188 -27.80 12.41 -15.86
CA PHE A 188 -28.24 11.95 -14.56
C PHE A 188 -28.34 13.11 -13.58
N SER A 189 -27.34 13.99 -13.55
CA SER A 189 -27.39 15.12 -12.63
C SER A 189 -28.57 16.02 -12.94
N ASN A 190 -28.80 16.30 -14.23
CA ASN A 190 -29.93 17.15 -14.60
C ASN A 190 -31.26 16.49 -14.26
N LEU A 191 -31.38 15.18 -14.48
CA LEU A 191 -32.63 14.49 -14.18
C LEU A 191 -32.87 14.40 -12.68
N ALA A 192 -31.82 14.21 -11.89
CA ALA A 192 -31.96 14.22 -10.44
C ALA A 192 -32.39 15.60 -9.94
N ALA A 193 -31.81 16.66 -10.51
CA ALA A 193 -32.25 18.00 -10.15
C ALA A 193 -33.71 18.22 -10.51
N GLN A 194 -34.13 17.75 -11.70
CA GLN A 194 -35.52 17.90 -12.10
C GLN A 194 -36.46 17.11 -11.19
N ALA A 195 -36.05 15.90 -10.80
CA ALA A 195 -36.87 15.10 -9.90
C ALA A 195 -37.01 15.78 -8.54
N ARG A 196 -35.92 16.35 -8.03
CA ARG A 196 -36.00 17.09 -6.78
C ARG A 196 -36.91 18.29 -6.90
N ARG A 197 -36.81 19.02 -8.02
CA ARG A 197 -37.67 20.19 -8.22
C ARG A 197 -39.14 19.79 -8.29
N GLU A 198 -39.43 18.70 -8.99
CA GLU A 198 -40.80 18.24 -9.16
C GLU A 198 -41.38 17.58 -7.91
N GLY A 199 -40.55 17.30 -6.91
CA GLY A 199 -41.02 16.70 -5.68
C GLY A 199 -40.85 15.19 -5.59
N ARG A 200 -40.37 14.54 -6.65
CA ARG A 200 -40.14 13.10 -6.59
C ARG A 200 -39.09 12.77 -5.53
N ILE A 201 -38.05 13.59 -5.44
CA ILE A 201 -37.08 13.52 -4.35
C ILE A 201 -37.53 14.52 -3.29
N ARG A 202 -37.80 14.03 -2.08
CA ARG A 202 -38.54 14.81 -1.10
C ARG A 202 -37.66 15.75 -0.28
N ASP A 203 -36.34 15.62 -0.35
CA ASP A 203 -35.49 16.46 0.50
C ASP A 203 -34.15 16.69 -0.19
N ASN A 204 -33.50 17.79 0.20
CA ASN A 204 -32.22 18.17 -0.39
C ASN A 204 -31.12 17.19 -0.02
N SER A 205 -31.18 16.61 1.18
CA SER A 205 -30.18 15.62 1.57
C SER A 205 -30.23 14.39 0.67
N ALA A 206 -31.43 13.98 0.27
CA ALA A 206 -31.57 12.86 -0.65
C ALA A 206 -30.91 13.18 -1.99
N LEU A 207 -31.12 14.39 -2.49
CA LEU A 207 -30.48 14.79 -3.73
C LEU A 207 -28.96 14.82 -3.59
N LYS A 208 -28.46 15.31 -2.46
CA LYS A 208 -27.02 15.32 -2.23
C LYS A 208 -26.46 13.91 -2.20
N LEU A 209 -27.16 12.97 -1.56
CA LEU A 209 -26.73 11.59 -1.54
C LEU A 209 -26.72 10.99 -2.95
N LEU A 210 -27.76 11.29 -3.73
CA LEU A 210 -27.82 10.83 -5.11
C LEU A 210 -26.62 11.35 -5.90
N LEU A 211 -26.31 12.64 -5.74
CA LEU A 211 -25.21 13.23 -6.48
C LEU A 211 -23.86 12.66 -6.03
N GLU A 212 -23.71 12.38 -4.74
CA GLU A 212 -22.48 11.78 -4.25
C GLU A 212 -22.28 10.39 -4.82
N GLU A 213 -23.35 9.58 -4.83
CA GLU A 213 -23.25 8.24 -5.41
C GLU A 213 -22.97 8.30 -6.90
N LEU A 214 -23.62 9.24 -7.60
CA LEU A 214 -23.35 9.41 -9.02
C LEU A 214 -21.91 9.82 -9.27
N ASN A 215 -21.37 10.68 -8.42
CA ASN A 215 -19.98 11.09 -8.57
C ASN A 215 -19.04 9.92 -8.33
N VAL A 216 -19.36 9.04 -7.37
CA VAL A 216 -18.56 7.84 -7.16
C VAL A 216 -18.59 6.97 -8.42
N PHE A 217 -19.78 6.77 -8.99
CA PHE A 217 -19.92 5.97 -10.20
C PHE A 217 -19.13 6.57 -11.36
N ARG A 218 -19.27 7.88 -11.56
CA ARG A 218 -18.57 8.54 -12.66
C ARG A 218 -17.07 8.54 -12.43
N GLY A 219 -16.64 8.64 -11.18
CA GLY A 219 -15.21 8.54 -10.90
C GLY A 219 -14.67 7.16 -11.23
N LYS A 220 -15.46 6.12 -10.97
CA LYS A 220 -15.05 4.77 -11.36
C LYS A 220 -14.93 4.67 -12.88
N CYS A 221 -15.90 5.23 -13.61
CA CYS A 221 -15.80 5.22 -15.07
C CYS A 221 -14.57 5.98 -15.56
N GLY A 222 -14.31 7.16 -14.98
CA GLY A 222 -13.14 7.92 -15.33
C GLY A 222 -11.83 7.22 -15.00
N MET A 223 -11.81 6.48 -13.89
CA MET A 223 -10.64 5.68 -13.55
C MET A 223 -10.43 4.59 -14.59
N LEU A 224 -11.51 3.97 -15.04
CA LEU A 224 -11.39 3.01 -16.14
C LEU A 224 -10.76 3.67 -17.35
N PHE A 225 -11.24 4.87 -17.70
CA PHE A 225 -10.67 5.57 -18.85
C PHE A 225 -9.19 5.88 -18.65
N HIS A 226 -8.82 6.33 -17.45
CA HIS A 226 -7.42 6.68 -17.19
C HIS A 226 -6.52 5.45 -17.25
N TYR A 227 -6.98 4.33 -16.70
CA TYR A 227 -6.21 3.10 -16.78
C TYR A 227 -6.04 2.65 -18.23
N ASP A 228 -7.10 2.79 -19.04
CA ASP A 228 -6.97 2.46 -20.46
C ASP A 228 -5.98 3.37 -21.15
N TRP A 229 -6.02 4.68 -20.85
CA TRP A 229 -5.16 5.64 -21.52
C TRP A 229 -3.72 5.51 -21.06
N ILE A 230 -3.50 5.55 -19.75
CA ILE A 230 -2.15 5.55 -19.18
C ILE A 230 -1.74 4.10 -19.04
N SER A 231 -1.18 3.55 -20.11
CA SER A 231 -0.70 2.18 -20.09
C SER A 231 0.53 2.07 -19.19
N VAL A 232 0.87 0.84 -18.83
CA VAL A 232 2.17 0.63 -18.19
C VAL A 232 3.25 1.17 -19.11
N PRO A 233 4.22 1.93 -18.62
CA PRO A 233 5.18 2.58 -19.52
C PRO A 233 5.76 1.59 -20.53
N LEU A 234 5.70 1.96 -21.80
CA LEU A 234 6.15 1.05 -22.86
C LEU A 234 7.62 0.68 -22.68
N VAL A 235 8.40 1.55 -22.02
CA VAL A 235 9.80 1.24 -21.77
C VAL A 235 9.94 -0.01 -20.94
N TYR A 236 9.12 -0.14 -19.89
CA TYR A 236 9.18 -1.33 -19.04
C TYR A 236 8.77 -2.57 -19.82
N THR A 237 7.71 -2.48 -20.62
CA THR A 237 7.28 -3.62 -21.43
C THR A 237 8.39 -4.06 -22.37
N GLN A 238 9.00 -3.11 -23.08
CA GLN A 238 10.07 -3.46 -24.01
C GLN A 238 11.26 -4.05 -23.28
N VAL A 239 11.61 -3.48 -22.12
CA VAL A 239 12.77 -3.97 -21.38
C VAL A 239 12.55 -5.40 -20.89
N VAL A 240 11.36 -5.67 -20.35
CA VAL A 240 11.08 -7.02 -19.85
CA VAL A 240 11.08 -7.02 -19.85
C VAL A 240 11.05 -8.01 -21.00
N THR A 241 10.42 -7.66 -22.12
CA THR A 241 10.39 -8.56 -23.26
C THR A 241 11.78 -8.85 -23.77
N ILE A 242 12.62 -7.81 -23.88
CA ILE A 242 13.98 -8.00 -24.37
C ILE A 242 14.80 -8.83 -23.40
N ALA A 243 14.59 -8.61 -22.09
CA ALA A 243 15.31 -9.41 -21.10
C ALA A 243 14.95 -10.88 -21.22
N LEU A 244 13.66 -11.19 -21.33
CA LEU A 244 13.26 -12.59 -21.46
C LEU A 244 13.80 -13.19 -22.74
N TYR A 245 13.66 -12.49 -23.86
CA TYR A 245 14.12 -13.03 -25.14
C TYR A 245 15.62 -13.25 -25.14
N SER A 246 16.39 -12.28 -24.64
CA SER A 246 17.85 -12.41 -24.65
C SER A 246 18.31 -13.50 -23.70
N TYR A 247 17.71 -13.58 -22.51
CA TYR A 247 18.10 -14.64 -21.58
C TYR A 247 17.81 -16.01 -22.17
N PHE A 248 16.64 -16.17 -22.81
CA PHE A 248 16.31 -17.49 -23.34
C PHE A 248 17.08 -17.81 -24.62
N LEU A 249 17.53 -16.80 -25.36
CA LEU A 249 18.46 -17.07 -26.46
C LEU A 249 19.82 -17.52 -25.93
N ALA A 250 20.32 -16.84 -24.89
CA ALA A 250 21.56 -17.27 -24.28
C ALA A 250 21.43 -18.68 -23.70
N CYS A 251 20.25 -19.02 -23.20
CA CYS A 251 20.02 -20.38 -22.70
C CYS A 251 19.94 -21.39 -23.84
N LEU A 252 19.29 -21.01 -24.93
CA LEU A 252 19.30 -21.84 -26.13
C LEU A 252 20.71 -22.19 -26.55
N ILE A 253 21.71 -21.33 -26.33
CA ILE A 253 23.09 -21.74 -26.72
C ILE A 253 23.83 -22.45 -25.58
N GLY A 254 23.74 -21.98 -24.35
CA GLY A 254 24.54 -22.56 -23.25
C GLY A 254 23.85 -23.66 -22.47
N ARG A 255 22.62 -23.97 -22.81
CA ARG A 255 21.88 -25.08 -22.18
C ARG A 255 22.05 -26.28 -23.10
N GLN A 256 22.83 -26.11 -24.14
CA GLN A 256 23.17 -27.28 -24.99
C GLN A 256 23.92 -28.33 -24.18
N PHE A 257 23.75 -29.59 -24.54
CA PHE A 257 24.43 -30.69 -23.85
C PHE A 257 25.62 -31.04 -24.72
N LEU A 258 26.81 -30.87 -24.19
CA LEU A 258 28.01 -31.06 -25.01
C LEU A 258 28.41 -32.52 -24.94
N ASP A 259 29.23 -32.97 -25.87
CA ASP A 259 29.72 -34.33 -25.92
C ASP A 259 30.52 -34.63 -24.65
N PRO A 260 30.09 -35.59 -23.82
CA PRO A 260 30.81 -35.86 -22.57
C PRO A 260 32.23 -36.35 -22.79
N ALA A 261 32.57 -36.84 -23.98
CA ALA A 261 33.91 -37.35 -24.22
C ALA A 261 34.98 -36.27 -24.15
N GLN A 262 34.60 -35.00 -24.28
CA GLN A 262 35.57 -33.92 -24.22
C GLN A 262 36.01 -33.60 -22.80
N GLY A 263 35.34 -34.14 -21.78
CA GLY A 263 35.77 -33.93 -20.42
C GLY A 263 35.50 -32.56 -19.87
N TYR A 264 34.60 -31.79 -20.47
CA TYR A 264 34.24 -30.49 -19.94
C TYR A 264 33.59 -30.64 -18.58
N LYS A 265 33.89 -29.74 -17.67
CA LYS A 265 33.35 -29.85 -16.29
C LYS A 265 31.86 -29.51 -16.29
N ASP A 266 31.05 -30.37 -15.69
CA ASP A 266 29.58 -30.12 -15.58
C ASP A 266 28.89 -30.65 -16.84
N HIS A 267 29.63 -31.36 -17.68
CA HIS A 267 29.06 -31.94 -18.92
C HIS A 267 29.45 -33.42 -18.97
N ASP A 268 28.82 -34.24 -18.13
CA ASP A 268 29.09 -35.70 -18.09
C ASP A 268 27.83 -36.46 -18.50
N LEU A 269 26.66 -35.89 -18.27
CA LEU A 269 25.41 -36.57 -18.57
C LEU A 269 24.71 -35.85 -19.72
N ASP A 270 24.46 -36.56 -20.81
CA ASP A 270 23.79 -36.00 -21.98
C ASP A 270 22.35 -36.49 -22.00
N LEU A 271 21.45 -35.69 -21.44
CA LEU A 271 20.03 -36.06 -21.40
C LEU A 271 19.33 -35.87 -22.73
N CYS A 272 19.91 -35.05 -23.62
CA CYS A 272 19.27 -34.75 -24.93
C CYS A 272 18.24 -33.63 -24.79
N VAL A 273 17.15 -33.86 -24.06
CA VAL A 273 16.13 -32.80 -23.82
C VAL A 273 16.52 -32.05 -22.57
N PRO A 274 16.65 -30.70 -22.60
CA PRO A 274 17.07 -29.92 -21.43
C PRO A 274 15.87 -29.63 -20.52
N ILE A 275 15.63 -30.49 -19.53
CA ILE A 275 14.44 -30.32 -18.63
C ILE A 275 14.48 -29.04 -17.82
N PHE A 276 15.58 -28.77 -17.14
CA PHE A 276 15.62 -27.63 -16.20
C PHE A 276 15.53 -26.33 -16.98
N THR A 277 16.11 -26.24 -18.16
CA THR A 277 15.95 -25.02 -18.97
C THR A 277 14.50 -24.91 -19.41
N LEU A 278 13.87 -26.01 -19.81
CA LEU A 278 12.45 -26.03 -20.23
C LEU A 278 11.61 -25.71 -19.01
N LEU A 279 12.00 -26.22 -17.83
CA LEU A 279 11.22 -25.80 -16.67
C LEU A 279 11.44 -24.33 -16.35
N GLN A 280 12.70 -23.88 -16.43
CA GLN A 280 12.99 -22.47 -16.18
C GLN A 280 12.31 -21.58 -17.20
N PHE A 281 12.35 -21.98 -18.47
CA PHE A 281 11.61 -21.26 -19.50
C PHE A 281 10.12 -21.26 -19.19
N PHE A 282 9.58 -22.41 -18.80
CA PHE A 282 8.18 -22.50 -18.44
C PHE A 282 7.84 -21.45 -17.39
N PHE A 283 8.60 -21.42 -16.29
CA PHE A 283 8.27 -20.53 -15.18
C PHE A 283 8.41 -19.06 -15.58
N TYR A 284 9.54 -18.69 -16.17
CA TYR A 284 9.77 -17.27 -16.47
C TYR A 284 8.85 -16.78 -17.59
N ALA A 285 8.76 -17.53 -18.69
CA ALA A 285 7.86 -17.16 -19.76
C ALA A 285 6.41 -17.19 -19.31
N GLY A 286 6.06 -18.06 -18.36
CA GLY A 286 4.72 -18.08 -17.81
C GLY A 286 4.44 -16.85 -16.99
N TRP A 287 5.41 -16.42 -16.21
CA TRP A 287 5.29 -15.15 -15.50
C TRP A 287 5.00 -14.03 -16.48
N LEU A 288 5.82 -13.95 -17.54
CA LEU A 288 5.64 -12.89 -18.52
C LEU A 288 4.30 -13.01 -19.24
N LYS A 289 3.86 -14.24 -19.55
CA LYS A 289 2.60 -14.43 -20.25
C LYS A 289 1.41 -14.07 -19.37
N VAL A 290 1.48 -14.37 -18.07
CA VAL A 290 0.45 -13.93 -17.15
C VAL A 290 0.42 -12.41 -17.09
N ALA A 291 1.60 -11.79 -17.10
CA ALA A 291 1.65 -10.34 -17.17
C ALA A 291 0.99 -9.81 -18.44
N GLU A 292 1.22 -10.48 -19.57
CA GLU A 292 0.59 -10.07 -20.82
C GLU A 292 -0.92 -10.21 -20.74
N GLN A 293 -1.40 -11.31 -20.15
CA GLN A 293 -2.84 -11.52 -20.01
C GLN A 293 -3.47 -10.46 -19.12
N LEU A 294 -2.83 -10.15 -18.00
CA LEU A 294 -3.38 -9.22 -17.03
C LEU A 294 -3.15 -7.76 -17.40
N ILE A 295 -2.25 -7.46 -18.34
CA ILE A 295 -1.91 -6.08 -18.65
C ILE A 295 -3.13 -5.33 -19.16
N ASN A 296 -3.93 -5.99 -19.98
CA ASN A 296 -5.23 -5.49 -20.41
C ASN A 296 -6.29 -6.50 -20.00
N PRO A 297 -6.92 -6.34 -18.84
CA PRO A 297 -7.89 -7.35 -18.37
C PRO A 297 -9.25 -7.25 -19.03
N PHE A 298 -9.43 -6.38 -20.01
CA PHE A 298 -10.71 -6.21 -20.69
C PHE A 298 -10.71 -6.81 -22.09
N GLY A 299 -9.68 -7.57 -22.44
CA GLY A 299 -9.66 -8.26 -23.72
C GLY A 299 -10.56 -9.47 -23.72
N GLU A 300 -10.17 -10.52 -24.44
CA GLU A 300 -10.96 -11.74 -24.54
C GLU A 300 -10.16 -12.96 -24.09
N ASP A 301 -9.18 -12.76 -23.21
CA ASP A 301 -8.51 -13.89 -22.60
C ASP A 301 -9.49 -14.66 -21.72
N ASP A 302 -9.16 -15.94 -21.47
CA ASP A 302 -10.03 -16.76 -20.65
C ASP A 302 -10.18 -16.20 -19.24
N ASP A 303 -9.11 -15.64 -18.70
CA ASP A 303 -9.10 -15.11 -17.34
C ASP A 303 -9.39 -13.61 -17.29
N ASP A 304 -9.71 -12.99 -18.43
CA ASP A 304 -10.07 -11.59 -18.44
C ASP A 304 -11.46 -11.39 -17.83
N PHE A 305 -11.76 -10.13 -17.51
CA PHE A 305 -13.02 -9.83 -16.84
C PHE A 305 -14.21 -10.10 -17.75
N GLU A 306 -15.30 -10.56 -17.13
CA GLU A 306 -16.55 -10.82 -17.85
C GLU A 306 -17.35 -9.53 -17.97
N THR A 307 -16.85 -8.64 -18.83
CA THR A 307 -17.44 -7.31 -18.95
C THR A 307 -18.88 -7.38 -19.47
N ASN A 308 -19.13 -8.23 -20.46
CA ASN A 308 -20.48 -8.33 -21.01
C ASN A 308 -21.44 -8.94 -19.99
N PHE A 309 -21.00 -9.99 -19.30
CA PHE A 309 -21.82 -10.56 -18.23
C PHE A 309 -22.11 -9.52 -17.17
N LEU A 310 -21.11 -8.73 -16.80
CA LEU A 310 -21.32 -7.69 -15.80
C LEU A 310 -22.30 -6.64 -16.29
N ILE A 311 -22.21 -6.26 -17.57
CA ILE A 311 -23.14 -5.30 -18.13
C ILE A 311 -24.57 -5.82 -18.01
N ASP A 312 -24.79 -7.07 -18.45
CA ASP A 312 -26.13 -7.64 -18.41
C ASP A 312 -26.64 -7.74 -16.97
N ARG A 313 -25.79 -8.23 -16.06
CA ARG A 313 -26.19 -8.38 -14.68
C ARG A 313 -26.53 -7.03 -14.06
N ASN A 314 -25.70 -6.02 -14.29
CA ASN A 314 -25.93 -4.71 -13.71
C ASN A 314 -27.24 -4.12 -14.23
N PHE A 315 -27.48 -4.21 -15.54
CA PHE A 315 -28.71 -3.67 -16.09
C PHE A 315 -29.92 -4.36 -15.49
N GLN A 316 -29.91 -5.70 -15.50
CA GLN A 316 -31.06 -6.45 -15.00
C GLN A 316 -31.31 -6.16 -13.53
N VAL A 317 -30.25 -6.15 -12.71
CA VAL A 317 -30.40 -5.97 -11.28
C VAL A 317 -30.88 -4.55 -10.97
N SER A 318 -30.32 -3.55 -11.67
CA SER A 318 -30.75 -2.18 -11.44
C SER A 318 -32.21 -1.99 -11.80
N MET A 319 -32.62 -2.52 -12.96
CA MET A 319 -34.02 -2.41 -13.34
C MET A 319 -34.93 -3.09 -12.32
N LEU A 320 -34.56 -4.30 -11.89
CA LEU A 320 -35.35 -4.99 -10.88
C LEU A 320 -35.46 -4.16 -9.61
N ALA A 321 -34.33 -3.69 -9.10
CA ALA A 321 -34.32 -2.99 -7.82
C ALA A 321 -35.13 -1.71 -7.87
N VAL A 322 -35.03 -0.94 -8.96
CA VAL A 322 -35.67 0.37 -9.00
C VAL A 322 -37.07 0.32 -9.59
N ASP A 323 -37.51 -0.80 -10.17
CA ASP A 323 -38.84 -0.89 -10.75
C ASP A 323 -39.72 -1.88 -10.02
N GLU A 324 -39.28 -3.14 -9.90
CA GLU A 324 -40.16 -4.17 -9.35
C GLU A 324 -40.15 -4.17 -7.83
N MET A 325 -39.00 -3.91 -7.22
CA MET A 325 -38.87 -3.95 -5.77
C MET A 325 -39.07 -2.60 -5.12
N TYR A 326 -39.42 -1.56 -5.88
CA TYR A 326 -39.70 -0.27 -5.27
C TYR A 326 -41.00 -0.36 -4.48
N ASP A 327 -40.95 0.09 -3.22
CA ASP A 327 -42.14 0.16 -2.36
C ASP A 327 -42.93 -1.15 -2.41
N ASP A 328 -42.21 -2.26 -2.32
CA ASP A 328 -42.79 -3.60 -2.40
C ASP A 328 -42.31 -4.45 -1.24
N LEU A 329 -42.34 -3.88 -0.04
CA LEU A 329 -41.91 -4.60 1.14
C LEU A 329 -42.98 -5.56 1.62
N ALA A 330 -42.55 -6.59 2.34
CA ALA A 330 -43.48 -7.45 3.05
C ALA A 330 -43.90 -6.76 4.35
N VAL A 331 -45.18 -6.90 4.69
CA VAL A 331 -45.71 -6.21 5.86
C VAL A 331 -44.84 -6.53 7.06
N LEU A 332 -44.60 -5.51 7.89
CA LEU A 332 -43.76 -5.67 9.07
C LEU A 332 -44.30 -6.81 9.93
N GLU A 333 -43.52 -7.88 10.06
CA GLU A 333 -43.91 -9.06 10.81
C GLU A 333 -42.87 -9.33 11.90
N LYS A 334 -43.36 -9.69 13.09
CA LYS A 334 -42.46 -10.05 14.16
C LYS A 334 -41.61 -11.25 13.77
N ASP A 335 -40.32 -11.18 14.08
CA ASP A 335 -39.38 -12.21 13.68
C ASP A 335 -39.45 -13.38 14.67
N LEU A 336 -38.56 -14.37 14.44
CA LEU A 336 -38.56 -15.55 15.28
C LEU A 336 -38.24 -15.22 16.73
N TYR A 337 -37.25 -14.33 16.95
CA TYR A 337 -36.74 -14.04 18.27
C TYR A 337 -37.32 -12.75 18.85
N TRP A 338 -38.58 -12.46 18.56
CA TRP A 338 -39.21 -11.25 19.07
C TRP A 338 -39.23 -11.25 20.60
N ASP A 339 -39.61 -12.38 21.20
CA ASP A 339 -39.73 -12.47 22.65
C ASP A 339 -38.51 -13.08 23.32
N ALA A 340 -37.57 -13.62 22.56
CA ALA A 340 -36.39 -14.24 23.13
C ALA A 340 -35.50 -13.22 23.84
N TYR A 347 -27.58 -24.23 13.32
CA TYR A 347 -26.47 -25.07 12.90
C TYR A 347 -26.98 -26.44 12.45
N THR A 348 -26.38 -26.96 11.39
CA THR A 348 -26.76 -28.27 10.87
C THR A 348 -25.89 -29.37 11.44
N PHE A 360 -15.43 -15.75 21.83
CA PHE A 360 -14.19 -15.02 22.04
C PHE A 360 -14.45 -13.61 22.57
N GLN A 361 -13.70 -13.22 23.58
CA GLN A 361 -13.84 -11.90 24.20
C GLN A 361 -12.58 -11.06 24.09
N GLY A 362 -11.42 -11.65 24.38
CA GLY A 362 -10.17 -10.92 24.28
C GLY A 362 -9.03 -11.79 24.76
N SER A 363 -7.83 -11.38 24.35
CA SER A 363 -6.63 -12.13 24.75
C SER A 363 -6.43 -12.07 26.26
N THR A 364 -6.63 -10.91 26.87
CA THR A 364 -6.43 -10.75 28.30
C THR A 364 -7.43 -11.56 29.12
N PHE A 365 -8.55 -11.96 28.54
CA PHE A 365 -9.56 -12.73 29.26
C PHE A 365 -9.21 -14.21 29.28
N THR B 2 2.28 10.71 -23.50
CA THR B 2 1.81 9.36 -23.23
C THR B 2 1.76 8.51 -24.50
N VAL B 3 2.42 7.36 -24.47
CA VAL B 3 2.40 6.39 -25.56
C VAL B 3 1.49 5.25 -25.14
N THR B 4 0.38 5.08 -25.85
CA THR B 4 -0.65 4.11 -25.48
C THR B 4 -0.55 2.87 -26.35
N TYR B 5 -0.55 1.70 -25.72
CA TYR B 5 -0.56 0.43 -26.45
C TYR B 5 -1.50 -0.57 -25.81
N THR B 6 -2.54 -0.10 -25.10
CA THR B 6 -3.42 -1.02 -24.38
C THR B 6 -4.18 -1.94 -25.33
N ALA B 7 -4.65 -1.40 -26.46
CA ALA B 7 -5.42 -2.21 -27.39
C ALA B 7 -4.57 -3.31 -28.03
N ARG B 8 -3.29 -3.04 -28.28
CA ARG B 8 -2.43 -4.06 -28.87
C ARG B 8 -2.18 -5.23 -27.94
N VAL B 9 -2.46 -5.07 -26.65
CA VAL B 9 -2.16 -6.11 -25.66
C VAL B 9 -3.45 -6.58 -25.00
N ALA B 10 -4.58 -6.39 -25.70
CA ALA B 10 -5.87 -6.77 -25.12
C ALA B 10 -5.92 -8.25 -24.81
N ASN B 11 -5.41 -9.08 -25.71
CA ASN B 11 -5.37 -10.53 -25.52
C ASN B 11 -3.92 -11.01 -25.58
N ALA B 12 -3.62 -12.02 -24.77
CA ALA B 12 -2.28 -12.61 -24.75
C ALA B 12 -2.14 -13.48 -25.98
N ARG B 13 -1.69 -12.89 -27.08
CA ARG B 13 -1.51 -13.60 -28.33
C ARG B 13 -0.15 -14.30 -28.36
N PHE B 14 0.07 -15.07 -29.43
CA PHE B 14 1.30 -15.84 -29.53
C PHE B 14 2.53 -14.93 -29.53
N GLY B 15 2.54 -13.94 -30.43
CA GLY B 15 3.59 -12.93 -30.42
C GLY B 15 3.17 -11.68 -29.66
N GLY B 16 2.74 -11.86 -28.42
CA GLY B 16 2.12 -10.78 -27.68
C GLY B 16 2.94 -9.52 -27.55
N PHE B 17 4.04 -9.59 -26.80
CA PHE B 17 4.88 -8.42 -26.55
C PHE B 17 5.96 -8.24 -27.60
N SER B 18 6.16 -9.21 -28.49
CA SER B 18 7.19 -9.08 -29.52
C SER B 18 6.87 -7.93 -30.48
N GLN B 19 5.59 -7.78 -30.83
CA GLN B 19 5.20 -6.73 -31.76
C GLN B 19 5.36 -5.33 -31.19
N LEU B 20 5.58 -5.21 -29.88
CA LEU B 20 5.84 -3.90 -29.28
C LEU B 20 7.30 -3.51 -29.33
N LEU B 21 8.19 -4.45 -29.68
CA LEU B 21 9.61 -4.13 -29.76
C LEU B 21 9.94 -3.24 -30.96
N LEU B 22 9.02 -3.14 -31.93
CA LEU B 22 9.26 -2.37 -33.14
C LEU B 22 8.96 -0.88 -32.98
N LEU B 23 8.30 -0.49 -31.90
CA LEU B 23 7.92 0.90 -31.71
C LEU B 23 9.13 1.73 -31.33
N TRP B 24 9.21 2.94 -31.90
CA TRP B 24 10.29 3.87 -31.60
C TRP B 24 9.88 4.96 -30.62
N ARG B 25 8.74 5.61 -30.85
CA ARG B 25 8.28 6.65 -29.95
C ARG B 25 8.00 6.06 -28.57
N GLY B 26 8.48 6.75 -27.53
CA GLY B 26 8.31 6.25 -26.18
C GLY B 26 8.97 4.91 -25.94
N SER B 27 10.10 4.65 -26.56
CA SER B 27 10.76 3.35 -26.51
C SER B 27 12.06 3.44 -25.71
N ILE B 28 12.55 2.27 -25.31
CA ILE B 28 13.81 2.19 -24.59
C ILE B 28 14.98 2.57 -25.51
N TYR B 29 14.90 2.19 -26.78
CA TYR B 29 15.95 2.54 -27.73
C TYR B 29 16.09 4.04 -27.84
N LYS B 30 14.98 4.75 -27.98
CA LYS B 30 15.03 6.20 -28.12
C LYS B 30 15.69 6.85 -26.92
N LEU B 31 15.45 6.31 -25.72
CA LEU B 31 15.99 6.88 -24.50
C LEU B 31 17.42 6.46 -24.21
N LEU B 32 17.89 5.35 -24.79
CA LEU B 32 19.15 4.76 -24.35
C LEU B 32 20.18 4.53 -25.45
N TRP B 33 19.88 4.84 -26.71
CA TRP B 33 20.82 4.51 -27.77
C TRP B 33 22.08 5.34 -27.67
N ARG B 34 21.97 6.62 -27.30
CA ARG B 34 23.16 7.45 -27.14
C ARG B 34 24.05 6.92 -26.02
N GLU B 35 23.45 6.57 -24.88
CA GLU B 35 24.24 6.07 -23.76
C GLU B 35 24.89 4.73 -24.11
N LEU B 36 24.16 3.84 -24.79
CA LEU B 36 24.73 2.58 -25.21
C LEU B 36 25.89 2.80 -26.18
N LEU B 37 25.73 3.74 -27.11
CA LEU B 37 26.80 4.03 -28.05
C LEU B 37 28.04 4.55 -27.34
N CYS B 38 27.87 5.44 -26.37
CA CYS B 38 29.01 5.94 -25.61
C CYS B 38 29.68 4.82 -24.82
N PHE B 39 28.88 3.97 -24.18
CA PHE B 39 29.45 2.86 -23.42
C PHE B 39 30.27 1.94 -24.33
N LEU B 40 29.71 1.59 -25.49
CA LEU B 40 30.44 0.75 -26.43
C LEU B 40 31.66 1.46 -26.97
N GLY B 41 31.60 2.78 -27.14
CA GLY B 41 32.77 3.52 -27.59
C GLY B 41 33.91 3.46 -26.60
N PHE B 42 33.65 3.61 -25.32
CA PHE B 42 34.74 3.63 -24.33
C PHE B 42 35.30 2.23 -24.15
N TYR B 43 34.45 1.21 -24.33
CA TYR B 43 34.88 -0.20 -24.21
C TYR B 43 35.83 -0.55 -25.34
N MET B 44 35.45 -0.16 -26.55
CA MET B 44 36.29 -0.46 -27.73
C MET B 44 37.54 0.40 -27.67
N ALA B 45 37.44 1.63 -27.20
CA ALA B 45 38.69 2.38 -27.05
C ALA B 45 39.64 1.63 -26.11
N LEU B 46 39.12 1.15 -24.98
CA LEU B 46 39.96 0.38 -24.08
C LEU B 46 40.45 -0.91 -24.73
N SER B 47 39.59 -1.57 -25.50
CA SER B 47 39.98 -2.80 -26.17
C SER B 47 41.07 -2.54 -27.20
N ALA B 48 40.93 -1.49 -27.99
CA ALA B 48 41.96 -1.15 -28.97
C ALA B 48 43.27 -0.80 -28.31
N ALA B 49 43.21 -0.05 -27.20
CA ALA B 49 44.43 0.25 -26.45
C ALA B 49 45.10 -1.03 -25.99
N TYR B 50 44.34 -1.92 -25.35
CA TYR B 50 44.89 -3.16 -24.83
C TYR B 50 45.45 -4.04 -25.95
N ARG B 51 44.87 -3.97 -27.14
CA ARG B 51 45.26 -4.85 -28.22
C ARG B 51 46.46 -4.34 -29.01
N PHE B 52 46.54 -3.03 -29.25
CA PHE B 52 47.53 -2.50 -30.18
C PHE B 52 48.40 -1.39 -29.59
N VAL B 53 48.37 -1.17 -28.27
CA VAL B 53 49.16 -0.10 -27.69
C VAL B 53 50.04 -0.65 -26.57
N LEU B 54 49.43 -1.28 -25.58
CA LEU B 54 50.17 -1.72 -24.40
C LEU B 54 51.22 -2.76 -24.79
N THR B 55 52.35 -2.72 -24.07
CA THR B 55 53.40 -3.70 -24.27
C THR B 55 53.06 -4.98 -23.51
N GLU B 56 53.97 -5.97 -23.59
CA GLU B 56 53.71 -7.25 -22.96
C GLU B 56 53.52 -7.11 -21.45
N GLY B 57 54.41 -6.37 -20.79
CA GLY B 57 54.27 -6.17 -19.36
C GLY B 57 53.05 -5.34 -19.02
N GLN B 58 52.81 -4.27 -19.78
CA GLN B 58 51.59 -3.49 -19.60
C GLN B 58 50.36 -4.34 -19.84
N LYS B 59 50.42 -5.24 -20.83
CA LYS B 59 49.30 -6.13 -21.08
C LYS B 59 49.06 -7.06 -19.90
N ARG B 60 50.12 -7.61 -19.32
CA ARG B 60 49.95 -8.50 -18.16
C ARG B 60 49.35 -7.75 -16.98
N TYR B 61 49.84 -6.53 -16.72
CA TYR B 61 49.28 -5.75 -15.63
C TYR B 61 47.82 -5.41 -15.89
N PHE B 62 47.48 -5.06 -17.12
CA PHE B 62 46.10 -4.75 -17.45
C PHE B 62 45.22 -5.98 -17.28
N GLU B 63 45.74 -7.16 -17.60
CA GLU B 63 44.97 -8.39 -17.39
C GLU B 63 44.72 -8.64 -15.91
N LYS B 64 45.74 -8.43 -15.07
CA LYS B 64 45.53 -8.58 -13.63
C LYS B 64 44.48 -7.60 -13.14
N LEU B 65 44.56 -6.35 -13.58
CA LEU B 65 43.58 -5.35 -13.18
C LEU B 65 42.18 -5.73 -13.68
N VAL B 66 42.10 -6.28 -14.89
CA VAL B 66 40.82 -6.69 -15.45
C VAL B 66 40.19 -7.78 -14.60
N ILE B 67 40.95 -8.80 -14.24
CA ILE B 67 40.43 -9.96 -13.46
C ILE B 67 39.98 -9.51 -12.06
N TYR B 68 40.61 -8.52 -11.45
CA TYR B 68 40.24 -7.97 -10.14
C TYR B 68 38.94 -7.19 -10.25
N CYS B 69 38.94 -6.16 -11.08
CA CYS B 69 37.73 -5.36 -11.34
C CYS B 69 36.57 -6.31 -11.73
N ASP B 70 36.86 -7.48 -12.31
CA ASP B 70 35.75 -8.41 -12.63
C ASP B 70 35.16 -9.05 -11.39
N GLN B 71 36.00 -9.50 -10.44
CA GLN B 71 35.49 -10.26 -9.26
C GLN B 71 34.96 -9.38 -8.12
N TYR B 72 35.18 -8.06 -8.15
CA TYR B 72 34.78 -7.19 -7.02
C TYR B 72 33.78 -6.14 -7.46
N ALA B 73 33.71 -5.89 -8.77
CA ALA B 73 32.71 -4.94 -9.30
C ALA B 73 31.34 -5.35 -8.78
N SER B 74 31.24 -6.59 -8.27
CA SER B 74 29.95 -7.10 -7.78
C SER B 74 29.65 -6.59 -6.37
N LEU B 75 30.60 -5.92 -5.72
CA LEU B 75 30.40 -5.36 -4.35
C LEU B 75 29.57 -4.10 -4.47
N ILE B 76 29.42 -3.55 -5.67
CA ILE B 76 28.55 -2.34 -5.85
C ILE B 76 27.11 -2.81 -5.86
N PRO B 77 26.28 -2.47 -4.84
CA PRO B 77 24.90 -2.95 -4.78
C PRO B 77 24.00 -2.28 -5.80
N VAL B 78 24.24 -2.54 -7.08
CA VAL B 78 23.46 -1.88 -8.13
C VAL B 78 21.99 -2.27 -8.03
N SER B 79 21.71 -3.57 -7.95
CA SER B 79 20.33 -4.03 -7.99
C SER B 79 19.54 -3.53 -6.80
N PHE B 80 20.14 -3.54 -5.60
CA PHE B 80 19.42 -3.17 -4.38
C PHE B 80 18.98 -1.71 -4.42
N VAL B 81 19.94 -0.79 -4.59
CA VAL B 81 19.61 0.62 -4.63
C VAL B 81 18.73 0.93 -5.84
N LEU B 82 19.03 0.32 -6.98
CA LEU B 82 18.26 0.59 -8.19
C LEU B 82 16.81 0.18 -8.03
N GLY B 83 16.57 -1.00 -7.44
CA GLY B 83 15.20 -1.44 -7.24
C GLY B 83 14.43 -0.55 -6.28
N PHE B 84 15.07 -0.20 -5.16
CA PHE B 84 14.41 0.70 -4.22
C PHE B 84 14.04 2.01 -4.92
N TYR B 85 15.00 2.59 -5.64
CA TYR B 85 14.78 3.88 -6.29
C TYR B 85 13.68 3.79 -7.34
N VAL B 86 13.69 2.73 -8.16
CA VAL B 86 12.71 2.62 -9.23
C VAL B 86 11.32 2.41 -8.65
N THR B 87 11.19 1.62 -7.60
CA THR B 87 9.89 1.43 -6.98
C THR B 87 9.36 2.75 -6.42
N LEU B 88 10.21 3.51 -5.75
CA LEU B 88 9.80 4.81 -5.24
C LEU B 88 9.34 5.72 -6.38
N VAL B 89 10.11 5.75 -7.47
CA VAL B 89 9.80 6.64 -8.58
C VAL B 89 8.48 6.24 -9.24
N VAL B 90 8.25 4.95 -9.40
CA VAL B 90 7.03 4.50 -10.08
C VAL B 90 5.80 4.78 -9.22
N ASN B 91 5.91 4.54 -7.91
CA ASN B 91 4.80 4.88 -7.03
C ASN B 91 4.48 6.37 -7.10
N ARG B 92 5.53 7.20 -7.05
CA ARG B 92 5.31 8.65 -7.16
C ARG B 92 4.71 9.01 -8.51
N TRP B 93 5.13 8.33 -9.57
CA TRP B 93 4.62 8.62 -10.90
C TRP B 93 3.11 8.40 -10.96
N TRP B 94 2.66 7.24 -10.49
CA TRP B 94 1.22 6.97 -10.53
C TRP B 94 0.46 7.91 -9.60
N SER B 95 0.99 8.19 -8.41
CA SER B 95 0.31 9.12 -7.51
C SER B 95 0.19 10.50 -8.12
N GLN B 96 1.26 10.97 -8.77
CA GLN B 96 1.24 12.27 -9.43
C GLN B 96 0.20 12.30 -10.53
N TYR B 97 0.11 11.24 -11.34
CA TYR B 97 -0.92 11.22 -12.36
C TYR B 97 -2.31 11.29 -11.72
N LEU B 98 -2.54 10.53 -10.65
CA LEU B 98 -3.83 10.59 -9.99
C LEU B 98 -4.10 11.93 -9.33
N CYS B 99 -3.05 12.74 -9.09
CA CYS B 99 -3.22 14.03 -8.47
C CYS B 99 -3.57 15.14 -9.45
N MET B 100 -3.65 14.85 -10.75
CA MET B 100 -4.00 15.87 -11.72
C MET B 100 -5.47 16.23 -11.60
N PRO B 101 -5.82 17.49 -11.36
CA PRO B 101 -7.23 17.84 -11.18
C PRO B 101 -8.05 17.62 -12.44
N LEU B 102 -9.29 17.19 -12.24
CA LEU B 102 -10.25 17.04 -13.33
C LEU B 102 -11.58 17.66 -12.91
N PRO B 103 -12.28 18.32 -13.83
CA PRO B 103 -13.53 19.01 -13.49
C PRO B 103 -14.79 18.16 -13.57
N ASP B 104 -14.67 16.87 -13.87
CA ASP B 104 -15.85 16.05 -14.14
C ASP B 104 -16.82 16.05 -12.97
N ALA B 105 -16.31 15.79 -11.76
CA ALA B 105 -17.16 15.82 -10.57
C ALA B 105 -17.73 17.21 -10.36
N LEU B 106 -16.87 18.24 -10.43
CA LEU B 106 -17.33 19.60 -10.28
C LEU B 106 -18.32 19.98 -11.37
N MET B 107 -18.06 19.53 -12.61
CA MET B 107 -18.96 19.91 -13.70
C MET B 107 -20.32 19.26 -13.54
N CYS B 108 -20.36 18.00 -13.09
CA CYS B 108 -21.64 17.36 -12.81
C CYS B 108 -22.39 18.09 -11.70
N VAL B 109 -21.67 18.43 -10.62
CA VAL B 109 -22.32 19.13 -9.51
C VAL B 109 -22.85 20.49 -9.95
N VAL B 110 -22.07 21.21 -10.77
CA VAL B 110 -22.47 22.53 -11.21
C VAL B 110 -23.65 22.45 -12.15
N ALA B 111 -23.67 21.44 -13.03
CA ALA B 111 -24.81 21.25 -13.91
C ALA B 111 -26.06 20.93 -13.12
N GLY B 112 -25.94 20.13 -12.06
CA GLY B 112 -27.10 19.78 -11.27
C GLY B 112 -27.50 20.72 -10.16
N THR B 113 -26.68 21.74 -9.87
CA THR B 113 -26.91 22.57 -8.69
C THR B 113 -27.02 24.05 -8.99
N VAL B 114 -26.23 24.59 -9.91
CA VAL B 114 -26.29 25.99 -10.28
C VAL B 114 -27.31 26.13 -11.40
N HIS B 115 -28.37 26.91 -11.17
CA HIS B 115 -29.56 26.88 -11.99
C HIS B 115 -29.74 28.19 -12.75
N GLY B 116 -30.60 28.12 -13.76
CA GLY B 116 -30.89 29.27 -14.59
C GLY B 116 -30.60 29.02 -16.06
N ARG B 117 -31.63 29.12 -16.90
CA ARG B 117 -31.44 29.04 -18.34
C ARG B 117 -31.05 30.39 -18.95
N ASP B 118 -31.17 31.48 -18.19
CA ASP B 118 -30.86 32.80 -18.70
C ASP B 118 -29.35 33.01 -18.77
N ASP B 119 -28.95 34.23 -19.13
CA ASP B 119 -27.54 34.53 -19.29
C ASP B 119 -26.81 34.54 -17.95
N ARG B 120 -27.50 34.91 -16.87
CA ARG B 120 -26.84 34.96 -15.57
C ARG B 120 -26.46 33.56 -15.08
N GLY B 121 -27.35 32.58 -15.24
CA GLY B 121 -27.00 31.22 -14.86
C GLY B 121 -25.89 30.65 -15.72
N ARG B 122 -25.92 30.93 -17.02
CA ARG B 122 -24.83 30.55 -17.89
C ARG B 122 -23.52 31.14 -17.39
N LEU B 123 -23.53 32.42 -17.04
CA LEU B 123 -22.33 33.07 -16.54
C LEU B 123 -21.84 32.42 -15.26
N TYR B 124 -22.75 32.13 -14.33
CA TYR B 124 -22.34 31.49 -13.09
C TYR B 124 -21.67 30.14 -13.35
N ARG B 125 -22.32 29.28 -14.13
CA ARG B 125 -21.78 27.95 -14.37
C ARG B 125 -20.45 28.02 -15.10
N ARG B 126 -20.39 28.84 -16.16
CA ARG B 126 -19.16 28.96 -16.93
C ARG B 126 -18.04 29.53 -16.08
N THR B 127 -18.34 30.52 -15.24
CA THR B 127 -17.31 31.13 -14.41
C THR B 127 -16.79 30.15 -13.37
N LEU B 128 -17.66 29.34 -12.78
CA LEU B 128 -17.19 28.34 -11.81
C LEU B 128 -16.29 27.32 -12.50
N MET B 129 -16.73 26.80 -13.64
CA MET B 129 -15.91 25.82 -14.35
C MET B 129 -14.59 26.44 -14.78
N ARG B 130 -14.61 27.71 -15.19
CA ARG B 130 -13.39 28.37 -15.62
C ARG B 130 -12.47 28.68 -14.44
N TYR B 131 -13.02 28.95 -13.26
CA TYR B 131 -12.17 29.11 -12.08
C TYR B 131 -11.45 27.82 -11.77
N ALA B 132 -12.17 26.70 -11.83
CA ALA B 132 -11.51 25.41 -11.62
C ALA B 132 -10.43 25.17 -12.67
N GLY B 133 -10.74 25.43 -13.94
CA GLY B 133 -9.77 25.24 -14.99
C GLY B 133 -8.57 26.15 -14.84
N LEU B 134 -8.78 27.38 -14.36
CA LEU B 134 -7.70 28.32 -14.18
C LEU B 134 -6.79 27.91 -13.03
N SER B 135 -7.36 27.40 -11.94
CA SER B 135 -6.53 26.84 -10.89
C SER B 135 -5.67 25.71 -11.43
N ALA B 136 -6.28 24.82 -12.21
CA ALA B 136 -5.52 23.72 -12.81
C ALA B 136 -4.41 24.26 -13.70
N VAL B 137 -4.70 25.26 -14.52
CA VAL B 137 -3.70 25.81 -15.43
C VAL B 137 -2.56 26.46 -14.66
N LEU B 138 -2.88 27.23 -13.63
CA LEU B 138 -1.83 27.90 -12.85
C LEU B 138 -0.91 26.87 -12.21
N ILE B 139 -1.49 25.85 -11.56
CA ILE B 139 -0.65 24.84 -10.94
C ILE B 139 0.17 24.11 -11.99
N LEU B 140 -0.43 23.78 -13.13
CA LEU B 140 0.27 23.01 -14.14
C LEU B 140 1.44 23.80 -14.73
N ARG B 141 1.23 25.08 -15.03
CA ARG B 141 2.34 25.89 -15.51
C ARG B 141 3.38 26.11 -14.44
N SER B 142 3.00 26.03 -13.16
CA SER B 142 4.00 26.03 -12.11
C SER B 142 4.83 24.75 -12.11
N VAL B 143 4.21 23.62 -12.41
CA VAL B 143 4.87 22.33 -12.27
C VAL B 143 5.23 21.66 -13.59
N SER B 144 4.63 22.10 -14.71
CA SER B 144 4.83 21.44 -15.99
C SER B 144 5.62 22.35 -16.93
N THR B 145 6.72 21.82 -17.48
CA THR B 145 7.52 22.59 -18.41
C THR B 145 6.78 22.82 -19.72
N ALA B 146 6.04 21.81 -20.19
CA ALA B 146 5.27 21.97 -21.42
C ALA B 146 4.18 23.02 -21.27
N VAL B 147 3.45 23.00 -20.16
CA VAL B 147 2.39 23.98 -19.94
C VAL B 147 2.99 25.37 -19.82
N PHE B 148 4.12 25.49 -19.10
CA PHE B 148 4.77 26.78 -18.99
C PHE B 148 5.22 27.30 -20.34
N LYS B 149 5.75 26.42 -21.19
CA LYS B 149 6.08 26.81 -22.55
C LYS B 149 4.86 27.27 -23.31
N ARG B 150 3.70 26.66 -23.03
CA ARG B 150 2.46 27.12 -23.64
C ARG B 150 1.93 28.40 -23.00
N PHE B 151 2.18 28.60 -21.71
CA PHE B 151 1.73 29.79 -20.98
C PHE B 151 2.92 30.41 -20.26
N PRO B 152 3.87 30.98 -21.01
CA PRO B 152 5.06 31.52 -20.36
C PRO B 152 4.77 32.70 -19.45
N THR B 153 3.64 33.37 -19.60
CA THR B 153 3.29 34.51 -18.76
C THR B 153 1.80 34.46 -18.45
N ILE B 154 1.41 35.22 -17.42
CA ILE B 154 -0.01 35.31 -17.08
C ILE B 154 -0.79 35.98 -18.21
N ASP B 155 -0.11 36.78 -19.03
CA ASP B 155 -0.77 37.38 -20.19
C ASP B 155 -1.22 36.30 -21.17
N HIS B 156 -0.42 35.24 -21.32
CA HIS B 156 -0.85 34.12 -22.16
C HIS B 156 -2.08 33.45 -21.58
N VAL B 157 -2.15 33.30 -20.25
CA VAL B 157 -3.33 32.76 -19.62
C VAL B 157 -4.54 33.63 -19.91
N VAL B 158 -4.37 34.95 -19.84
CA VAL B 158 -5.46 35.87 -20.13
C VAL B 158 -5.93 35.71 -21.57
N GLU B 159 -4.98 35.62 -22.51
CA GLU B 159 -5.33 35.53 -23.92
C GLU B 159 -5.93 34.18 -24.31
N ALA B 160 -5.76 33.15 -23.47
CA ALA B 160 -6.36 31.86 -23.73
C ALA B 160 -7.80 31.76 -23.23
N GLY B 161 -8.32 32.81 -22.60
CA GLY B 161 -9.66 32.80 -22.07
C GLY B 161 -9.80 32.24 -20.68
N PHE B 162 -8.71 31.81 -20.05
CA PHE B 162 -8.78 31.28 -18.70
C PHE B 162 -8.95 32.39 -17.67
N MET B 163 -8.26 33.51 -17.86
CA MET B 163 -8.36 34.67 -16.99
C MET B 163 -8.82 35.88 -17.78
N THR B 164 -9.72 36.66 -17.18
CA THR B 164 -10.12 37.93 -17.76
C THR B 164 -9.14 39.02 -17.35
N ARG B 165 -9.28 40.19 -18.01
CA ARG B 165 -8.40 41.31 -17.68
C ARG B 165 -8.64 41.80 -16.25
N GLU B 166 -9.90 41.93 -15.84
CA GLU B 166 -10.19 42.34 -14.48
C GLU B 166 -9.70 41.30 -13.48
N GLU B 167 -9.90 40.02 -13.80
CA GLU B 167 -9.37 38.97 -12.95
C GLU B 167 -7.85 39.01 -12.91
N ARG B 168 -7.21 39.37 -14.03
CA ARG B 168 -5.76 39.51 -14.02
C ARG B 168 -5.32 40.65 -13.10
N LYS B 169 -6.05 41.77 -13.12
CA LYS B 169 -5.73 42.87 -12.22
C LYS B 169 -5.87 42.45 -10.76
N LYS B 170 -6.95 41.74 -10.44
CA LYS B 170 -7.12 41.25 -9.07
C LYS B 170 -6.02 40.27 -8.70
N PHE B 171 -5.65 39.39 -9.62
CA PHE B 171 -4.61 38.39 -9.37
C PHE B 171 -3.27 39.05 -9.10
N GLU B 172 -2.92 40.06 -9.89
CA GLU B 172 -1.62 40.70 -9.72
C GLU B 172 -1.59 41.62 -8.51
N ASN B 173 -2.70 42.28 -8.19
CA ASN B 173 -2.73 43.19 -7.05
C ASN B 173 -2.67 42.47 -5.72
N LEU B 174 -2.84 41.15 -5.70
CA LEU B 174 -2.77 40.40 -4.44
C LEU B 174 -1.34 40.37 -3.95
N ASN B 175 -1.12 40.84 -2.73
CA ASN B 175 0.23 40.95 -2.17
C ASN B 175 0.63 39.61 -1.57
N SER B 176 1.23 38.76 -2.40
CA SER B 176 1.69 37.45 -1.96
C SER B 176 2.95 37.09 -2.72
N SER B 177 3.91 36.51 -2.00
CA SER B 177 5.17 36.06 -2.58
C SER B 177 5.17 34.59 -2.92
N TYR B 178 4.05 33.89 -2.73
CA TYR B 178 3.95 32.46 -2.97
C TYR B 178 3.03 32.20 -4.17
N ASN B 179 3.08 30.95 -4.64
CA ASN B 179 2.25 30.56 -5.78
C ASN B 179 0.78 30.83 -5.48
N LYS B 180 0.10 31.46 -6.44
CA LYS B 180 -1.28 31.92 -6.27
C LYS B 180 -2.29 30.99 -6.93
N TYR B 181 -1.91 29.73 -7.20
CA TYR B 181 -2.84 28.81 -7.85
C TYR B 181 -4.13 28.65 -7.05
N TRP B 182 -4.06 28.85 -5.74
CA TRP B 182 -5.23 28.71 -4.88
C TRP B 182 -6.21 29.87 -5.04
N VAL B 183 -5.77 30.99 -5.61
CA VAL B 183 -6.64 32.17 -5.72
C VAL B 183 -7.94 31.85 -6.46
N PRO B 184 -7.92 31.17 -7.61
CA PRO B 184 -9.19 30.83 -8.26
C PRO B 184 -10.08 29.94 -7.41
N CYS B 185 -9.51 29.15 -6.50
CA CYS B 185 -10.35 28.35 -5.60
C CYS B 185 -11.09 29.23 -4.61
N VAL B 186 -10.44 30.27 -4.09
CA VAL B 186 -11.12 31.21 -3.21
C VAL B 186 -12.18 31.99 -3.99
N TRP B 187 -11.87 32.34 -5.25
CA TRP B 187 -12.87 32.97 -6.10
C TRP B 187 -14.06 32.04 -6.31
N PHE B 188 -13.81 30.74 -6.51
CA PHE B 188 -14.88 29.77 -6.66
C PHE B 188 -15.73 29.71 -5.42
N SER B 189 -15.11 29.67 -4.23
CA SER B 189 -15.88 29.62 -3.00
C SER B 189 -16.75 30.86 -2.84
N ASN B 190 -16.19 32.04 -3.12
CA ASN B 190 -16.97 33.27 -3.02
C ASN B 190 -18.11 33.29 -4.01
N LEU B 191 -17.86 32.84 -5.25
CA LEU B 191 -18.90 32.85 -6.26
C LEU B 191 -20.00 31.85 -5.95
N ALA B 192 -19.63 30.68 -5.41
CA ALA B 192 -20.64 29.71 -4.98
C ALA B 192 -21.48 30.26 -3.84
N ALA B 193 -20.85 30.93 -2.88
CA ALA B 193 -21.61 31.57 -1.82
C ALA B 193 -22.56 32.63 -2.37
N GLN B 194 -22.09 33.43 -3.34
CA GLN B 194 -22.94 34.45 -3.93
C GLN B 194 -24.11 33.82 -4.69
N ALA B 195 -23.85 32.74 -5.42
CA ALA B 195 -24.92 32.06 -6.14
C ALA B 195 -25.95 31.49 -5.18
N ARG B 196 -25.50 30.91 -4.07
CA ARG B 196 -26.44 30.42 -3.07
C ARG B 196 -27.26 31.55 -2.49
N ARG B 197 -26.62 32.69 -2.20
CA ARG B 197 -27.34 33.82 -1.64
C ARG B 197 -28.37 34.36 -2.62
N GLU B 198 -28.01 34.44 -3.90
CA GLU B 198 -28.90 34.96 -4.93
C GLU B 198 -30.01 33.99 -5.31
N GLY B 199 -29.94 32.74 -4.87
CA GLY B 199 -30.96 31.76 -5.17
C GLY B 199 -30.65 30.86 -6.35
N ARG B 200 -29.53 31.05 -7.04
CA ARG B 200 -29.17 30.16 -8.13
C ARG B 200 -28.94 28.74 -7.62
N ILE B 201 -28.32 28.61 -6.46
CA ILE B 201 -28.23 27.34 -5.75
C ILE B 201 -29.37 27.30 -4.75
N ARG B 202 -30.25 26.31 -4.88
CA ARG B 202 -31.54 26.34 -4.21
C ARG B 202 -31.51 25.83 -2.78
N ASP B 203 -30.42 25.19 -2.34
CA ASP B 203 -30.39 24.61 -1.01
C ASP B 203 -28.97 24.61 -0.47
N ASN B 204 -28.88 24.58 0.87
CA ASN B 204 -27.59 24.61 1.53
C ASN B 204 -26.79 23.33 1.30
N SER B 205 -27.49 22.19 1.17
CA SER B 205 -26.80 20.94 0.89
C SER B 205 -26.10 20.99 -0.46
N ALA B 206 -26.73 21.62 -1.44
CA ALA B 206 -26.09 21.77 -2.75
C ALA B 206 -24.81 22.59 -2.64
N LEU B 207 -24.85 23.67 -1.87
CA LEU B 207 -23.66 24.48 -1.67
C LEU B 207 -22.57 23.68 -0.96
N LYS B 208 -22.96 22.89 0.04
CA LYS B 208 -21.99 22.06 0.74
C LYS B 208 -21.35 21.05 -0.21
N LEU B 209 -22.15 20.43 -1.08
CA LEU B 209 -21.60 19.50 -2.07
C LEU B 209 -20.65 20.21 -3.02
N LEU B 210 -21.03 21.41 -3.48
CA LEU B 210 -20.15 22.20 -4.34
C LEU B 210 -18.81 22.47 -3.64
N LEU B 211 -18.87 22.88 -2.38
CA LEU B 211 -17.65 23.20 -1.65
C LEU B 211 -16.80 21.96 -1.42
N GLU B 212 -17.43 20.82 -1.15
CA GLU B 212 -16.67 19.58 -0.99
C GLU B 212 -15.96 19.19 -2.27
N GLU B 213 -16.66 19.27 -3.41
CA GLU B 213 -16.02 18.95 -4.68
C GLU B 213 -14.91 19.93 -5.00
N LEU B 214 -15.12 21.22 -4.71
CA LEU B 214 -14.08 22.21 -4.93
C LEU B 214 -12.87 21.94 -4.04
N ASN B 215 -13.10 21.50 -2.81
CA ASN B 215 -11.98 21.17 -1.93
C ASN B 215 -11.23 19.96 -2.44
N VAL B 216 -11.93 18.97 -2.99
CA VAL B 216 -11.25 17.84 -3.60
C VAL B 216 -10.37 18.30 -4.75
N PHE B 217 -10.92 19.16 -5.61
CA PHE B 217 -10.16 19.68 -6.75
C PHE B 217 -8.93 20.47 -6.29
N ARG B 218 -9.12 21.36 -5.31
CA ARG B 218 -8.01 22.16 -4.81
C ARG B 218 -6.97 21.30 -4.11
N GLY B 219 -7.42 20.24 -3.43
CA GLY B 219 -6.46 19.33 -2.82
C GLY B 219 -5.64 18.60 -3.85
N LYS B 220 -6.25 18.24 -4.98
CA LYS B 220 -5.48 17.65 -6.07
C LYS B 220 -4.44 18.63 -6.61
N CYS B 221 -4.83 19.90 -6.78
CA CYS B 221 -3.87 20.91 -7.23
C CYS B 221 -2.74 21.07 -6.22
N GLY B 222 -3.07 21.13 -4.94
CA GLY B 222 -2.05 21.24 -3.92
C GLY B 222 -1.14 20.03 -3.84
N MET B 223 -1.69 18.84 -4.09
CA MET B 223 -0.86 17.64 -4.16
C MET B 223 0.11 17.72 -5.33
N LEU B 224 -0.36 18.24 -6.47
CA LEU B 224 0.55 18.49 -7.59
C LEU B 224 1.68 19.40 -7.15
N PHE B 225 1.34 20.49 -6.45
CA PHE B 225 2.36 21.42 -6.00
C PHE B 225 3.35 20.75 -5.04
N HIS B 226 2.84 19.94 -4.11
CA HIS B 226 3.71 19.27 -3.14
C HIS B 226 4.63 18.28 -3.82
N TYR B 227 4.12 17.52 -4.78
CA TYR B 227 4.96 16.59 -5.51
C TYR B 227 6.04 17.33 -6.29
N ASP B 228 5.70 18.46 -6.89
CA ASP B 228 6.70 19.26 -7.59
C ASP B 228 7.76 19.77 -6.61
N TRP B 229 7.34 20.24 -5.44
CA TRP B 229 8.28 20.82 -4.49
C TRP B 229 9.13 19.75 -3.83
N ILE B 230 8.49 18.72 -3.26
CA ILE B 230 9.19 17.69 -2.50
C ILE B 230 9.65 16.64 -3.52
N SER B 231 10.83 16.87 -4.09
CA SER B 231 11.39 15.92 -5.03
C SER B 231 11.81 14.65 -4.30
N VAL B 232 12.05 13.60 -5.08
CA VAL B 232 12.70 12.43 -4.50
C VAL B 232 14.02 12.87 -3.89
N PRO B 233 14.35 12.46 -2.67
CA PRO B 233 15.56 13.00 -2.01
C PRO B 233 16.77 12.93 -2.93
N LEU B 234 17.45 14.08 -3.07
CA LEU B 234 18.58 14.15 -3.98
C LEU B 234 19.66 13.16 -3.61
N VAL B 235 19.73 12.77 -2.34
CA VAL B 235 20.73 11.78 -1.92
C VAL B 235 20.51 10.47 -2.65
N TYR B 236 19.25 10.02 -2.75
CA TYR B 236 18.96 8.78 -3.46
C TYR B 236 19.32 8.88 -4.93
N THR B 237 18.98 10.01 -5.57
CA THR B 237 19.30 10.20 -6.97
C THR B 237 20.81 10.13 -7.19
N GLN B 238 21.57 10.85 -6.37
CA GLN B 238 23.02 10.84 -6.50
C GLN B 238 23.59 9.46 -6.25
N VAL B 239 23.07 8.75 -5.25
CA VAL B 239 23.59 7.43 -4.92
C VAL B 239 23.33 6.46 -6.06
N VAL B 240 22.12 6.47 -6.62
CA VAL B 240 21.81 5.55 -7.72
CA VAL B 240 21.81 5.55 -7.72
C VAL B 240 22.64 5.88 -8.95
N THR B 241 22.77 7.16 -9.27
CA THR B 241 23.58 7.54 -10.43
C THR B 241 25.03 7.11 -10.25
N ILE B 242 25.58 7.32 -9.05
CA ILE B 242 26.97 6.96 -8.80
C ILE B 242 27.13 5.45 -8.83
N ALA B 243 26.15 4.71 -8.31
CA ALA B 243 26.23 3.25 -8.35
C ALA B 243 26.25 2.75 -9.79
N LEU B 244 25.36 3.27 -10.63
CA LEU B 244 25.33 2.84 -12.02
C LEU B 244 26.64 3.19 -12.72
N TYR B 245 27.11 4.43 -12.54
CA TYR B 245 28.32 4.86 -13.23
C TYR B 245 29.52 4.04 -12.78
N SER B 246 29.67 3.82 -11.47
CA SER B 246 30.81 3.09 -10.96
C SER B 246 30.77 1.63 -11.37
N TYR B 247 29.60 1.01 -11.31
CA TYR B 247 29.49 -0.38 -11.74
C TYR B 247 29.83 -0.53 -13.21
N PHE B 248 29.35 0.39 -14.04
CA PHE B 248 29.61 0.26 -15.47
C PHE B 248 31.03 0.65 -15.84
N LEU B 249 31.69 1.50 -15.05
CA LEU B 249 33.12 1.71 -15.24
C LEU B 249 33.92 0.47 -14.86
N ALA B 250 33.57 -0.15 -13.73
CA ALA B 250 34.23 -1.41 -13.36
C ALA B 250 33.99 -2.48 -14.42
N CYS B 251 32.82 -2.47 -15.05
CA CYS B 251 32.55 -3.43 -16.12
C CYS B 251 33.32 -3.09 -17.38
N LEU B 252 33.44 -1.80 -17.70
CA LEU B 252 34.30 -1.37 -18.79
C LEU B 252 35.70 -1.91 -18.63
N ILE B 253 36.21 -2.07 -17.41
CA ILE B 253 37.60 -2.66 -17.30
C ILE B 253 37.58 -4.18 -17.22
N GLY B 254 36.69 -4.78 -16.44
CA GLY B 254 36.71 -6.25 -16.23
C GLY B 254 35.89 -7.05 -17.19
N ARG B 255 35.18 -6.40 -18.10
CA ARG B 255 34.40 -7.07 -19.15
C ARG B 255 35.28 -7.11 -20.39
N GLN B 256 36.49 -6.64 -20.25
CA GLN B 256 37.45 -6.78 -21.36
C GLN B 256 37.70 -8.26 -21.67
N PHE B 257 37.97 -8.57 -22.93
CA PHE B 257 38.26 -9.95 -23.34
C PHE B 257 39.77 -10.05 -23.41
N LEU B 258 40.34 -10.90 -22.59
CA LEU B 258 41.80 -10.96 -22.52
C LEU B 258 42.30 -11.95 -23.55
N ASP B 259 43.57 -11.89 -23.89
CA ASP B 259 44.19 -12.79 -24.84
C ASP B 259 44.07 -14.23 -24.34
N PRO B 260 43.38 -15.11 -25.06
CA PRO B 260 43.23 -16.49 -24.58
C PRO B 260 44.53 -17.25 -24.45
N ALA B 261 45.60 -16.80 -25.12
CA ALA B 261 46.86 -17.51 -25.06
C ALA B 261 47.49 -17.50 -23.67
N GLN B 262 47.08 -16.59 -22.80
CA GLN B 262 47.62 -16.51 -21.45
C GLN B 262 47.06 -17.59 -20.53
N GLY B 263 46.00 -18.28 -20.94
CA GLY B 263 45.46 -19.35 -20.14
C GLY B 263 44.70 -18.92 -18.91
N TYR B 264 44.25 -17.67 -18.85
CA TYR B 264 43.46 -17.22 -17.72
C TYR B 264 42.13 -17.97 -17.68
N LYS B 265 41.68 -18.31 -16.49
CA LYS B 265 40.44 -19.11 -16.36
C LYS B 265 39.23 -18.25 -16.71
N ASP B 266 38.35 -18.74 -17.59
CA ASP B 266 37.12 -18.01 -17.95
C ASP B 266 37.43 -17.06 -19.12
N HIS B 267 38.63 -17.15 -19.67
CA HIS B 267 39.02 -16.30 -20.81
C HIS B 267 39.59 -17.19 -21.91
N ASP B 268 38.71 -17.93 -22.59
CA ASP B 268 39.12 -18.82 -23.70
C ASP B 268 38.51 -18.35 -25.02
N LEU B 269 37.37 -17.67 -24.96
CA LEU B 269 36.70 -17.22 -26.17
C LEU B 269 36.75 -15.70 -26.22
N ASP B 270 37.32 -15.17 -27.28
CA ASP B 270 37.43 -13.72 -27.48
C ASP B 270 36.40 -13.29 -28.51
N LEU B 271 35.22 -12.86 -28.03
CA LEU B 271 34.17 -12.42 -28.93
C LEU B 271 34.41 -11.04 -29.51
N CYS B 272 35.27 -10.25 -28.86
CA CYS B 272 35.53 -8.86 -29.32
C CYS B 272 34.47 -7.90 -28.76
N VAL B 273 33.21 -8.03 -29.17
CA VAL B 273 32.11 -7.18 -28.64
C VAL B 273 31.54 -7.89 -27.42
N PRO B 274 31.46 -7.23 -26.24
CA PRO B 274 30.95 -7.87 -25.03
C PRO B 274 29.41 -7.82 -24.99
N ILE B 275 28.74 -8.86 -25.49
CA ILE B 275 27.25 -8.87 -25.56
C ILE B 275 26.59 -8.82 -24.19
N PHE B 276 26.99 -9.68 -23.28
CA PHE B 276 26.26 -9.78 -21.99
C PHE B 276 26.47 -8.51 -21.18
N THR B 277 27.64 -7.89 -21.24
CA THR B 277 27.82 -6.60 -20.56
C THR B 277 26.93 -5.55 -21.22
N LEU B 278 26.86 -5.53 -22.55
CA LEU B 278 26.02 -4.59 -23.30
C LEU B 278 24.58 -4.91 -22.99
N LEU B 279 24.24 -6.20 -22.87
CA LEU B 279 22.86 -6.46 -22.47
C LEU B 279 22.61 -6.05 -21.02
N GLN B 280 23.55 -6.33 -20.14
CA GLN B 280 23.42 -5.92 -18.75
C GLN B 280 23.37 -4.41 -18.62
N PHE B 281 24.25 -3.71 -19.36
CA PHE B 281 24.18 -2.26 -19.39
C PHE B 281 22.84 -1.80 -19.92
N PHE B 282 22.37 -2.42 -21.01
CA PHE B 282 21.06 -2.07 -21.54
C PHE B 282 20.00 -2.14 -20.46
N PHE B 283 19.92 -3.26 -19.76
CA PHE B 283 18.84 -3.44 -18.79
C PHE B 283 18.97 -2.48 -17.62
N TYR B 284 20.16 -2.38 -17.01
CA TYR B 284 20.30 -1.55 -15.82
C TYR B 284 20.19 -0.06 -16.17
N ALA B 285 20.91 0.38 -17.20
CA ALA B 285 20.81 1.77 -17.62
C ALA B 285 19.41 2.10 -18.12
N GLY B 286 18.69 1.14 -18.69
CA GLY B 286 17.33 1.36 -19.08
C GLY B 286 16.41 1.53 -17.91
N TRP B 287 16.61 0.73 -16.86
CA TRP B 287 15.90 0.93 -15.61
C TRP B 287 16.11 2.35 -15.10
N LEU B 288 17.37 2.77 -15.05
CA LEU B 288 17.68 4.11 -14.55
C LEU B 288 17.09 5.19 -15.45
N LYS B 289 17.12 4.98 -16.77
CA LYS B 289 16.60 5.98 -17.70
C LYS B 289 15.08 6.08 -17.61
N VAL B 290 14.40 4.96 -17.42
CA VAL B 290 12.97 4.99 -17.18
C VAL B 290 12.67 5.74 -15.89
N ALA B 291 13.50 5.53 -14.86
CA ALA B 291 13.36 6.30 -13.63
C ALA B 291 13.54 7.79 -13.90
N GLU B 292 14.51 8.15 -14.73
CA GLU B 292 14.72 9.56 -15.07
C GLU B 292 13.52 10.13 -15.80
N GLN B 293 12.96 9.37 -16.73
CA GLN B 293 11.79 9.83 -17.48
C GLN B 293 10.60 10.03 -16.56
N LEU B 294 10.36 9.08 -15.65
CA LEU B 294 9.19 9.12 -14.78
C LEU B 294 9.37 10.03 -13.57
N ILE B 295 10.60 10.43 -13.25
CA ILE B 295 10.83 11.21 -12.04
C ILE B 295 10.09 12.53 -12.10
N ASN B 296 10.07 13.16 -13.28
CA ASN B 296 9.24 14.33 -13.53
C ASN B 296 8.32 14.01 -14.70
N PRO B 297 7.10 13.54 -14.46
CA PRO B 297 6.22 13.14 -15.56
C PRO B 297 5.54 14.29 -16.27
N PHE B 298 5.88 15.54 -15.94
CA PHE B 298 5.28 16.70 -16.56
C PHE B 298 6.22 17.41 -17.52
N GLY B 299 7.35 16.79 -17.86
CA GLY B 299 8.26 17.35 -18.83
C GLY B 299 7.74 17.15 -20.25
N GLU B 300 8.65 16.95 -21.20
CA GLU B 300 8.28 16.75 -22.60
C GLU B 300 8.81 15.44 -23.14
N ASP B 301 9.00 14.45 -22.27
CA ASP B 301 9.32 13.11 -22.74
C ASP B 301 8.14 12.54 -23.52
N ASP B 302 8.44 11.56 -24.37
CA ASP B 302 7.39 10.94 -25.17
C ASP B 302 6.34 10.29 -24.29
N ASP B 303 6.75 9.68 -23.18
CA ASP B 303 5.84 8.98 -22.29
C ASP B 303 5.36 9.84 -21.14
N ASP B 304 5.71 11.13 -21.12
CA ASP B 304 5.22 12.02 -20.10
C ASP B 304 3.74 12.33 -20.31
N PHE B 305 3.11 12.89 -19.28
CA PHE B 305 1.68 13.15 -19.32
C PHE B 305 1.35 14.21 -20.37
N GLU B 306 0.20 14.06 -21.01
CA GLU B 306 -0.29 15.00 -22.00
C GLU B 306 -1.04 16.13 -21.29
N THR B 307 -0.26 16.98 -20.62
CA THR B 307 -0.85 18.02 -19.79
C THR B 307 -1.63 19.03 -20.61
N ASN B 308 -1.10 19.43 -21.77
CA ASN B 308 -1.80 20.39 -22.60
C ASN B 308 -3.07 19.79 -23.20
N PHE B 309 -2.99 18.55 -23.67
CA PHE B 309 -4.19 17.87 -24.14
C PHE B 309 -5.23 17.78 -23.05
N LEU B 310 -4.79 17.45 -21.82
CA LEU B 310 -5.74 17.36 -20.71
C LEU B 310 -6.35 18.71 -20.40
N ILE B 311 -5.56 19.78 -20.47
CA ILE B 311 -6.09 21.12 -20.24
C ILE B 311 -7.19 21.42 -21.24
N ASP B 312 -6.90 21.20 -22.52
CA ASP B 312 -7.89 21.51 -23.56
C ASP B 312 -9.14 20.65 -23.39
N ARG B 313 -8.95 19.36 -23.15
CA ARG B 313 -10.10 18.47 -23.00
C ARG B 313 -10.95 18.87 -21.80
N ASN B 314 -10.31 19.16 -20.67
CA ASN B 314 -11.05 19.53 -19.47
C ASN B 314 -11.83 20.81 -19.70
N PHE B 315 -11.20 21.82 -20.31
CA PHE B 315 -11.92 23.07 -20.55
C PHE B 315 -13.11 22.85 -21.46
N GLN B 316 -12.89 22.16 -22.59
CA GLN B 316 -13.98 21.96 -23.54
C GLN B 316 -15.11 21.16 -22.91
N VAL B 317 -14.79 20.08 -22.20
CA VAL B 317 -15.81 19.22 -21.63
C VAL B 317 -16.58 19.94 -20.54
N SER B 318 -15.88 20.70 -19.69
CA SER B 318 -16.56 21.43 -18.62
C SER B 318 -17.50 22.47 -19.21
N MET B 319 -17.04 23.22 -20.21
CA MET B 319 -17.91 24.21 -20.84
C MET B 319 -19.13 23.54 -21.46
N LEU B 320 -18.92 22.45 -22.18
CA LEU B 320 -20.04 21.73 -22.79
C LEU B 320 -21.05 21.29 -21.72
N ALA B 321 -20.54 20.64 -20.67
CA ALA B 321 -21.42 20.07 -19.65
C ALA B 321 -22.22 21.14 -18.92
N VAL B 322 -21.58 22.28 -18.60
CA VAL B 322 -22.27 23.28 -17.79
C VAL B 322 -22.99 24.33 -18.60
N ASP B 323 -22.80 24.37 -19.92
CA ASP B 323 -23.46 25.36 -20.75
C ASP B 323 -24.44 24.74 -21.73
N GLU B 324 -23.99 23.81 -22.57
CA GLU B 324 -24.84 23.29 -23.62
C GLU B 324 -25.77 22.19 -23.13
N MET B 325 -25.28 21.35 -22.22
CA MET B 325 -26.07 20.23 -21.73
C MET B 325 -26.82 20.54 -20.45
N TYR B 326 -26.78 21.78 -19.96
CA TYR B 326 -27.58 22.13 -18.81
C TYR B 326 -29.06 22.11 -19.17
N ASP B 327 -29.86 21.43 -18.36
CA ASP B 327 -31.31 21.39 -18.53
C ASP B 327 -31.69 21.12 -19.98
N ASP B 328 -31.02 20.15 -20.58
CA ASP B 328 -31.22 19.80 -21.98
C ASP B 328 -31.42 18.30 -22.12
N LEU B 329 -32.26 17.74 -21.26
CA LEU B 329 -32.55 16.31 -21.29
C LEU B 329 -33.53 15.97 -22.41
N ALA B 330 -33.47 14.73 -22.85
CA ALA B 330 -34.49 14.20 -23.73
C ALA B 330 -35.71 13.81 -22.92
N VAL B 331 -36.90 14.10 -23.46
CA VAL B 331 -38.13 13.85 -22.72
C VAL B 331 -38.15 12.42 -22.22
N LEU B 332 -38.61 12.24 -20.98
CA LEU B 332 -38.66 10.91 -20.39
C LEU B 332 -39.42 9.96 -21.29
N GLU B 333 -38.74 8.96 -21.82
CA GLU B 333 -39.32 7.98 -22.73
C GLU B 333 -39.14 6.58 -22.17
N LYS B 334 -40.18 5.77 -22.29
CA LYS B 334 -40.09 4.38 -21.86
C LYS B 334 -39.00 3.66 -22.64
N ASP B 335 -38.20 2.87 -21.92
CA ASP B 335 -37.07 2.18 -22.53
C ASP B 335 -37.54 0.91 -23.22
N LEU B 336 -36.58 0.16 -23.76
CA LEU B 336 -36.90 -1.06 -24.48
C LEU B 336 -37.58 -2.09 -23.58
N TYR B 337 -37.09 -2.25 -22.35
CA TYR B 337 -37.55 -3.29 -21.44
C TYR B 337 -38.54 -2.77 -20.42
N TRP B 338 -39.39 -1.82 -20.81
CA TRP B 338 -40.38 -1.28 -19.88
C TRP B 338 -41.32 -2.38 -19.40
N ASP B 339 -41.82 -3.21 -20.31
CA ASP B 339 -42.79 -4.25 -19.97
C ASP B 339 -42.15 -5.61 -19.74
N ALA B 340 -40.87 -5.77 -20.04
CA ALA B 340 -40.20 -7.06 -19.89
C ALA B 340 -40.12 -7.45 -18.41
N TYR B 347 -25.84 -9.22 -27.78
CA TYR B 347 -24.59 -9.87 -28.17
C TYR B 347 -24.50 -10.00 -29.68
N THR B 348 -23.31 -9.79 -30.22
CA THR B 348 -23.10 -9.90 -31.66
C THR B 348 -22.59 -11.30 -32.02
N PHE B 360 -22.90 -16.65 -12.68
CA PHE B 360 -22.17 -16.99 -11.47
C PHE B 360 -22.93 -16.52 -10.22
N GLN B 361 -23.02 -17.41 -9.23
CA GLN B 361 -23.71 -17.11 -7.98
C GLN B 361 -22.78 -17.19 -6.78
N GLY B 362 -21.98 -18.24 -6.67
CA GLY B 362 -21.06 -18.36 -5.57
C GLY B 362 -20.33 -19.70 -5.65
N SER B 363 -19.20 -19.75 -4.95
CA SER B 363 -18.41 -20.98 -4.93
C SER B 363 -19.19 -22.13 -4.30
N THR B 364 -19.89 -21.88 -3.20
CA THR B 364 -20.64 -22.93 -2.52
C THR B 364 -21.79 -23.47 -3.35
N PHE B 365 -22.24 -22.74 -4.36
CA PHE B 365 -23.34 -23.18 -5.20
C PHE B 365 -22.85 -24.12 -6.29
N THR C 2 14.49 21.39 2.30
CA THR C 2 14.16 20.71 1.05
C THR C 2 15.03 21.22 -0.10
N VAL C 3 15.70 20.30 -0.79
CA VAL C 3 16.50 20.60 -1.97
C VAL C 3 15.70 20.13 -3.17
N THR C 4 15.31 21.06 -4.03
CA THR C 4 14.43 20.79 -5.15
C THR C 4 15.24 20.73 -6.45
N TYR C 5 15.02 19.68 -7.23
CA TYR C 5 15.65 19.55 -8.54
C TYR C 5 14.68 19.01 -9.58
N THR C 6 13.38 19.23 -9.40
CA THR C 6 12.39 18.64 -10.30
C THR C 6 12.53 19.22 -11.71
N ALA C 7 12.77 20.52 -11.83
CA ALA C 7 12.87 21.14 -13.14
C ALA C 7 14.08 20.63 -13.92
N ARG C 8 15.18 20.35 -13.24
CA ARG C 8 16.38 19.86 -13.91
C ARG C 8 16.18 18.47 -14.50
N VAL C 9 15.15 17.75 -14.06
CA VAL C 9 14.94 16.37 -14.49
C VAL C 9 13.61 16.25 -15.22
N ALA C 10 13.12 17.37 -15.77
CA ALA C 10 11.83 17.36 -16.43
C ALA C 10 11.82 16.40 -17.61
N ASN C 11 12.90 16.39 -18.39
CA ASN C 11 13.03 15.49 -19.53
C ASN C 11 14.27 14.61 -19.34
N ALA C 12 14.17 13.37 -19.80
CA ALA C 12 15.29 12.43 -19.73
C ALA C 12 16.28 12.80 -20.81
N ARG C 13 17.21 13.69 -20.47
CA ARG C 13 18.23 14.14 -21.41
C ARG C 13 19.40 13.18 -21.43
N PHE C 14 20.35 13.44 -22.33
CA PHE C 14 21.49 12.55 -22.50
C PHE C 14 22.30 12.45 -21.21
N GLY C 15 22.70 13.59 -20.66
CA GLY C 15 23.35 13.61 -19.36
C GLY C 15 22.38 13.91 -18.24
N GLY C 16 21.31 13.12 -18.16
CA GLY C 16 20.21 13.43 -17.27
C GLY C 16 20.57 13.60 -15.82
N PHE C 17 20.98 12.52 -15.17
CA PHE C 17 21.30 12.55 -13.74
C PHE C 17 22.76 12.89 -13.47
N SER C 18 23.61 12.94 -14.50
CA SER C 18 25.01 13.27 -14.28
C SER C 18 25.17 14.70 -13.77
N GLN C 19 24.37 15.63 -14.29
CA GLN C 19 24.48 17.03 -13.88
C GLN C 19 24.03 17.25 -12.45
N LEU C 20 23.39 16.27 -11.82
CA LEU C 20 23.02 16.40 -10.41
C LEU C 20 24.12 15.94 -9.48
N LEU C 21 25.18 15.31 -10.00
CA LEU C 21 26.29 14.87 -9.15
C LEU C 21 27.13 16.04 -8.66
N LEU C 22 27.00 17.20 -9.28
CA LEU C 22 27.81 18.37 -8.93
C LEU C 22 27.24 19.16 -7.76
N LEU C 23 26.01 18.88 -7.35
CA LEU C 23 25.38 19.63 -6.27
C LEU C 23 25.98 19.23 -4.93
N TRP C 24 26.18 20.21 -4.06
CA TRP C 24 26.71 19.98 -2.72
C TRP C 24 25.62 20.03 -1.65
N ARG C 25 24.79 21.06 -1.67
CA ARG C 25 23.71 21.15 -0.69
C ARG C 25 22.74 19.99 -0.85
N GLY C 26 22.38 19.37 0.27
CA GLY C 26 21.50 18.21 0.22
C GLY C 26 22.06 17.05 -0.56
N SER C 27 23.36 16.84 -0.49
CA SER C 27 24.04 15.82 -1.29
C SER C 27 24.55 14.69 -0.40
N ILE C 28 24.87 13.57 -1.06
CA ILE C 28 25.42 12.43 -0.35
C ILE C 28 26.82 12.74 0.15
N TYR C 29 27.60 13.51 -0.62
CA TYR C 29 28.95 13.87 -0.17
C TYR C 29 28.89 14.66 1.13
N LYS C 30 28.00 15.65 1.20
CA LYS C 30 27.91 16.47 2.40
C LYS C 30 27.58 15.62 3.63
N LEU C 31 26.75 14.59 3.44
CA LEU C 31 26.33 13.76 4.57
C LEU C 31 27.34 12.66 4.91
N LEU C 32 28.22 12.29 3.99
CA LEU C 32 29.02 11.10 4.16
C LEU C 32 30.52 11.29 4.04
N TRP C 33 31.01 12.50 3.77
CA TRP C 33 32.44 12.65 3.54
C TRP C 33 33.24 12.41 4.81
N ARG C 34 32.73 12.86 5.96
CA ARG C 34 33.42 12.62 7.22
C ARG C 34 33.53 11.12 7.52
N GLU C 35 32.42 10.40 7.35
CA GLU C 35 32.41 8.97 7.61
C GLU C 35 33.34 8.23 6.65
N LEU C 36 33.32 8.62 5.38
CA LEU C 36 34.23 8.00 4.41
C LEU C 36 35.68 8.27 4.77
N LEU C 37 35.98 9.50 5.19
CA LEU C 37 37.34 9.83 5.58
C LEU C 37 37.79 9.00 6.79
N CYS C 38 36.91 8.84 7.77
CA CYS C 38 37.27 8.01 8.93
C CYS C 38 37.48 6.56 8.53
N PHE C 39 36.60 6.02 7.68
CA PHE C 39 36.75 4.64 7.23
C PHE C 39 38.07 4.45 6.50
N LEU C 40 38.40 5.37 5.60
CA LEU C 40 39.68 5.28 4.89
C LEU C 40 40.85 5.47 5.83
N GLY C 41 40.70 6.29 6.87
CA GLY C 41 41.78 6.45 7.83
C GLY C 41 42.06 5.18 8.60
N PHE C 42 41.05 4.45 9.02
CA PHE C 42 41.31 3.24 9.84
C PHE C 42 41.82 2.13 8.94
N TYR C 43 41.44 2.13 7.67
CA TYR C 43 41.92 1.13 6.70
C TYR C 43 43.40 1.33 6.43
N MET C 44 43.79 2.56 6.20
CA MET C 44 45.20 2.87 5.93
C MET C 44 46.01 2.68 7.21
N ALA C 45 45.45 3.03 8.35
CA ALA C 45 46.21 2.72 9.55
C ALA C 45 46.50 1.22 9.65
N LEU C 46 45.49 0.40 9.38
CA LEU C 46 45.69 -1.04 9.39
C LEU C 46 46.67 -1.45 8.30
N SER C 47 46.57 -0.85 7.11
CA SER C 47 47.48 -1.18 6.02
C SER C 47 48.92 -0.82 6.37
N ALA C 48 49.12 0.37 6.95
CA ALA C 48 50.47 0.78 7.34
C ALA C 48 51.02 -0.14 8.41
N ALA C 49 50.19 -0.52 9.39
CA ALA C 49 50.65 -1.47 10.39
C ALA C 49 51.08 -2.78 9.75
N TYR C 50 50.22 -3.34 8.89
CA TYR C 50 50.54 -4.61 8.25
C TYR C 50 51.78 -4.51 7.38
N ARG C 51 52.04 -3.35 6.79
CA ARG C 51 53.15 -3.21 5.86
C ARG C 51 54.48 -2.93 6.54
N PHE C 52 54.49 -2.12 7.60
CA PHE C 52 55.74 -1.64 8.17
C PHE C 52 55.89 -1.90 9.67
N VAL C 53 55.02 -2.73 10.27
CA VAL C 53 55.11 -2.97 11.70
C VAL C 53 55.20 -4.46 11.99
N LEU C 54 54.21 -5.22 11.51
CA LEU C 54 54.15 -6.63 11.83
C LEU C 54 55.36 -7.39 11.29
N THR C 55 55.79 -8.39 12.03
CA THR C 55 56.88 -9.26 11.59
C THR C 55 56.35 -10.30 10.61
N GLU C 56 57.24 -11.17 10.14
CA GLU C 56 56.85 -12.16 9.14
C GLU C 56 55.77 -13.08 9.68
N GLY C 57 55.95 -13.61 10.89
CA GLY C 57 54.94 -14.46 11.48
C GLY C 57 53.64 -13.71 11.77
N GLN C 58 53.76 -12.50 12.32
CA GLN C 58 52.59 -11.67 12.52
C GLN C 58 51.91 -11.36 11.20
N LYS C 59 52.69 -11.13 10.15
CA LYS C 59 52.11 -10.89 8.83
C LYS C 59 51.34 -12.11 8.33
N ARG C 60 51.90 -13.31 8.51
CA ARG C 60 51.21 -14.51 8.07
C ARG C 60 49.90 -14.70 8.84
N TYR C 61 49.94 -14.49 10.16
CA TYR C 61 48.71 -14.61 10.94
C TYR C 61 47.68 -13.58 10.51
N PHE C 62 48.13 -12.35 10.26
CA PHE C 62 47.20 -11.31 9.84
C PHE C 62 46.60 -11.65 8.48
N GLU C 63 47.38 -12.27 7.59
CA GLU C 63 46.85 -12.69 6.31
C GLU C 63 45.79 -13.78 6.46
N LYS C 64 46.04 -14.75 7.35
CA LYS C 64 45.02 -15.77 7.61
C LYS C 64 43.74 -15.13 8.15
N LEU C 65 43.89 -14.21 9.11
CA LEU C 65 42.73 -13.52 9.65
C LEU C 65 42.01 -12.72 8.58
N VAL C 66 42.76 -12.08 7.69
CA VAL C 66 42.17 -11.29 6.61
C VAL C 66 41.33 -12.17 5.70
N ILE C 67 41.87 -13.31 5.29
CA ILE C 67 41.16 -14.22 4.34
C ILE C 67 39.89 -14.80 4.98
N TYR C 68 39.86 -15.01 6.28
CA TYR C 68 38.67 -15.51 7.02
C TYR C 68 37.62 -14.41 7.09
N CYS C 69 37.96 -13.29 7.69
CA CYS C 69 37.06 -12.13 7.77
C CYS C 69 36.54 -11.80 6.35
N ASP C 70 37.30 -12.12 5.29
CA ASP C 70 36.78 -11.85 3.93
C ASP C 70 35.66 -12.79 3.54
N GLN C 71 35.80 -14.10 3.84
CA GLN C 71 34.81 -15.10 3.36
C GLN C 71 33.56 -15.23 4.26
N TYR C 72 33.54 -14.63 5.46
CA TYR C 72 32.41 -14.81 6.38
C TYR C 72 31.74 -13.49 6.71
N ALA C 73 32.45 -12.39 6.45
CA ALA C 73 31.85 -11.05 6.66
C ALA C 73 30.53 -11.00 5.91
N SER C 74 30.34 -11.95 4.99
CA SER C 74 29.11 -11.96 4.16
C SER C 74 27.94 -12.59 4.92
N LEU C 75 28.18 -13.14 6.11
CA LEU C 75 27.10 -13.75 6.94
C LEU C 75 26.33 -12.63 7.62
N ILE C 76 26.86 -11.42 7.64
CA ILE C 76 26.12 -10.27 8.22
C ILE C 76 25.07 -9.83 7.20
N PRO C 77 23.76 -10.00 7.47
CA PRO C 77 22.72 -9.65 6.51
C PRO C 77 22.53 -8.15 6.35
N VAL C 78 23.54 -7.48 5.81
CA VAL C 78 23.48 -6.02 5.70
C VAL C 78 22.34 -5.61 4.78
N SER C 79 22.28 -6.20 3.59
CA SER C 79 21.30 -5.77 2.60
C SER C 79 19.87 -6.00 3.09
N PHE C 80 19.61 -7.14 3.72
CA PHE C 80 18.26 -7.50 4.13
C PHE C 80 17.71 -6.52 5.15
N VAL C 81 18.41 -6.37 6.28
CA VAL C 81 17.97 -5.46 7.33
C VAL C 81 17.98 -4.03 6.83
N LEU C 82 19.01 -3.65 6.06
CA LEU C 82 19.10 -2.28 5.56
C LEU C 82 17.94 -1.94 4.65
N GLY C 83 17.57 -2.85 3.75
CA GLY C 83 16.46 -2.58 2.85
C GLY C 83 15.15 -2.47 3.60
N PHE C 84 14.89 -3.40 4.53
CA PHE C 84 13.67 -3.29 5.32
C PHE C 84 13.61 -1.95 6.04
N TYR C 85 14.71 -1.57 6.71
CA TYR C 85 14.74 -0.34 7.48
C TYR C 85 14.53 0.88 6.59
N VAL C 86 15.20 0.91 5.44
CA VAL C 86 15.11 2.09 4.58
C VAL C 86 13.71 2.22 3.99
N THR C 87 13.09 1.10 3.62
CA THR C 87 11.73 1.16 3.11
C THR C 87 10.78 1.70 4.18
N LEU C 88 10.92 1.19 5.41
CA LEU C 88 10.08 1.69 6.50
C LEU C 88 10.28 3.19 6.69
N VAL C 89 11.53 3.63 6.70
CA VAL C 89 11.83 5.04 6.95
C VAL C 89 11.27 5.92 5.84
N VAL C 90 11.40 5.49 4.59
CA VAL C 90 10.93 6.30 3.47
C VAL C 90 9.41 6.41 3.48
N ASN C 91 8.73 5.30 3.74
CA ASN C 91 7.28 5.35 3.84
C ASN C 91 6.85 6.30 4.95
N ARG C 92 7.50 6.22 6.11
CA ARG C 92 7.18 7.13 7.19
C ARG C 92 7.48 8.58 6.82
N TRP C 93 8.56 8.79 6.07
CA TRP C 93 8.92 10.14 5.66
C TRP C 93 7.83 10.77 4.81
N TRP C 94 7.36 10.04 3.80
CA TRP C 94 6.31 10.60 2.96
C TRP C 94 5.01 10.78 3.72
N SER C 95 4.65 9.81 4.58
CA SER C 95 3.43 9.95 5.36
C SER C 95 3.50 11.16 6.29
N GLN C 96 4.66 11.38 6.91
CA GLN C 96 4.84 12.52 7.79
C GLN C 96 4.71 13.83 7.02
N TYR C 97 5.29 13.90 5.82
CA TYR C 97 5.11 15.11 5.03
C TYR C 97 3.64 15.33 4.71
N LEU C 98 2.93 14.27 4.32
CA LEU C 98 1.51 14.41 4.04
C LEU C 98 0.70 14.76 5.27
N CYS C 99 1.24 14.52 6.46
CA CYS C 99 0.52 14.81 7.70
C CYS C 99 0.70 16.26 8.17
N MET C 100 1.45 17.08 7.46
CA MET C 100 1.62 18.46 7.86
C MET C 100 0.36 19.25 7.57
N PRO C 101 -0.26 19.90 8.57
CA PRO C 101 -1.53 20.58 8.32
C PRO C 101 -1.36 21.76 7.38
N LEU C 102 -2.37 21.99 6.55
CA LEU C 102 -2.44 23.13 5.67
C LEU C 102 -3.82 23.77 5.76
N PRO C 103 -3.90 25.10 5.71
CA PRO C 103 -5.19 25.78 5.88
C PRO C 103 -5.98 26.00 4.60
N ASP C 104 -5.50 25.48 3.46
CA ASP C 104 -6.13 25.82 2.18
C ASP C 104 -7.59 25.41 2.16
N ALA C 105 -7.90 24.18 2.55
CA ALA C 105 -9.29 23.74 2.60
C ALA C 105 -10.08 24.56 3.61
N LEU C 106 -9.53 24.74 4.81
CA LEU C 106 -10.19 25.55 5.81
C LEU C 106 -10.34 26.99 5.36
N MET C 107 -9.33 27.53 4.69
CA MET C 107 -9.41 28.92 4.26
C MET C 107 -10.46 29.11 3.19
N CYS C 108 -10.57 28.16 2.26
CA CYS C 108 -11.65 28.23 1.26
C CYS C 108 -13.02 28.14 1.94
N VAL C 109 -13.17 27.21 2.88
CA VAL C 109 -14.46 27.07 3.56
C VAL C 109 -14.80 28.33 4.34
N VAL C 110 -13.81 28.92 5.01
CA VAL C 110 -14.06 30.12 5.81
C VAL C 110 -14.39 31.31 4.92
N ALA C 111 -13.71 31.43 3.78
CA ALA C 111 -14.03 32.49 2.84
C ALA C 111 -15.44 32.34 2.30
N GLY C 112 -15.86 31.11 2.03
CA GLY C 112 -17.20 30.90 1.49
C GLY C 112 -18.33 30.77 2.50
N THR C 113 -18.03 30.70 3.79
CA THR C 113 -19.05 30.38 4.78
C THR C 113 -19.18 31.41 5.89
N VAL C 114 -18.09 31.99 6.37
CA VAL C 114 -18.13 33.00 7.41
C VAL C 114 -18.26 34.36 6.73
N HIS C 115 -19.34 35.07 7.01
CA HIS C 115 -19.76 36.21 6.21
C HIS C 115 -19.64 37.51 6.99
N GLY C 116 -19.66 38.61 6.25
CA GLY C 116 -19.57 39.94 6.82
C GLY C 116 -18.41 40.73 6.25
N ARG C 117 -18.70 41.86 5.62
CA ARG C 117 -17.66 42.77 5.17
C ARG C 117 -17.20 43.72 6.26
N ASP C 118 -17.92 43.78 7.38
CA ASP C 118 -17.58 44.69 8.46
C ASP C 118 -16.40 44.15 9.25
N ASP C 119 -16.05 44.86 10.34
CA ASP C 119 -14.90 44.46 11.14
C ASP C 119 -15.15 43.16 11.89
N ARG C 120 -16.41 42.89 12.27
CA ARG C 120 -16.70 41.67 13.01
C ARG C 120 -16.49 40.43 12.16
N GLY C 121 -16.93 40.45 10.91
CA GLY C 121 -16.69 39.31 10.02
C GLY C 121 -15.21 39.12 9.74
N ARG C 122 -14.49 40.22 9.53
CA ARG C 122 -13.05 40.15 9.38
C ARG C 122 -12.42 39.48 10.60
N LEU C 123 -12.85 39.89 11.79
CA LEU C 123 -12.32 39.31 13.01
C LEU C 123 -12.61 37.81 13.09
N TYR C 124 -13.84 37.42 12.76
CA TYR C 124 -14.18 36.00 12.81
C TYR C 124 -13.30 35.19 11.87
N ARG C 125 -13.20 35.62 10.61
CA ARG C 125 -12.43 34.86 9.63
C ARG C 125 -10.95 34.80 10.01
N ARG C 126 -10.38 35.95 10.39
CA ARG C 126 -8.99 36.01 10.76
C ARG C 126 -8.72 35.16 12.00
N THR C 127 -9.61 35.20 12.99
CA THR C 127 -9.41 34.43 14.20
C THR C 127 -9.49 32.94 13.95
N LEU C 128 -10.41 32.51 13.08
CA LEU C 128 -10.48 31.08 12.75
C LEU C 128 -9.21 30.63 12.04
N MET C 129 -8.77 31.39 11.05
CA MET C 129 -7.56 31.02 10.33
C MET C 129 -6.35 31.03 11.28
N ARG C 130 -6.32 31.99 12.21
CA ARG C 130 -5.21 32.08 13.15
C ARG C 130 -5.26 30.95 14.17
N TYR C 131 -6.45 30.50 14.57
CA TYR C 131 -6.53 29.34 15.45
C TYR C 131 -5.97 28.09 14.77
N ALA C 132 -6.31 27.90 13.49
CA ALA C 132 -5.74 26.79 12.75
C ALA C 132 -4.22 26.91 12.67
N GLY C 133 -3.74 28.11 12.34
CA GLY C 133 -2.30 28.32 12.24
C GLY C 133 -1.59 28.12 13.57
N LEU C 134 -2.25 28.51 14.67
CA LEU C 134 -1.66 28.36 15.99
C LEU C 134 -1.60 26.90 16.41
N SER C 135 -2.63 26.11 16.09
CA SER C 135 -2.54 24.68 16.32
C SER C 135 -1.37 24.09 15.54
N ALA C 136 -1.23 24.48 14.28
CA ALA C 136 -0.10 24.00 13.48
C ALA C 136 1.23 24.38 14.12
N VAL C 137 1.34 25.63 14.57
CA VAL C 137 2.60 26.10 15.15
C VAL C 137 2.91 25.36 16.44
N LEU C 138 1.92 25.16 17.30
CA LEU C 138 2.15 24.45 18.56
C LEU C 138 2.62 23.03 18.29
N ILE C 139 1.95 22.32 17.39
CA ILE C 139 2.36 20.96 17.10
C ILE C 139 3.76 20.94 16.48
N LEU C 140 4.04 21.88 15.58
CA LEU C 140 5.33 21.89 14.90
C LEU C 140 6.46 22.18 15.86
N ARG C 141 6.29 23.16 16.76
CA ARG C 141 7.32 23.40 17.76
C ARG C 141 7.44 22.25 18.74
N SER C 142 6.38 21.46 18.93
CA SER C 142 6.50 20.24 19.71
C SER C 142 7.35 19.20 18.97
N VAL C 143 7.23 19.12 17.65
CA VAL C 143 7.85 18.05 16.89
C VAL C 143 9.04 18.50 16.04
N SER C 144 9.20 19.79 15.79
CA SER C 144 10.24 20.29 14.90
C SER C 144 11.28 21.06 15.70
N THR C 145 12.55 20.68 15.54
CA THR C 145 13.63 21.38 16.22
C THR C 145 13.82 22.78 15.67
N ALA C 146 13.67 22.95 14.35
CA ALA C 146 13.81 24.27 13.76
C ALA C 146 12.71 25.22 14.23
N VAL C 147 11.46 24.74 14.26
CA VAL C 147 10.37 25.58 14.72
C VAL C 147 10.54 25.93 16.19
N PHE C 148 10.96 24.96 17.00
CA PHE C 148 11.19 25.23 18.41
C PHE C 148 12.30 26.26 18.59
N LYS C 149 13.36 26.17 17.79
CA LYS C 149 14.40 27.20 17.83
C LYS C 149 13.83 28.56 17.44
N ARG C 150 12.85 28.58 16.53
CA ARG C 150 12.20 29.83 16.18
C ARG C 150 11.20 30.27 17.26
N PHE C 151 10.56 29.33 17.95
CA PHE C 151 9.59 29.63 19.00
C PHE C 151 9.97 28.88 20.26
N PRO C 152 11.08 29.26 20.90
CA PRO C 152 11.53 28.52 22.09
C PRO C 152 10.57 28.60 23.26
N THR C 153 9.68 29.58 23.28
CA THR C 153 8.72 29.73 24.38
C THR C 153 7.39 30.17 23.80
N ILE C 154 6.33 30.00 24.61
CA ILE C 154 5.01 30.47 24.20
C ILE C 154 4.99 31.98 24.07
N ASP C 155 5.90 32.67 24.76
CA ASP C 155 6.00 34.11 24.60
C ASP C 155 6.41 34.48 23.18
N HIS C 156 7.29 33.68 22.58
CA HIS C 156 7.65 33.89 21.18
C HIS C 156 6.43 33.72 20.28
N VAL C 157 5.61 32.71 20.57
CA VAL C 157 4.37 32.52 19.81
C VAL C 157 3.48 33.75 19.94
N VAL C 158 3.38 34.30 21.15
CA VAL C 158 2.55 35.48 21.36
C VAL C 158 3.10 36.66 20.56
N GLU C 159 4.42 36.84 20.56
CA GLU C 159 5.03 37.98 19.88
C GLU C 159 5.00 37.84 18.37
N ALA C 160 4.78 36.63 17.85
CA ALA C 160 4.67 36.43 16.41
C ALA C 160 3.27 36.69 15.88
N GLY C 161 2.31 37.02 16.76
CA GLY C 161 0.95 37.25 16.35
C GLY C 161 0.07 36.03 16.29
N PHE C 162 0.61 34.85 16.58
CA PHE C 162 -0.20 33.64 16.55
C PHE C 162 -1.12 33.54 17.75
N MET C 163 -0.64 33.94 18.93
CA MET C 163 -1.43 33.95 20.15
C MET C 163 -1.50 35.35 20.71
N THR C 164 -2.67 35.73 21.19
CA THR C 164 -2.83 36.99 21.90
C THR C 164 -2.49 36.81 23.37
N ARG C 165 -2.37 37.94 24.08
CA ARG C 165 -2.06 37.88 25.51
C ARG C 165 -3.18 37.21 26.29
N GLU C 166 -4.44 37.57 26.00
CA GLU C 166 -5.57 36.93 26.66
C GLU C 166 -5.63 35.45 26.32
N GLU C 167 -5.39 35.11 25.05
CA GLU C 167 -5.34 33.72 24.66
C GLU C 167 -4.20 33.00 25.37
N ARG C 168 -3.07 33.68 25.57
CA ARG C 168 -1.97 33.09 26.31
C ARG C 168 -2.36 32.81 27.76
N LYS C 169 -3.09 33.73 28.39
CA LYS C 169 -3.56 33.50 29.74
C LYS C 169 -4.49 32.30 29.81
N LYS C 170 -5.43 32.20 28.86
CA LYS C 170 -6.32 31.04 28.82
C LYS C 170 -5.54 29.76 28.59
N PHE C 171 -4.55 29.80 27.70
CA PHE C 171 -3.75 28.63 27.37
C PHE C 171 -2.97 28.14 28.59
N GLU C 172 -2.37 29.07 29.34
CA GLU C 172 -1.56 28.67 30.49
C GLU C 172 -2.42 28.25 31.66
N ASN C 173 -3.57 28.89 31.86
CA ASN C 173 -4.43 28.54 32.99
C ASN C 173 -5.10 27.19 32.84
N LEU C 174 -5.03 26.57 31.66
CA LEU C 174 -5.64 25.25 31.47
C LEU C 174 -4.81 24.20 32.21
N ASN C 175 -5.46 23.47 33.10
CA ASN C 175 -4.78 22.50 33.95
C ASN C 175 -4.63 21.20 33.18
N SER C 176 -3.52 21.07 32.45
CA SER C 176 -3.24 19.88 31.68
C SER C 176 -1.74 19.64 31.67
N SER C 177 -1.34 18.38 31.82
CA SER C 177 0.06 17.99 31.78
C SER C 177 0.50 17.47 30.43
N TYR C 178 -0.38 17.50 29.43
CA TYR C 178 -0.10 16.99 28.10
C TYR C 178 -0.03 18.14 27.09
N ASN C 179 0.48 17.82 25.90
CA ASN C 179 0.59 18.82 24.86
C ASN C 179 -0.77 19.44 24.55
N LYS C 180 -0.81 20.77 24.48
CA LYS C 180 -2.05 21.51 24.34
C LYS C 180 -2.29 21.98 22.91
N TYR C 181 -1.65 21.36 21.92
CA TYR C 181 -1.83 21.78 20.54
C TYR C 181 -3.29 21.73 20.12
N TRP C 182 -4.08 20.85 20.75
CA TRP C 182 -5.49 20.71 20.41
C TRP C 182 -6.32 21.87 20.93
N VAL C 183 -5.81 22.66 21.87
CA VAL C 183 -6.59 23.74 22.45
C VAL C 183 -7.10 24.70 21.39
N PRO C 184 -6.28 25.18 20.45
CA PRO C 184 -6.82 26.06 19.41
C PRO C 184 -7.89 25.41 18.57
N CYS C 185 -7.88 24.08 18.44
CA CYS C 185 -8.96 23.41 17.70
C CYS C 185 -10.28 23.50 18.46
N VAL C 186 -10.25 23.35 19.77
CA VAL C 186 -11.47 23.53 20.57
C VAL C 186 -11.93 24.99 20.52
N TRP C 187 -10.96 25.92 20.54
CA TRP C 187 -11.32 27.32 20.36
C TRP C 187 -11.99 27.55 19.01
N PHE C 188 -11.46 26.92 17.96
CA PHE C 188 -12.05 27.03 16.63
C PHE C 188 -13.47 26.49 16.62
N SER C 189 -13.70 25.33 17.24
CA SER C 189 -15.04 24.78 17.27
C SER C 189 -16.00 25.70 18.00
N ASN C 190 -15.57 26.25 19.14
CA ASN C 190 -16.44 27.16 19.89
C ASN C 190 -16.71 28.43 19.10
N LEU C 191 -15.70 28.96 18.42
CA LEU C 191 -15.89 30.19 17.66
C LEU C 191 -16.78 29.95 16.45
N ALA C 192 -16.66 28.79 15.79
CA ALA C 192 -17.54 28.46 14.69
C ALA C 192 -18.97 28.31 15.16
N ALA C 193 -19.18 27.67 16.32
CA ALA C 193 -20.52 27.59 16.88
C ALA C 193 -21.07 28.98 17.18
N GLN C 194 -20.25 29.86 17.75
CA GLN C 194 -20.71 31.21 18.04
C GLN C 194 -21.05 31.98 16.77
N ALA C 195 -20.23 31.82 15.73
CA ALA C 195 -20.51 32.49 14.47
C ALA C 195 -21.82 31.99 13.87
N ARG C 196 -22.06 30.68 13.92
CA ARG C 196 -23.33 30.15 13.45
C ARG C 196 -24.50 30.69 14.25
N ARG C 197 -24.35 30.76 15.57
CA ARG C 197 -25.43 31.28 16.40
C ARG C 197 -25.71 32.75 16.10
N GLU C 198 -24.66 33.54 15.89
CA GLU C 198 -24.80 34.96 15.63
C GLU C 198 -25.27 35.26 14.21
N GLY C 199 -25.29 34.26 13.33
CA GLY C 199 -25.75 34.46 11.97
C GLY C 199 -24.66 34.69 10.95
N ARG C 200 -23.39 34.77 11.37
CA ARG C 200 -22.31 34.93 10.41
C ARG C 200 -22.23 33.73 9.48
N ILE C 201 -22.44 32.54 10.01
CA ILE C 201 -22.60 31.33 9.21
C ILE C 201 -24.10 31.12 9.02
N ARG C 202 -24.55 31.12 7.76
CA ARG C 202 -25.96 31.24 7.46
C ARG C 202 -26.73 29.93 7.52
N ASP C 203 -26.06 28.79 7.58
CA ASP C 203 -26.77 27.52 7.53
C ASP C 203 -26.00 26.46 8.32
N ASN C 204 -26.74 25.44 8.78
CA ASN C 204 -26.13 24.37 9.57
C ASN C 204 -25.18 23.52 8.75
N SER C 205 -25.47 23.35 7.45
CA SER C 205 -24.57 22.58 6.59
C SER C 205 -23.21 23.26 6.48
N ALA C 206 -23.20 24.59 6.43
CA ALA C 206 -21.93 25.31 6.39
C ALA C 206 -21.12 25.06 7.66
N LEU C 207 -21.79 25.08 8.82
CA LEU C 207 -21.11 24.79 10.07
C LEU C 207 -20.58 23.36 10.09
N LYS C 208 -21.38 22.41 9.58
CA LYS C 208 -20.90 21.03 9.53
C LYS C 208 -19.67 20.90 8.64
N LEU C 209 -19.67 21.58 7.49
CA LEU C 209 -18.50 21.56 6.62
C LEU C 209 -17.29 22.17 7.31
N LEU C 210 -17.49 23.29 8.00
CA LEU C 210 -16.40 23.91 8.76
C LEU C 210 -15.83 22.94 9.78
N LEU C 211 -16.71 22.25 10.52
CA LEU C 211 -16.26 21.33 11.55
C LEU C 211 -15.55 20.12 10.94
N GLU C 212 -16.02 19.64 9.79
CA GLU C 212 -15.35 18.53 9.13
C GLU C 212 -13.95 18.92 8.67
N GLU C 213 -13.81 20.11 8.08
CA GLU C 213 -12.49 20.57 7.66
C GLU C 213 -11.58 20.79 8.86
N LEU C 214 -12.12 21.34 9.94
CA LEU C 214 -11.33 21.51 11.16
C LEU C 214 -10.88 20.18 11.72
N ASN C 215 -11.75 19.16 11.67
CA ASN C 215 -11.38 17.84 12.15
C ASN C 215 -10.29 17.23 11.28
N VAL C 216 -10.35 17.47 9.96
CA VAL C 216 -9.27 17.00 9.10
C VAL C 216 -7.95 17.66 9.49
N PHE C 217 -7.98 18.97 9.71
CA PHE C 217 -6.79 19.71 10.09
C PHE C 217 -6.23 19.21 11.42
N ARG C 218 -7.10 19.04 12.41
CA ARG C 218 -6.68 18.59 13.72
C ARG C 218 -6.17 17.15 13.67
N GLY C 219 -6.77 16.33 12.82
CA GLY C 219 -6.26 14.98 12.64
C GLY C 219 -4.87 14.96 12.04
N LYS C 220 -4.61 15.88 11.11
CA LYS C 220 -3.25 16.00 10.58
C LYS C 220 -2.27 16.41 11.68
N CYS C 221 -2.66 17.37 12.52
CA CYS C 221 -1.79 17.76 13.64
C CYS C 221 -1.55 16.59 14.58
N GLY C 222 -2.61 15.85 14.92
CA GLY C 222 -2.46 14.69 15.78
C GLY C 222 -1.61 13.60 15.16
N MET C 223 -1.69 13.41 13.85
CA MET C 223 -0.83 12.46 13.17
C MET C 223 0.62 12.90 13.25
N LEU C 224 0.87 14.21 13.13
CA LEU C 224 2.22 14.71 13.35
C LEU C 224 2.70 14.35 14.75
N PHE C 225 1.84 14.56 15.75
CA PHE C 225 2.21 14.22 17.12
C PHE C 225 2.51 12.74 17.27
N HIS C 226 1.66 11.89 16.69
CA HIS C 226 1.84 10.44 16.81
C HIS C 226 3.12 9.98 16.13
N TYR C 227 3.43 10.53 14.96
CA TYR C 227 4.68 10.20 14.30
C TYR C 227 5.88 10.62 15.13
N ASP C 228 5.80 11.80 15.74
CA ASP C 228 6.88 12.24 16.61
C ASP C 228 7.04 11.31 17.80
N TRP C 229 5.92 10.91 18.41
CA TRP C 229 5.98 10.08 19.62
C TRP C 229 6.40 8.65 19.28
N ILE C 230 5.71 8.02 18.34
CA ILE C 230 5.96 6.61 18.01
C ILE C 230 7.09 6.60 16.99
N SER C 231 8.32 6.59 17.49
CA SER C 231 9.48 6.51 16.63
C SER C 231 9.55 5.14 15.97
N VAL C 232 10.38 5.04 14.93
CA VAL C 232 10.71 3.72 14.41
C VAL C 232 11.30 2.89 15.54
N PRO C 233 10.88 1.64 15.73
CA PRO C 233 11.32 0.89 16.91
C PRO C 233 12.83 0.96 17.07
N LEU C 234 13.27 1.33 18.27
CA LEU C 234 14.69 1.50 18.52
C LEU C 234 15.47 0.21 18.26
N VAL C 235 14.80 -0.94 18.38
CA VAL C 235 15.46 -2.21 18.11
C VAL C 235 15.95 -2.26 16.66
N TYR C 236 15.10 -1.82 15.72
CA TYR C 236 15.50 -1.81 14.32
C TYR C 236 16.66 -0.86 14.07
N THR C 237 16.60 0.33 14.67
CA THR C 237 17.69 1.29 14.51
C THR C 237 19.00 0.70 15.02
N GLN C 238 18.98 0.13 16.23
CA GLN C 238 20.19 -0.45 16.79
C GLN C 238 20.69 -1.60 15.94
N VAL C 239 19.78 -2.45 15.45
CA VAL C 239 20.19 -3.61 14.66
C VAL C 239 20.85 -3.17 13.36
N VAL C 240 20.24 -2.19 12.67
CA VAL C 240 20.81 -1.74 11.41
CA VAL C 240 20.80 -1.73 11.41
C VAL C 240 22.15 -1.06 11.64
N THR C 241 22.26 -0.23 12.67
CA THR C 241 23.54 0.42 12.94
C THR C 241 24.62 -0.60 13.27
N ILE C 242 24.28 -1.61 14.07
CA ILE C 242 25.26 -2.64 14.43
C ILE C 242 25.65 -3.46 13.21
N ALA C 243 24.67 -3.75 12.35
CA ALA C 243 24.97 -4.51 11.14
C ALA C 243 25.95 -3.75 10.26
N LEU C 244 25.69 -2.45 10.03
CA LEU C 244 26.59 -1.66 9.20
C LEU C 244 27.97 -1.58 9.82
N TYR C 245 28.04 -1.28 11.13
CA TYR C 245 29.34 -1.14 11.78
C TYR C 245 30.12 -2.44 11.75
N SER C 246 29.46 -3.56 12.05
CA SER C 246 30.16 -4.85 12.09
C SER C 246 30.60 -5.28 10.70
N TYR C 247 29.75 -5.09 9.70
CA TYR C 247 30.14 -5.45 8.34
C TYR C 247 31.33 -4.62 7.89
N PHE C 248 31.32 -3.33 8.18
CA PHE C 248 32.42 -2.49 7.71
C PHE C 248 33.69 -2.69 8.52
N LEU C 249 33.57 -3.14 9.78
CA LEU C 249 34.77 -3.54 10.51
C LEU C 249 35.37 -4.82 9.92
N ALA C 250 34.50 -5.80 9.61
CA ALA C 250 34.97 -7.01 8.96
C ALA C 250 35.60 -6.68 7.61
N CYS C 251 35.07 -5.68 6.90
CA CYS C 251 35.66 -5.28 5.64
C CYS C 251 36.99 -4.56 5.84
N LEU C 252 37.07 -3.72 6.88
CA LEU C 252 38.34 -3.11 7.24
C LEU C 252 39.41 -4.15 7.44
N ILE C 253 39.09 -5.37 7.91
CA ILE C 253 40.18 -6.39 8.04
C ILE C 253 40.35 -7.22 6.78
N GLY C 254 39.28 -7.67 6.14
CA GLY C 254 39.40 -8.59 4.99
C GLY C 254 39.47 -7.92 3.64
N ARG C 255 39.37 -6.61 3.60
CA ARG C 255 39.50 -5.83 2.35
C ARG C 255 40.94 -5.37 2.29
N GLN C 256 41.74 -5.78 3.24
CA GLN C 256 43.18 -5.50 3.16
C GLN C 256 43.80 -6.15 1.92
N PHE C 257 44.82 -5.54 1.37
CA PHE C 257 45.50 -6.08 0.19
C PHE C 257 46.73 -6.78 0.71
N LEU C 258 46.81 -8.08 0.52
CA LEU C 258 47.90 -8.85 1.11
C LEU C 258 49.08 -8.84 0.14
N ASP C 259 50.27 -9.16 0.63
CA ASP C 259 51.46 -9.22 -0.19
C ASP C 259 51.29 -10.27 -1.28
N PRO C 260 51.34 -9.88 -2.56
CA PRO C 260 51.12 -10.86 -3.63
C PRO C 260 52.18 -11.95 -3.68
N ALA C 261 53.34 -11.74 -3.06
CA ALA C 261 54.40 -12.73 -3.11
C ALA C 261 54.04 -14.01 -2.38
N GLN C 262 53.04 -13.98 -1.49
CA GLN C 262 52.63 -15.17 -0.76
C GLN C 262 51.80 -16.12 -1.61
N GLY C 263 51.33 -15.70 -2.77
CA GLY C 263 50.59 -16.58 -3.64
C GLY C 263 49.18 -16.89 -3.19
N TYR C 264 48.61 -16.08 -2.31
CA TYR C 264 47.23 -16.30 -1.90
C TYR C 264 46.30 -16.09 -3.09
N LYS C 265 45.26 -16.91 -3.18
CA LYS C 265 44.34 -16.83 -4.34
C LYS C 265 43.48 -15.58 -4.23
N ASP C 266 43.42 -14.79 -5.30
CA ASP C 266 42.57 -13.57 -5.34
C ASP C 266 43.37 -12.40 -4.78
N HIS C 267 44.66 -12.60 -4.53
CA HIS C 267 45.53 -11.53 -4.01
C HIS C 267 46.77 -11.45 -4.89
N ASP C 268 46.63 -10.93 -6.11
CA ASP C 268 47.76 -10.79 -7.06
C ASP C 268 48.02 -9.31 -7.34
N LEU C 269 46.99 -8.47 -7.24
CA LEU C 269 47.13 -7.06 -7.54
C LEU C 269 46.97 -6.26 -6.25
N ASP C 270 47.99 -5.48 -5.91
CA ASP C 270 47.96 -4.65 -4.70
C ASP C 270 47.73 -3.21 -5.12
N LEU C 271 46.47 -2.79 -5.09
CA LEU C 271 46.12 -1.42 -5.46
C LEU C 271 46.45 -0.41 -4.38
N CYS C 272 46.60 -0.87 -3.14
CA CYS C 272 46.86 0.05 -2.00
C CYS C 272 45.56 0.63 -1.46
N VAL C 273 44.86 1.44 -2.24
CA VAL C 273 43.54 2.02 -1.82
C VAL C 273 42.46 1.04 -2.26
N PRO C 274 41.57 0.56 -1.36
CA PRO C 274 40.54 -0.40 -1.71
C PRO C 274 39.31 0.32 -2.31
N ILE C 275 39.26 0.45 -3.64
CA ILE C 275 38.14 1.19 -4.30
C ILE C 275 36.79 0.54 -4.09
N PHE C 276 36.67 -0.74 -4.35
CA PHE C 276 35.35 -1.39 -4.32
C PHE C 276 34.81 -1.42 -2.89
N THR C 277 35.66 -1.59 -1.90
CA THR C 277 35.18 -1.51 -0.50
C THR C 277 34.74 -0.09 -0.21
N LEU C 278 35.50 0.91 -0.66
CA LEU C 278 35.15 2.34 -0.47
C LEU C 278 33.89 2.61 -1.25
N LEU C 279 33.75 2.03 -2.45
CA LEU C 279 32.48 2.25 -3.12
C LEU C 279 31.33 1.54 -2.40
N GLN C 280 31.58 0.30 -1.95
CA GLN C 280 30.55 -0.42 -1.21
C GLN C 280 30.21 0.28 0.09
N PHE C 281 31.23 0.76 0.81
CA PHE C 281 30.99 1.57 1.99
C PHE C 281 30.20 2.81 1.64
N PHE C 282 30.58 3.49 0.55
CA PHE C 282 29.85 4.67 0.12
C PHE C 282 28.37 4.35 -0.02
N PHE C 283 28.05 3.30 -0.78
CA PHE C 283 26.65 3.01 -1.07
C PHE C 283 25.88 2.60 0.19
N TYR C 284 26.42 1.67 0.97
CA TYR C 284 25.67 1.17 2.12
C TYR C 284 25.57 2.23 3.22
N ALA C 285 26.69 2.87 3.56
CA ALA C 285 26.66 3.93 4.55
C ALA C 285 25.82 5.11 4.07
N GLY C 286 25.76 5.36 2.76
CA GLY C 286 24.91 6.40 2.25
C GLY C 286 23.45 6.06 2.38
N TRP C 287 23.10 4.79 2.14
CA TRP C 287 21.75 4.34 2.41
C TRP C 287 21.39 4.60 3.86
N LEU C 288 22.26 4.19 4.77
CA LEU C 288 21.99 4.38 6.19
C LEU C 288 21.93 5.86 6.57
N LYS C 289 22.79 6.68 5.97
CA LYS C 289 22.80 8.11 6.29
C LYS C 289 21.55 8.80 5.76
N VAL C 290 21.06 8.40 4.58
CA VAL C 290 19.81 8.93 4.09
C VAL C 290 18.67 8.51 5.01
N ALA C 291 18.72 7.28 5.52
CA ALA C 291 17.74 6.86 6.51
C ALA C 291 17.81 7.73 7.77
N GLU C 292 19.02 8.06 8.20
CA GLU C 292 19.17 8.93 9.37
C GLU C 292 18.60 10.31 9.11
N GLN C 293 18.85 10.85 7.93
CA GLN C 293 18.33 12.16 7.57
C GLN C 293 16.81 12.16 7.53
N LEU C 294 16.21 11.13 6.93
CA LEU C 294 14.76 11.07 6.75
C LEU C 294 14.03 10.58 7.99
N ILE C 295 14.73 9.98 8.96
CA ILE C 295 14.06 9.39 10.11
C ILE C 295 13.31 10.47 10.89
N ASN C 296 13.92 11.64 11.03
CA ASN C 296 13.25 12.81 11.58
C ASN C 296 13.31 13.92 10.54
N PRO C 297 12.28 14.08 9.70
CA PRO C 297 12.32 15.07 8.63
C PRO C 297 12.06 16.49 9.08
N PHE C 298 11.92 16.74 10.38
CA PHE C 298 11.66 18.07 10.91
C PHE C 298 12.87 18.69 11.59
N GLY C 299 14.04 18.08 11.43
CA GLY C 299 15.26 18.65 11.97
C GLY C 299 15.75 19.80 11.13
N GLU C 300 17.06 19.96 11.03
CA GLU C 300 17.66 21.05 10.25
C GLU C 300 18.62 20.51 9.19
N ASP C 301 18.38 19.29 8.71
CA ASP C 301 19.12 18.79 7.56
C ASP C 301 18.77 19.61 6.33
N ASP C 302 19.67 19.57 5.35
CA ASP C 302 19.44 20.33 4.12
C ASP C 302 18.19 19.85 3.41
N ASP C 303 17.92 18.55 3.43
CA ASP C 303 16.78 17.97 2.75
C ASP C 303 15.56 17.80 3.65
N ASP C 304 15.63 18.29 4.89
CA ASP C 304 14.48 18.23 5.78
C ASP C 304 13.42 19.24 5.33
N PHE C 305 12.22 19.07 5.88
CA PHE C 305 11.10 19.91 5.48
C PHE C 305 11.31 21.36 5.90
N GLU C 306 10.84 22.27 5.06
CA GLU C 306 10.92 23.71 5.33
C GLU C 306 9.73 24.12 6.20
N THR C 307 9.79 23.70 7.46
CA THR C 307 8.66 23.92 8.37
C THR C 307 8.40 25.40 8.61
N ASN C 308 9.47 26.18 8.80
CA ASN C 308 9.28 27.61 9.04
C ASN C 308 8.75 28.32 7.80
N PHE C 309 9.29 27.98 6.63
CA PHE C 309 8.75 28.53 5.39
C PHE C 309 7.29 28.18 5.23
N LEU C 310 6.93 26.93 5.53
CA LEU C 310 5.54 26.52 5.43
C LEU C 310 4.66 27.28 6.41
N ILE C 311 5.15 27.51 7.63
CA ILE C 311 4.39 28.27 8.61
C ILE C 311 4.10 29.66 8.08
N ASP C 312 5.15 30.34 7.59
CA ASP C 312 4.97 31.70 7.08
C ASP C 312 4.02 31.73 5.89
N ARG C 313 4.22 30.80 4.95
CA ARG C 313 3.38 30.76 3.77
C ARG C 313 1.93 30.51 4.13
N ASN C 314 1.68 29.55 5.02
CA ASN C 314 0.32 29.21 5.42
C ASN C 314 -0.35 30.40 6.09
N PHE C 315 0.35 31.05 7.01
CA PHE C 315 -0.24 32.21 7.68
C PHE C 315 -0.58 33.31 6.70
N GLN C 316 0.39 33.67 5.84
CA GLN C 316 0.16 34.75 4.88
C GLN C 316 -0.99 34.42 3.94
N VAL C 317 -1.00 33.20 3.40
CA VAL C 317 -2.01 32.83 2.42
C VAL C 317 -3.39 32.76 3.06
N SER C 318 -3.48 32.22 4.28
CA SER C 318 -4.77 32.15 4.95
C SER C 318 -5.31 33.54 5.24
N MET C 319 -4.45 34.43 5.74
CA MET C 319 -4.90 35.79 6.00
C MET C 319 -5.36 36.47 4.72
N LEU C 320 -4.59 36.33 3.64
CA LEU C 320 -4.99 36.91 2.37
C LEU C 320 -6.34 36.39 1.92
N ALA C 321 -6.50 35.06 1.92
CA ALA C 321 -7.71 34.45 1.40
C ALA C 321 -8.94 34.84 2.21
N VAL C 322 -8.82 34.90 3.54
CA VAL C 322 -10.00 35.15 4.36
C VAL C 322 -10.22 36.61 4.69
N ASP C 323 -9.28 37.49 4.37
CA ASP C 323 -9.44 38.91 4.65
C ASP C 323 -9.51 39.75 3.39
N GLU C 324 -8.49 39.66 2.51
CA GLU C 324 -8.43 40.56 1.37
C GLU C 324 -9.29 40.06 0.22
N MET C 325 -9.34 38.75 0.01
CA MET C 325 -10.07 38.18 -1.11
C MET C 325 -11.50 37.77 -0.75
N TYR C 326 -11.95 38.05 0.47
CA TYR C 326 -13.33 37.76 0.81
C TYR C 326 -14.26 38.70 0.06
N ASP C 327 -15.26 38.13 -0.60
CA ASP C 327 -16.28 38.91 -1.30
C ASP C 327 -15.65 40.00 -2.17
N ASP C 328 -14.61 39.63 -2.90
CA ASP C 328 -13.86 40.55 -3.75
C ASP C 328 -13.70 39.97 -5.14
N LEU C 329 -14.79 39.46 -5.69
CA LEU C 329 -14.78 38.87 -7.02
C LEU C 329 -14.80 39.96 -8.09
N ALA C 330 -14.29 39.61 -9.26
CA ALA C 330 -14.47 40.46 -10.44
C ALA C 330 -15.86 40.24 -11.01
N VAL C 331 -16.49 41.33 -11.45
CA VAL C 331 -17.86 41.24 -11.93
C VAL C 331 -17.95 40.15 -12.99
N LEU C 332 -19.05 39.38 -12.93
CA LEU C 332 -19.25 38.30 -13.88
C LEU C 332 -19.14 38.81 -15.30
N GLU C 333 -18.14 38.36 -16.04
CA GLU C 333 -17.88 38.78 -17.40
C GLU C 333 -17.86 37.57 -18.32
N LYS C 334 -18.48 37.73 -19.50
CA LYS C 334 -18.46 36.67 -20.49
C LYS C 334 -17.02 36.35 -20.90
N ASP C 335 -16.72 35.05 -20.98
CA ASP C 335 -15.36 34.62 -21.28
C ASP C 335 -15.11 34.68 -22.78
N LEU C 336 -13.92 34.23 -23.17
CA LEU C 336 -13.54 34.28 -24.58
C LEU C 336 -14.46 33.42 -25.44
N TYR C 337 -14.80 32.22 -24.96
CA TYR C 337 -15.56 31.24 -25.74
C TYR C 337 -17.04 31.23 -25.39
N TRP C 338 -17.60 32.40 -25.08
CA TRP C 338 -19.02 32.46 -24.74
C TRP C 338 -19.89 31.99 -25.90
N ASP C 339 -19.58 32.46 -27.11
CA ASP C 339 -20.38 32.12 -28.29
C ASP C 339 -19.81 30.96 -29.09
N ALA C 340 -18.61 30.50 -28.79
CA ALA C 340 -18.00 29.41 -29.53
C ALA C 340 -18.77 28.12 -29.35
N TYR C 347 -1.69 27.31 -27.85
CA TYR C 347 -0.38 26.68 -28.00
C TYR C 347 0.64 27.66 -28.57
N THR C 348 1.86 27.61 -28.06
CA THR C 348 2.92 28.48 -28.54
C THR C 348 3.76 27.80 -29.61
N PHE C 360 -7.48 11.26 -27.93
CA PHE C 360 -7.61 9.86 -27.51
C PHE C 360 -9.03 9.55 -27.03
N GLN C 361 -9.57 8.43 -27.50
CA GLN C 361 -10.91 8.00 -27.13
C GLN C 361 -10.91 6.66 -26.41
N GLY C 362 -10.20 5.67 -26.91
CA GLY C 362 -10.12 4.38 -26.27
C GLY C 362 -9.31 3.42 -27.11
N SER C 363 -8.86 2.35 -26.45
CA SER C 363 -8.06 1.34 -27.14
C SER C 363 -8.87 0.67 -28.24
N THR C 364 -10.14 0.33 -27.97
CA THR C 364 -10.96 -0.36 -28.95
C THR C 364 -11.27 0.50 -30.17
N PHE C 365 -11.12 1.81 -30.06
CA PHE C 365 -11.40 2.70 -31.18
C PHE C 365 -10.20 2.79 -32.13
N THR D 2 -10.54 -19.72 13.14
CA THR D 2 -9.49 -18.83 13.64
C THR D 2 -8.84 -19.39 14.90
N VAL D 3 -7.52 -19.51 14.88
CA VAL D 3 -6.74 -19.95 16.03
C VAL D 3 -6.04 -18.72 16.59
N THR D 4 -6.40 -18.34 17.81
CA THR D 4 -5.92 -17.10 18.41
C THR D 4 -4.83 -17.40 19.42
N TYR D 5 -3.72 -16.67 19.33
CA TYR D 5 -2.63 -16.78 20.29
C TYR D 5 -2.07 -15.42 20.66
N THR D 6 -2.87 -14.36 20.56
CA THR D 6 -2.35 -13.01 20.80
C THR D 6 -1.90 -12.84 22.25
N ALA D 7 -2.67 -13.38 23.19
CA ALA D 7 -2.33 -13.21 24.60
C ALA D 7 -1.03 -13.91 24.96
N ARG D 8 -0.76 -15.07 24.34
CA ARG D 8 0.47 -15.79 24.63
C ARG D 8 1.71 -15.05 24.16
N VAL D 9 1.56 -14.06 23.29
CA VAL D 9 2.69 -13.35 22.71
C VAL D 9 2.63 -11.88 23.09
N ALA D 10 1.95 -11.57 24.19
CA ALA D 10 1.79 -10.17 24.60
C ALA D 10 3.14 -9.52 24.87
N ASN D 11 4.04 -10.24 25.53
CA ASN D 11 5.38 -9.77 25.83
C ASN D 11 6.40 -10.70 25.21
N ALA D 12 7.50 -10.12 24.75
CA ALA D 12 8.60 -10.90 24.18
C ALA D 12 9.37 -11.56 25.32
N ARG D 13 8.93 -12.74 25.70
CA ARG D 13 9.55 -13.49 26.79
C ARG D 13 10.74 -14.28 26.27
N PHE D 14 11.45 -14.92 27.19
CA PHE D 14 12.65 -15.66 26.83
C PHE D 14 12.33 -16.78 25.85
N GLY D 15 11.38 -17.65 26.20
CA GLY D 15 10.91 -18.65 25.28
C GLY D 15 9.66 -18.21 24.54
N GLY D 16 9.72 -17.05 23.89
CA GLY D 16 8.55 -16.42 23.33
C GLY D 16 7.76 -17.28 22.36
N PHE D 17 8.34 -17.56 21.19
CA PHE D 17 7.64 -18.31 20.16
C PHE D 17 7.85 -19.81 20.28
N SER D 18 8.74 -20.26 21.16
CA SER D 18 8.97 -21.69 21.32
C SER D 18 7.74 -22.40 21.86
N GLN D 19 7.04 -21.76 22.80
CA GLN D 19 5.85 -22.37 23.40
C GLN D 19 4.69 -22.49 22.42
N LEU D 20 4.77 -21.85 21.25
CA LEU D 20 3.73 -21.99 20.24
C LEU D 20 4.00 -23.18 19.31
N LEU D 21 5.17 -23.79 19.39
CA LEU D 21 5.47 -24.94 18.55
C LEU D 21 4.71 -26.19 18.99
N LEU D 22 4.17 -26.19 20.20
CA LEU D 22 3.48 -27.34 20.74
C LEU D 22 2.02 -27.43 20.31
N LEU D 23 1.47 -26.37 19.75
CA LEU D 23 0.07 -26.36 19.36
C LEU D 23 -0.15 -27.21 18.12
N TRP D 24 -1.26 -27.95 18.11
CA TRP D 24 -1.63 -28.80 16.98
C TRP D 24 -2.72 -28.17 16.11
N ARG D 25 -3.79 -27.68 16.73
CA ARG D 25 -4.86 -27.05 15.96
C ARG D 25 -4.34 -25.80 15.26
N GLY D 26 -4.68 -25.66 13.98
CA GLY D 26 -4.20 -24.53 13.21
C GLY D 26 -2.70 -24.47 13.09
N SER D 27 -2.04 -25.62 13.01
CA SER D 27 -0.58 -25.70 13.01
C SER D 27 -0.06 -26.13 11.65
N ILE D 28 1.24 -25.90 11.44
CA ILE D 28 1.88 -26.33 10.21
C ILE D 28 1.96 -27.84 10.14
N TYR D 29 2.18 -28.51 11.27
CA TYR D 29 2.23 -29.96 11.27
C TYR D 29 0.91 -30.55 10.79
N LYS D 30 -0.21 -30.04 11.31
CA LYS D 30 -1.51 -30.57 10.92
C LYS D 30 -1.73 -30.44 9.41
N LEU D 31 -1.24 -29.35 8.82
CA LEU D 31 -1.45 -29.10 7.40
C LEU D 31 -0.45 -29.82 6.51
N LEU D 32 0.70 -30.22 7.04
CA LEU D 32 1.79 -30.67 6.19
C LEU D 32 2.35 -32.06 6.52
N TRP D 33 1.84 -32.74 7.55
CA TRP D 33 2.45 -34.01 7.93
C TRP D 33 2.24 -35.07 6.87
N ARG D 34 1.06 -35.10 6.24
CA ARG D 34 0.82 -36.07 5.18
C ARG D 34 1.75 -35.85 4.00
N GLU D 35 1.90 -34.59 3.58
CA GLU D 35 2.78 -34.29 2.45
C GLU D 35 4.22 -34.60 2.78
N LEU D 36 4.67 -34.29 3.99
CA LEU D 36 6.02 -34.63 4.39
C LEU D 36 6.23 -36.14 4.41
N LEU D 37 5.23 -36.88 4.91
CA LEU D 37 5.35 -38.33 4.92
C LEU D 37 5.45 -38.89 3.52
N CYS D 38 4.64 -38.38 2.59
CA CYS D 38 4.72 -38.86 1.21
C CYS D 38 6.07 -38.52 0.58
N PHE D 39 6.57 -37.30 0.83
CA PHE D 39 7.88 -36.91 0.29
C PHE D 39 8.97 -37.82 0.81
N LEU D 40 8.97 -38.09 2.12
CA LEU D 40 9.95 -38.98 2.70
C LEU D 40 9.79 -40.40 2.18
N GLY D 41 8.54 -40.83 1.92
CA GLY D 41 8.33 -42.15 1.37
C GLY D 41 8.93 -42.31 -0.01
N PHE D 42 8.79 -41.33 -0.89
CA PHE D 42 9.30 -41.50 -2.26
C PHE D 42 10.81 -41.38 -2.26
N TYR D 43 11.37 -40.62 -1.32
CA TYR D 43 12.84 -40.47 -1.19
C TYR D 43 13.45 -41.77 -0.75
N MET D 44 12.87 -42.39 0.25
CA MET D 44 13.39 -43.66 0.78
C MET D 44 13.14 -44.76 -0.26
N ALA D 45 12.02 -44.73 -0.95
CA ALA D 45 11.87 -45.71 -2.01
C ALA D 45 13.00 -45.59 -3.02
N LEU D 46 13.32 -44.36 -3.43
CA LEU D 46 14.44 -44.16 -4.34
C LEU D 46 15.75 -44.59 -3.70
N SER D 47 15.94 -44.27 -2.42
CA SER D 47 17.17 -44.66 -1.73
C SER D 47 17.31 -46.17 -1.66
N ALA D 48 16.23 -46.88 -1.32
CA ALA D 48 16.27 -48.32 -1.25
C ALA D 48 16.55 -48.93 -2.61
N ALA D 49 15.93 -48.39 -3.66
CA ALA D 49 16.23 -48.85 -5.01
C ALA D 49 17.71 -48.68 -5.33
N TYR D 50 18.23 -47.47 -5.10
CA TYR D 50 19.63 -47.20 -5.42
C TYR D 50 20.58 -48.08 -4.59
N ARG D 51 20.18 -48.45 -3.38
CA ARG D 51 21.07 -49.19 -2.49
C ARG D 51 21.04 -50.69 -2.74
N PHE D 52 19.86 -51.26 -3.02
CA PHE D 52 19.72 -52.72 -3.05
C PHE D 52 19.13 -53.26 -4.34
N VAL D 53 19.02 -52.44 -5.39
CA VAL D 53 18.41 -52.91 -6.63
C VAL D 53 19.36 -52.68 -7.81
N LEU D 54 19.77 -51.43 -8.00
CA LEU D 54 20.56 -51.08 -9.17
C LEU D 54 21.91 -51.80 -9.14
N THR D 55 22.39 -52.16 -10.32
CA THR D 55 23.70 -52.76 -10.48
C THR D 55 24.79 -51.69 -10.43
N GLU D 56 26.04 -52.10 -10.56
CA GLU D 56 27.14 -51.16 -10.48
C GLU D 56 27.05 -50.09 -11.57
N GLY D 57 26.81 -50.52 -12.81
CA GLY D 57 26.67 -49.54 -13.89
C GLY D 57 25.43 -48.67 -13.72
N GLN D 58 24.31 -49.29 -13.35
CA GLN D 58 23.12 -48.51 -13.07
C GLN D 58 23.36 -47.56 -11.91
N LYS D 59 24.12 -48.00 -10.89
CA LYS D 59 24.45 -47.11 -9.78
C LYS D 59 25.27 -45.92 -10.25
N ARG D 60 26.27 -46.16 -11.12
CA ARG D 60 27.08 -45.05 -11.61
C ARG D 60 26.24 -44.07 -12.41
N TYR D 61 25.36 -44.58 -13.28
CA TYR D 61 24.50 -43.69 -14.05
C TYR D 61 23.57 -42.90 -13.13
N PHE D 62 23.02 -43.56 -12.11
CA PHE D 62 22.13 -42.87 -11.19
C PHE D 62 22.90 -41.80 -10.43
N GLU D 63 24.17 -42.05 -10.10
CA GLU D 63 24.96 -41.03 -9.43
C GLU D 63 25.22 -39.83 -10.33
N LYS D 64 25.51 -40.08 -11.61
CA LYS D 64 25.67 -38.95 -12.54
C LYS D 64 24.38 -38.15 -12.64
N LEU D 65 23.25 -38.84 -12.75
CA LEU D 65 21.96 -38.15 -12.82
C LEU D 65 21.69 -37.37 -11.54
N VAL D 66 22.06 -37.94 -10.39
CA VAL D 66 21.86 -37.28 -9.11
C VAL D 66 22.65 -35.98 -9.05
N ILE D 67 23.91 -36.02 -9.43
CA ILE D 67 24.80 -34.82 -9.34
C ILE D 67 24.33 -33.72 -10.30
N TYR D 68 23.73 -34.05 -11.44
CA TYR D 68 23.18 -33.07 -12.40
C TYR D 68 21.91 -32.45 -11.83
N CYS D 69 20.93 -33.27 -11.54
CA CYS D 69 19.68 -32.77 -10.92
C CYS D 69 20.03 -31.96 -9.67
N ASP D 70 21.16 -32.21 -9.01
CA ASP D 70 21.53 -31.38 -7.84
C ASP D 70 21.96 -29.98 -8.24
N GLN D 71 22.78 -29.84 -9.29
CA GLN D 71 23.34 -28.51 -9.65
C GLN D 71 22.41 -27.63 -10.52
N TYR D 72 21.30 -28.17 -11.04
CA TYR D 72 20.44 -27.39 -11.95
C TYR D 72 19.04 -27.25 -11.39
N ALA D 73 18.69 -28.11 -10.43
CA ALA D 73 17.36 -28.00 -9.78
C ALA D 73 17.21 -26.57 -9.26
N SER D 74 18.32 -25.84 -9.20
CA SER D 74 18.28 -24.46 -8.68
C SER D 74 17.82 -23.48 -9.75
N LEU D 75 17.65 -23.92 -11.00
CA LEU D 75 17.17 -23.05 -12.09
C LEU D 75 15.65 -22.87 -11.94
N ILE D 76 15.01 -23.70 -11.13
CA ILE D 76 13.55 -23.52 -10.89
C ILE D 76 13.37 -22.36 -9.92
N PRO D 77 12.80 -21.22 -10.33
CA PRO D 77 12.66 -20.06 -9.45
C PRO D 77 11.59 -20.25 -8.38
N VAL D 78 11.84 -21.17 -7.45
CA VAL D 78 10.84 -21.48 -6.43
C VAL D 78 10.59 -20.26 -5.55
N SER D 79 11.66 -19.66 -5.04
CA SER D 79 11.50 -18.57 -4.08
C SER D 79 10.81 -17.37 -4.71
N PHE D 80 11.16 -17.03 -5.95
CA PHE D 80 10.62 -15.83 -6.59
C PHE D 80 9.11 -15.94 -6.77
N VAL D 81 8.65 -16.97 -7.49
CA VAL D 81 7.24 -17.17 -7.73
C VAL D 81 6.50 -17.40 -6.42
N LEU D 82 7.09 -18.18 -5.52
CA LEU D 82 6.43 -18.49 -4.26
C LEU D 82 6.22 -17.23 -3.43
N GLY D 83 7.22 -16.35 -3.36
CA GLY D 83 7.08 -15.14 -2.59
C GLY D 83 6.03 -14.21 -3.17
N PHE D 84 6.06 -14.04 -4.50
CA PHE D 84 5.03 -13.20 -5.13
C PHE D 84 3.64 -13.74 -4.81
N TYR D 85 3.45 -15.06 -5.00
CA TYR D 85 2.15 -15.67 -4.79
C TYR D 85 1.69 -15.54 -3.34
N VAL D 86 2.59 -15.78 -2.40
CA VAL D 86 2.21 -15.74 -0.99
C VAL D 86 1.87 -14.32 -0.56
N THR D 87 2.62 -13.34 -1.05
CA THR D 87 2.29 -11.95 -0.73
C THR D 87 0.91 -11.59 -1.26
N LEU D 88 0.64 -11.96 -2.51
CA LEU D 88 -0.68 -11.69 -3.08
C LEU D 88 -1.78 -12.34 -2.26
N VAL D 89 -1.58 -13.61 -1.88
CA VAL D 89 -2.60 -14.34 -1.14
C VAL D 89 -2.83 -13.72 0.23
N VAL D 90 -1.76 -13.31 0.91
CA VAL D 90 -1.91 -12.75 2.26
C VAL D 90 -2.62 -11.40 2.20
N ASN D 91 -2.26 -10.56 1.23
CA ASN D 91 -2.96 -9.29 1.08
C ASN D 91 -4.44 -9.52 0.82
N ARG D 92 -4.77 -10.46 -0.07
CA ARG D 92 -6.17 -10.78 -0.33
C ARG D 92 -6.85 -11.32 0.91
N TRP D 93 -6.14 -12.12 1.70
CA TRP D 93 -6.71 -12.69 2.92
C TRP D 93 -7.15 -11.59 3.88
N TRP D 94 -6.25 -10.65 4.15
CA TRP D 94 -6.60 -9.57 5.07
C TRP D 94 -7.71 -8.68 4.50
N SER D 95 -7.64 -8.37 3.20
CA SER D 95 -8.69 -7.56 2.60
C SER D 95 -10.05 -8.25 2.68
N GLN D 96 -10.08 -9.56 2.43
CA GLN D 96 -11.32 -10.31 2.52
C GLN D 96 -11.86 -10.31 3.94
N TYR D 97 -10.99 -10.47 4.94
CA TYR D 97 -11.49 -10.38 6.30
C TYR D 97 -12.08 -9.00 6.59
N LEU D 98 -11.40 -7.94 6.14
CA LEU D 98 -11.93 -6.60 6.35
C LEU D 98 -13.22 -6.36 5.56
N CYS D 99 -13.49 -7.16 4.54
CA CYS D 99 -14.70 -7.00 3.74
C CYS D 99 -15.92 -7.70 4.33
N MET D 100 -15.78 -8.38 5.45
CA MET D 100 -16.93 -9.05 6.05
C MET D 100 -17.86 -8.02 6.68
N PRO D 101 -19.12 -7.96 6.29
CA PRO D 101 -20.02 -6.92 6.83
C PRO D 101 -20.25 -7.09 8.33
N LEU D 102 -20.37 -5.96 9.02
CA LEU D 102 -20.72 -5.93 10.43
C LEU D 102 -21.79 -4.89 10.66
N PRO D 103 -22.75 -5.17 11.54
CA PRO D 103 -23.87 -4.24 11.76
C PRO D 103 -23.63 -3.17 12.81
N ASP D 104 -22.42 -3.08 13.39
CA ASP D 104 -22.21 -2.20 14.52
C ASP D 104 -22.51 -0.75 14.17
N ALA D 105 -21.98 -0.27 13.05
CA ALA D 105 -22.26 1.10 12.63
C ALA D 105 -23.75 1.27 12.33
N LEU D 106 -24.32 0.33 11.58
CA LEU D 106 -25.75 0.39 11.28
C LEU D 106 -26.58 0.28 12.54
N MET D 107 -26.17 -0.58 13.48
CA MET D 107 -26.95 -0.75 14.70
C MET D 107 -26.92 0.51 15.56
N CYS D 108 -25.76 1.16 15.64
CA CYS D 108 -25.70 2.44 16.36
C CYS D 108 -26.58 3.49 15.68
N VAL D 109 -26.51 3.58 14.36
CA VAL D 109 -27.32 4.57 13.65
C VAL D 109 -28.81 4.28 13.85
N VAL D 110 -29.20 3.01 13.80
CA VAL D 110 -30.61 2.64 13.93
C VAL D 110 -31.10 2.91 15.35
N ALA D 111 -30.25 2.63 16.34
CA ALA D 111 -30.62 2.93 17.73
C ALA D 111 -30.80 4.43 17.93
N GLY D 112 -29.93 5.24 17.31
CA GLY D 112 -30.04 6.66 17.48
C GLY D 112 -30.98 7.40 16.55
N THR D 113 -31.53 6.73 15.54
CA THR D 113 -32.29 7.44 14.50
C THR D 113 -33.71 6.92 14.32
N VAL D 114 -33.92 5.61 14.41
CA VAL D 114 -35.27 5.03 14.27
C VAL D 114 -35.90 5.00 15.66
N HIS D 115 -37.02 5.69 15.82
CA HIS D 115 -37.55 6.01 17.12
C HIS D 115 -38.87 5.30 17.38
N GLY D 116 -39.24 5.27 18.66
CA GLY D 116 -40.48 4.64 19.08
C GLY D 116 -40.24 3.55 20.11
N ARG D 117 -40.82 3.72 21.30
CA ARG D 117 -40.77 2.67 22.31
C ARG D 117 -41.88 1.64 22.12
N ASP D 118 -42.86 1.91 21.26
CA ASP D 118 -43.97 1.00 21.05
C ASP D 118 -43.54 -0.18 20.18
N ASP D 119 -44.50 -1.03 19.84
CA ASP D 119 -44.20 -2.22 19.07
C ASP D 119 -43.80 -1.88 17.64
N ARG D 120 -44.35 -0.79 17.09
CA ARG D 120 -44.02 -0.43 15.71
C ARG D 120 -42.56 -0.02 15.56
N GLY D 121 -42.05 0.79 16.51
CA GLY D 121 -40.65 1.16 16.47
C GLY D 121 -39.73 -0.03 16.67
N ARG D 122 -40.10 -0.92 17.60
CA ARG D 122 -39.36 -2.17 17.77
C ARG D 122 -39.31 -2.93 16.46
N LEU D 123 -40.46 -3.05 15.79
CA LEU D 123 -40.51 -3.76 14.52
C LEU D 123 -39.61 -3.11 13.48
N TYR D 124 -39.66 -1.79 13.37
CA TYR D 124 -38.80 -1.09 12.41
C TYR D 124 -37.34 -1.38 12.66
N ARG D 125 -36.89 -1.18 13.89
CA ARG D 125 -35.47 -1.36 14.21
C ARG D 125 -35.03 -2.80 14.00
N ARG D 126 -35.83 -3.75 14.49
CA ARG D 126 -35.49 -5.16 14.35
C ARG D 126 -35.48 -5.57 12.89
N THR D 127 -36.44 -5.08 12.09
CA THR D 127 -36.50 -5.44 10.69
C THR D 127 -35.32 -4.88 9.92
N LEU D 128 -34.90 -3.65 10.22
CA LEU D 128 -33.72 -3.10 9.54
C LEU D 128 -32.47 -3.89 9.89
N MET D 129 -32.28 -4.18 11.18
CA MET D 129 -31.11 -4.95 11.57
C MET D 129 -31.15 -6.35 10.95
N ARG D 130 -32.34 -6.94 10.87
CA ARG D 130 -32.47 -8.27 10.29
C ARG D 130 -32.27 -8.25 8.77
N TYR D 131 -32.66 -7.17 8.10
CA TYR D 131 -32.36 -7.06 6.67
C TYR D 131 -30.86 -7.01 6.44
N ALA D 132 -30.15 -6.24 7.25
CA ALA D 132 -28.68 -6.22 7.14
C ALA D 132 -28.11 -7.61 7.40
N GLY D 133 -28.57 -8.27 8.47
CA GLY D 133 -28.07 -9.60 8.77
C GLY D 133 -28.39 -10.61 7.70
N LEU D 134 -29.56 -10.47 7.06
CA LEU D 134 -29.95 -11.39 6.00
C LEU D 134 -29.11 -11.18 4.75
N SER D 135 -28.80 -9.93 4.41
CA SER D 135 -27.86 -9.70 3.32
C SER D 135 -26.52 -10.35 3.61
N ALA D 136 -26.04 -10.18 4.84
CA ALA D 136 -24.77 -10.80 5.21
C ALA D 136 -24.85 -12.32 5.09
N VAL D 137 -25.95 -12.91 5.55
CA VAL D 137 -26.10 -14.37 5.51
C VAL D 137 -26.16 -14.86 4.07
N LEU D 138 -26.92 -14.18 3.21
CA LEU D 138 -27.02 -14.60 1.82
C LEU D 138 -25.66 -14.56 1.14
N ILE D 139 -24.92 -13.46 1.31
CA ILE D 139 -23.61 -13.38 0.69
C ILE D 139 -22.68 -14.44 1.26
N LEU D 140 -22.73 -14.65 2.57
CA LEU D 140 -21.81 -15.61 3.19
C LEU D 140 -22.09 -17.02 2.73
N ARG D 141 -23.35 -17.43 2.66
CA ARG D 141 -23.68 -18.75 2.13
C ARG D 141 -23.35 -18.86 0.65
N SER D 142 -23.34 -17.74 -0.07
CA SER D 142 -22.86 -17.77 -1.44
C SER D 142 -21.35 -18.01 -1.49
N VAL D 143 -20.60 -17.46 -0.54
CA VAL D 143 -19.14 -17.49 -0.61
C VAL D 143 -18.50 -18.41 0.41
N SER D 144 -19.21 -18.83 1.45
CA SER D 144 -18.63 -19.62 2.53
C SER D 144 -19.20 -21.04 2.49
N THR D 145 -18.30 -22.03 2.47
CA THR D 145 -18.75 -23.42 2.48
C THR D 145 -19.36 -23.79 3.82
N ALA D 146 -18.79 -23.29 4.92
CA ALA D 146 -19.35 -23.58 6.24
C ALA D 146 -20.74 -23.00 6.40
N VAL D 147 -20.93 -21.75 5.98
CA VAL D 147 -22.25 -21.13 6.09
C VAL D 147 -23.26 -21.85 5.21
N PHE D 148 -22.85 -22.22 3.99
CA PHE D 148 -23.74 -22.97 3.12
C PHE D 148 -24.12 -24.31 3.73
N LYS D 149 -23.16 -24.99 4.35
CA LYS D 149 -23.49 -26.22 5.07
C LYS D 149 -24.47 -25.95 6.20
N ARG D 150 -24.37 -24.78 6.83
CA ARG D 150 -25.35 -24.41 7.85
C ARG D 150 -26.68 -23.98 7.25
N PHE D 151 -26.67 -23.37 6.06
CA PHE D 151 -27.88 -22.90 5.39
C PHE D 151 -27.90 -23.46 3.97
N PRO D 152 -28.07 -24.77 3.82
CA PRO D 152 -28.02 -25.35 2.47
C PRO D 152 -29.13 -24.89 1.56
N THR D 153 -30.22 -24.35 2.10
CA THR D 153 -31.34 -23.89 1.30
C THR D 153 -31.88 -22.60 1.91
N ILE D 154 -32.66 -21.86 1.11
CA ILE D 154 -33.31 -20.66 1.62
C ILE D 154 -34.32 -21.01 2.70
N ASP D 155 -34.83 -22.25 2.69
CA ASP D 155 -35.73 -22.68 3.75
C ASP D 155 -35.02 -22.70 5.09
N HIS D 156 -33.74 -23.07 5.10
CA HIS D 156 -32.95 -23.01 6.33
C HIS D 156 -32.83 -21.57 6.81
N VAL D 157 -32.62 -20.63 5.87
CA VAL D 157 -32.56 -19.22 6.24
C VAL D 157 -33.88 -18.79 6.87
N VAL D 158 -35.00 -19.24 6.28
CA VAL D 158 -36.31 -18.88 6.84
C VAL D 158 -36.47 -19.44 8.24
N GLU D 159 -36.06 -20.70 8.45
CA GLU D 159 -36.23 -21.33 9.75
C GLU D 159 -35.29 -20.78 10.81
N ALA D 160 -34.23 -20.09 10.41
CA ALA D 160 -33.32 -19.47 11.36
C ALA D 160 -33.79 -18.10 11.82
N GLY D 161 -34.90 -17.61 11.30
CA GLY D 161 -35.42 -16.31 11.66
C GLY D 161 -34.87 -15.15 10.86
N PHE D 162 -33.97 -15.41 9.91
CA PHE D 162 -33.42 -14.33 9.09
C PHE D 162 -34.42 -13.87 8.04
N MET D 163 -35.16 -14.78 7.45
CA MET D 163 -36.18 -14.46 6.46
C MET D 163 -37.54 -14.96 6.94
N THR D 164 -38.57 -14.16 6.73
CA THR D 164 -39.93 -14.59 6.99
C THR D 164 -40.49 -15.33 5.78
N ARG D 165 -41.64 -15.97 5.97
CA ARG D 165 -42.27 -16.68 4.87
C ARG D 165 -42.71 -15.74 3.76
N GLU D 166 -43.32 -14.61 4.12
CA GLU D 166 -43.71 -13.62 3.11
C GLU D 166 -42.48 -13.06 2.41
N GLU D 167 -41.43 -12.77 3.18
CA GLU D 167 -40.19 -12.31 2.58
C GLU D 167 -39.60 -13.38 1.67
N ARG D 168 -39.74 -14.65 2.04
CA ARG D 168 -39.27 -15.72 1.18
C ARG D 168 -40.05 -15.76 -0.14
N LYS D 169 -41.36 -15.55 -0.07
CA LYS D 169 -42.16 -15.50 -1.29
C LYS D 169 -41.72 -14.35 -2.18
N LYS D 170 -41.51 -13.17 -1.59
CA LYS D 170 -41.04 -12.03 -2.38
C LYS D 170 -39.65 -12.31 -2.98
N PHE D 171 -38.78 -12.93 -2.19
CA PHE D 171 -37.43 -13.23 -2.65
C PHE D 171 -37.44 -14.20 -3.81
N GLU D 172 -38.27 -15.24 -3.74
CA GLU D 172 -38.30 -16.24 -4.81
C GLU D 172 -39.02 -15.72 -6.05
N ASN D 173 -40.07 -14.91 -5.87
CA ASN D 173 -40.81 -14.41 -7.01
C ASN D 173 -40.03 -13.38 -7.83
N LEU D 174 -38.91 -12.89 -7.33
CA LEU D 174 -38.11 -11.92 -8.07
C LEU D 174 -37.44 -12.62 -9.24
N ASN D 175 -37.68 -12.12 -10.45
CA ASN D 175 -37.19 -12.74 -11.68
C ASN D 175 -35.76 -12.28 -11.91
N SER D 176 -34.80 -13.01 -11.35
CA SER D 176 -33.39 -12.69 -11.52
C SER D 176 -32.59 -13.99 -11.55
N SER D 177 -31.62 -14.05 -12.44
CA SER D 177 -30.74 -15.20 -12.56
C SER D 177 -29.42 -15.02 -11.83
N TYR D 178 -29.24 -13.91 -11.13
CA TYR D 178 -28.01 -13.61 -10.43
C TYR D 178 -28.23 -13.65 -8.92
N ASN D 179 -27.13 -13.64 -8.18
CA ASN D 179 -27.20 -13.68 -6.72
C ASN D 179 -28.04 -12.52 -6.20
N LYS D 180 -28.96 -12.83 -5.29
CA LYS D 180 -29.93 -11.85 -4.80
C LYS D 180 -29.56 -11.30 -3.42
N TYR D 181 -28.29 -11.40 -3.02
CA TYR D 181 -27.88 -10.90 -1.71
C TYR D 181 -28.21 -9.43 -1.54
N TRP D 182 -28.27 -8.68 -2.64
CA TRP D 182 -28.57 -7.26 -2.59
C TRP D 182 -30.03 -6.98 -2.29
N VAL D 183 -30.91 -7.97 -2.46
CA VAL D 183 -32.34 -7.74 -2.27
C VAL D 183 -32.64 -7.20 -0.88
N PRO D 184 -32.11 -7.77 0.21
CA PRO D 184 -32.38 -7.20 1.53
C PRO D 184 -31.88 -5.77 1.67
N CYS D 185 -30.86 -5.37 0.91
CA CYS D 185 -30.41 -3.97 0.95
C CYS D 185 -31.45 -3.04 0.34
N VAL D 186 -32.07 -3.45 -0.76
CA VAL D 186 -33.15 -2.66 -1.33
C VAL D 186 -34.35 -2.62 -0.40
N TRP D 187 -34.64 -3.76 0.26
CA TRP D 187 -35.68 -3.76 1.28
C TRP D 187 -35.36 -2.78 2.40
N PHE D 188 -34.10 -2.75 2.82
CA PHE D 188 -33.67 -1.81 3.86
C PHE D 188 -33.87 -0.37 3.42
N SER D 189 -33.49 -0.06 2.18
CA SER D 189 -33.67 1.30 1.69
C SER D 189 -35.14 1.69 1.66
N ASN D 190 -35.99 0.79 1.18
CA ASN D 190 -37.43 1.08 1.14
C ASN D 190 -38.00 1.24 2.54
N LEU D 191 -37.58 0.39 3.48
CA LEU D 191 -38.09 0.48 4.84
C LEU D 191 -37.62 1.74 5.54
N ALA D 192 -36.37 2.14 5.29
CA ALA D 192 -35.87 3.40 5.86
C ALA D 192 -36.64 4.59 5.29
N ALA D 193 -36.92 4.57 3.98
CA ALA D 193 -37.74 5.62 3.40
C ALA D 193 -39.12 5.66 4.01
N GLN D 194 -39.72 4.48 4.22
CA GLN D 194 -41.06 4.43 4.83
C GLN D 194 -41.02 4.94 6.26
N ALA D 195 -39.99 4.58 7.03
CA ALA D 195 -39.87 5.07 8.39
C ALA D 195 -39.72 6.57 8.43
N ARG D 196 -38.91 7.13 7.52
CA ARG D 196 -38.79 8.58 7.45
C ARG D 196 -40.11 9.24 7.10
N ARG D 197 -40.85 8.65 6.15
CA ARG D 197 -42.14 9.22 5.76
C ARG D 197 -43.13 9.18 6.92
N GLU D 198 -43.14 8.07 7.66
CA GLU D 198 -44.06 7.89 8.78
C GLU D 198 -43.68 8.70 10.01
N GLY D 199 -42.48 9.28 10.04
CA GLY D 199 -42.03 10.07 11.16
C GLY D 199 -41.18 9.36 12.17
N ARG D 200 -40.94 8.05 12.00
CA ARG D 200 -40.07 7.33 12.92
C ARG D 200 -38.65 7.89 12.86
N ILE D 201 -38.18 8.23 11.66
CA ILE D 201 -36.94 8.97 11.49
C ILE D 201 -37.30 10.44 11.38
N ARG D 202 -36.78 11.25 12.30
CA ARG D 202 -37.29 12.60 12.51
C ARG D 202 -36.70 13.64 11.55
N ASP D 203 -35.64 13.32 10.82
CA ASP D 203 -35.00 14.31 9.98
C ASP D 203 -34.38 13.66 8.77
N ASN D 204 -34.21 14.45 7.71
CA ASN D 204 -33.65 13.95 6.46
C ASN D 204 -32.18 13.59 6.61
N SER D 205 -31.44 14.31 7.46
CA SER D 205 -30.04 13.98 7.69
C SER D 205 -29.90 12.59 8.31
N ALA D 206 -30.80 12.24 9.21
CA ALA D 206 -30.77 10.90 9.80
C ALA D 206 -30.98 9.84 8.73
N LEU D 207 -31.92 10.07 7.81
CA LEU D 207 -32.14 9.12 6.73
C LEU D 207 -30.91 9.03 5.83
N LYS D 208 -30.27 10.16 5.55
CA LYS D 208 -29.06 10.14 4.73
C LYS D 208 -27.96 9.35 5.41
N LEU D 209 -27.80 9.52 6.73
CA LEU D 209 -26.81 8.75 7.47
C LEU D 209 -27.12 7.26 7.43
N LEU D 210 -28.40 6.92 7.60
CA LEU D 210 -28.81 5.52 7.51
C LEU D 210 -28.47 4.94 6.14
N LEU D 211 -28.76 5.69 5.08
CA LEU D 211 -28.49 5.19 3.74
C LEU D 211 -26.99 5.07 3.48
N GLU D 212 -26.19 6.00 4.01
CA GLU D 212 -24.75 5.91 3.84
C GLU D 212 -24.19 4.69 4.54
N GLU D 213 -24.64 4.42 5.77
CA GLU D 213 -24.18 3.23 6.48
C GLU D 213 -24.63 1.96 5.78
N LEU D 214 -25.87 1.95 5.28
CA LEU D 214 -26.35 0.80 4.53
C LEU D 214 -25.53 0.58 3.26
N ASN D 215 -25.14 1.67 2.60
CA ASN D 215 -24.31 1.53 1.40
C ASN D 215 -22.93 0.99 1.75
N VAL D 216 -22.38 1.40 2.89
CA VAL D 216 -21.11 0.83 3.34
C VAL D 216 -21.25 -0.67 3.57
N PHE D 217 -22.33 -1.07 4.25
CA PHE D 217 -22.58 -2.48 4.52
C PHE D 217 -22.73 -3.28 3.22
N ARG D 218 -23.54 -2.76 2.31
CA ARG D 218 -23.77 -3.44 1.04
C ARG D 218 -22.51 -3.49 0.20
N GLY D 219 -21.68 -2.45 0.27
CA GLY D 219 -20.42 -2.49 -0.43
C GLY D 219 -19.49 -3.54 0.12
N LYS D 220 -19.51 -3.74 1.44
CA LYS D 220 -18.74 -4.84 2.02
C LYS D 220 -19.23 -6.19 1.54
N CYS D 221 -20.55 -6.37 1.47
CA CYS D 221 -21.09 -7.62 0.95
C CYS D 221 -20.71 -7.82 -0.51
N GLY D 222 -20.80 -6.77 -1.32
CA GLY D 222 -20.39 -6.87 -2.71
C GLY D 222 -18.92 -7.14 -2.89
N MET D 223 -18.08 -6.58 -2.01
CA MET D 223 -16.66 -6.89 -2.04
C MET D 223 -16.42 -8.35 -1.71
N LEU D 224 -17.17 -8.90 -0.76
CA LEU D 224 -17.10 -10.33 -0.50
C LEU D 224 -17.43 -11.12 -1.76
N PHE D 225 -18.50 -10.72 -2.45
CA PHE D 225 -18.89 -11.41 -3.68
C PHE D 225 -17.79 -11.31 -4.74
N HIS D 226 -17.20 -10.13 -4.90
CA HIS D 226 -16.17 -9.93 -5.92
C HIS D 226 -14.92 -10.76 -5.60
N TYR D 227 -14.53 -10.81 -4.33
CA TYR D 227 -13.38 -11.63 -3.94
C TYR D 227 -13.67 -13.10 -4.20
N ASP D 228 -14.89 -13.55 -3.91
CA ASP D 228 -15.24 -14.94 -4.21
C ASP D 228 -15.19 -15.21 -5.72
N TRP D 229 -15.71 -14.28 -6.52
CA TRP D 229 -15.77 -14.48 -7.96
C TRP D 229 -14.39 -14.37 -8.60
N ILE D 230 -13.68 -13.28 -8.34
CA ILE D 230 -12.39 -13.01 -8.97
C ILE D 230 -11.33 -13.70 -8.13
N SER D 231 -11.11 -14.98 -8.43
CA SER D 231 -10.08 -15.72 -7.73
C SER D 231 -8.70 -15.21 -8.11
N VAL D 232 -7.70 -15.60 -7.31
CA VAL D 232 -6.32 -15.36 -7.75
C VAL D 232 -6.13 -16.04 -9.09
N PRO D 233 -5.52 -15.37 -10.08
CA PRO D 233 -5.46 -15.95 -11.42
C PRO D 233 -4.97 -17.39 -11.39
N LEU D 234 -5.74 -18.28 -12.03
CA LEU D 234 -5.40 -19.70 -12.00
C LEU D 234 -4.02 -19.95 -12.58
N VAL D 235 -3.54 -19.08 -13.45
CA VAL D 235 -2.21 -19.24 -14.02
C VAL D 235 -1.16 -19.20 -12.92
N TYR D 236 -1.28 -18.26 -11.99
CA TYR D 236 -0.34 -18.17 -10.88
C TYR D 236 -0.40 -19.40 -10.00
N THR D 237 -1.61 -19.86 -9.68
CA THR D 237 -1.75 -21.06 -8.86
C THR D 237 -1.07 -22.26 -9.53
N GLN D 238 -1.35 -22.46 -10.82
CA GLN D 238 -0.76 -23.59 -11.53
C GLN D 238 0.77 -23.45 -11.59
N VAL D 239 1.26 -22.24 -11.83
CA VAL D 239 2.70 -22.04 -11.95
C VAL D 239 3.39 -22.34 -10.62
N VAL D 240 2.83 -21.84 -9.52
CA VAL D 240 3.45 -22.06 -8.21
CA VAL D 240 3.44 -22.06 -8.21
C VAL D 240 3.41 -23.54 -7.86
N THR D 241 2.27 -24.20 -8.10
CA THR D 241 2.18 -25.62 -7.80
C THR D 241 3.19 -26.43 -8.61
N ILE D 242 3.31 -26.10 -9.90
CA ILE D 242 4.24 -26.83 -10.76
C ILE D 242 5.67 -26.56 -10.34
N ALA D 243 5.97 -25.32 -9.95
CA ALA D 243 7.31 -24.99 -9.48
C ALA D 243 7.67 -25.80 -8.24
N LEU D 244 6.76 -25.85 -7.27
CA LEU D 244 7.05 -26.61 -6.05
C LEU D 244 7.22 -28.10 -6.38
N TYR D 245 6.30 -28.66 -7.16
CA TYR D 245 6.36 -30.08 -7.47
C TYR D 245 7.64 -30.43 -8.23
N SER D 246 7.99 -29.61 -9.23
CA SER D 246 9.17 -29.92 -10.04
C SER D 246 10.45 -29.75 -9.22
N TYR D 247 10.53 -28.70 -8.40
CA TYR D 247 11.71 -28.52 -7.57
C TYR D 247 11.87 -29.68 -6.60
N PHE D 248 10.78 -30.12 -5.99
CA PHE D 248 10.90 -31.19 -5.00
C PHE D 248 11.12 -32.54 -5.66
N LEU D 249 10.68 -32.73 -6.91
CA LEU D 249 11.06 -33.94 -7.64
C LEU D 249 12.54 -33.94 -7.97
N ALA D 250 13.05 -32.79 -8.43
CA ALA D 250 14.48 -32.67 -8.67
C ALA D 250 15.27 -32.90 -7.39
N CYS D 251 14.73 -32.46 -6.26
CA CYS D 251 15.41 -32.70 -4.98
C CYS D 251 15.33 -34.16 -4.58
N LEU D 252 14.18 -34.80 -4.81
CA LEU D 252 14.06 -36.23 -4.61
C LEU D 252 15.15 -36.99 -5.35
N ILE D 253 15.61 -36.51 -6.51
CA ILE D 253 16.72 -37.27 -7.19
C ILE D 253 18.10 -36.79 -6.75
N GLY D 254 18.34 -35.49 -6.64
CA GLY D 254 19.69 -34.97 -6.34
C GLY D 254 20.00 -34.78 -4.88
N ARG D 255 19.05 -35.05 -4.01
CA ARG D 255 19.25 -34.97 -2.55
C ARG D 255 19.56 -36.39 -2.09
N GLN D 256 19.64 -37.30 -3.03
CA GLN D 256 20.08 -38.66 -2.69
C GLN D 256 21.51 -38.63 -2.11
N PHE D 257 21.80 -39.56 -1.21
CA PHE D 257 23.14 -39.64 -0.61
C PHE D 257 23.86 -40.74 -1.37
N LEU D 258 24.93 -40.38 -2.05
CA LEU D 258 25.60 -41.36 -2.92
C LEU D 258 26.62 -42.12 -2.08
N ASP D 259 27.06 -43.26 -2.57
CA ASP D 259 28.07 -44.08 -1.90
C ASP D 259 29.36 -43.28 -1.75
N PRO D 260 29.82 -43.02 -0.53
CA PRO D 260 31.04 -42.21 -0.36
C PRO D 260 32.27 -42.85 -0.96
N ALA D 261 32.26 -44.17 -1.19
CA ALA D 261 33.45 -44.84 -1.72
C ALA D 261 33.80 -44.38 -3.13
N GLN D 262 32.86 -43.79 -3.85
CA GLN D 262 33.13 -43.33 -5.21
C GLN D 262 33.93 -42.03 -5.25
N GLY D 263 34.10 -41.35 -4.12
CA GLY D 263 34.91 -40.15 -4.08
C GLY D 263 34.30 -38.94 -4.73
N TYR D 264 32.98 -38.93 -4.92
CA TYR D 264 32.32 -37.74 -5.47
C TYR D 264 32.46 -36.58 -4.51
N LYS D 265 32.67 -35.40 -5.06
CA LYS D 265 32.89 -34.21 -4.19
C LYS D 265 31.58 -33.80 -3.53
N ASP D 266 31.59 -33.61 -2.22
CA ASP D 266 30.38 -33.16 -1.46
C ASP D 266 29.56 -34.39 -1.07
N HIS D 267 30.12 -35.58 -1.29
CA HIS D 267 29.41 -36.83 -0.93
C HIS D 267 30.37 -37.70 -0.11
N ASP D 268 30.62 -37.32 1.14
CA ASP D 268 31.52 -38.08 2.04
C ASP D 268 30.73 -38.62 3.23
N LEU D 269 29.66 -37.95 3.61
CA LEU D 269 28.87 -38.37 4.76
C LEU D 269 27.52 -38.85 4.28
N ASP D 270 27.18 -40.10 4.59
CA ASP D 270 25.90 -40.70 4.21
C ASP D 270 25.01 -40.74 5.45
N LEU D 271 24.17 -39.72 5.61
CA LEU D 271 23.26 -39.66 6.74
C LEU D 271 22.06 -40.59 6.59
N CYS D 272 21.74 -41.00 5.37
CA CYS D 272 20.56 -41.85 5.12
C CYS D 272 19.30 -41.00 4.98
N VAL D 273 18.87 -40.34 6.05
CA VAL D 273 17.68 -39.44 5.99
C VAL D 273 18.17 -38.04 5.61
N PRO D 274 17.64 -37.41 4.56
CA PRO D 274 18.09 -36.08 4.12
C PRO D 274 17.41 -34.98 4.95
N ILE D 275 18.04 -34.54 6.04
CA ILE D 275 17.42 -33.51 6.93
C ILE D 275 17.20 -32.18 6.25
N PHE D 276 18.21 -31.64 5.61
CA PHE D 276 18.11 -30.27 5.06
C PHE D 276 17.10 -30.24 3.93
N THR D 277 17.02 -31.27 3.12
CA THR D 277 15.98 -31.32 2.08
C THR D 277 14.62 -31.40 2.74
N LEU D 278 14.47 -32.21 3.79
CA LEU D 278 13.21 -32.36 4.52
C LEU D 278 12.92 -31.03 5.22
N LEU D 279 13.95 -30.36 5.73
CA LEU D 279 13.65 -29.04 6.29
C LEU D 279 13.28 -28.05 5.19
N GLN D 280 14.00 -28.08 4.08
CA GLN D 280 13.68 -27.20 2.97
C GLN D 280 12.30 -27.50 2.40
N PHE D 281 11.98 -28.79 2.25
CA PHE D 281 10.63 -29.16 1.84
C PHE D 281 9.61 -28.67 2.86
N PHE D 282 9.89 -28.86 4.15
CA PHE D 282 9.00 -28.37 5.18
C PHE D 282 8.69 -26.90 4.98
N PHE D 283 9.73 -26.07 4.85
CA PHE D 283 9.53 -24.63 4.78
C PHE D 283 8.80 -24.23 3.50
N TYR D 284 9.24 -24.73 2.34
CA TYR D 284 8.63 -24.27 1.09
C TYR D 284 7.22 -24.82 0.93
N ALA D 285 7.03 -26.13 1.16
CA ALA D 285 5.70 -26.70 1.10
C ALA D 285 4.78 -26.11 2.15
N GLY D 286 5.32 -25.71 3.30
CA GLY D 286 4.52 -25.06 4.31
C GLY D 286 4.07 -23.68 3.88
N TRP D 287 4.96 -22.94 3.21
CA TRP D 287 4.58 -21.67 2.61
C TRP D 287 3.42 -21.89 1.65
N LEU D 288 3.57 -22.87 0.75
CA LEU D 288 2.52 -23.13 -0.22
C LEU D 288 1.23 -23.59 0.45
N LYS D 289 1.33 -24.41 1.50
CA LYS D 289 0.14 -24.91 2.18
C LYS D 289 -0.57 -23.79 2.94
N VAL D 290 0.17 -22.88 3.54
CA VAL D 290 -0.45 -21.71 4.15
C VAL D 290 -1.15 -20.86 3.10
N ALA D 291 -0.53 -20.75 1.91
CA ALA D 291 -1.20 -20.05 0.81
C ALA D 291 -2.49 -20.75 0.43
N GLU D 292 -2.47 -22.09 0.39
CA GLU D 292 -3.69 -22.84 0.08
C GLU D 292 -4.77 -22.60 1.13
N GLN D 293 -4.38 -22.61 2.41
CA GLN D 293 -5.33 -22.38 3.48
C GLN D 293 -5.94 -20.98 3.39
N LEU D 294 -5.11 -19.97 3.14
CA LEU D 294 -5.57 -18.59 3.13
C LEU D 294 -6.22 -18.18 1.81
N ILE D 295 -6.05 -18.97 0.74
CA ILE D 295 -6.56 -18.56 -0.56
C ILE D 295 -8.08 -18.44 -0.52
N ASN D 296 -8.75 -19.35 0.18
CA ASN D 296 -10.18 -19.24 0.47
C ASN D 296 -10.35 -19.26 1.98
N PRO D 297 -10.42 -18.10 2.63
CA PRO D 297 -10.50 -18.07 4.09
C PRO D 297 -11.89 -18.37 4.65
N PHE D 298 -12.85 -18.72 3.81
CA PHE D 298 -14.21 -19.01 4.24
C PHE D 298 -14.52 -20.50 4.21
N GLY D 299 -13.52 -21.36 4.02
CA GLY D 299 -13.73 -22.78 4.08
C GLY D 299 -13.87 -23.27 5.51
N GLU D 300 -13.37 -24.48 5.78
CA GLU D 300 -13.45 -25.06 7.12
C GLU D 300 -12.08 -25.43 7.66
N ASP D 301 -11.04 -24.74 7.20
CA ASP D 301 -9.74 -24.91 7.81
C ASP D 301 -9.76 -24.41 9.26
N ASP D 302 -8.81 -24.90 10.05
CA ASP D 302 -8.75 -24.51 11.45
C ASP D 302 -8.54 -23.00 11.59
N ASP D 303 -7.73 -22.41 10.71
CA ASP D 303 -7.40 -21.00 10.77
C ASP D 303 -8.30 -20.15 9.89
N ASP D 304 -9.32 -20.74 9.26
CA ASP D 304 -10.26 -19.97 8.47
C ASP D 304 -11.16 -19.14 9.36
N PHE D 305 -11.85 -18.19 8.75
CA PHE D 305 -12.68 -17.26 9.51
C PHE D 305 -13.86 -17.99 10.14
N GLU D 306 -14.25 -17.54 11.34
CA GLU D 306 -15.39 -18.09 12.06
C GLU D 306 -16.67 -17.41 11.57
N THR D 307 -17.06 -17.75 10.35
CA THR D 307 -18.19 -17.08 9.72
C THR D 307 -19.49 -17.33 10.47
N ASN D 308 -19.72 -18.57 10.92
CA ASN D 308 -20.95 -18.86 11.64
C ASN D 308 -20.98 -18.18 13.00
N PHE D 309 -19.85 -18.20 13.71
CA PHE D 309 -19.76 -17.47 14.96
C PHE D 309 -20.03 -15.99 14.75
N LEU D 310 -19.46 -15.41 13.68
CA LEU D 310 -19.68 -14.01 13.39
C LEU D 310 -21.15 -13.74 13.07
N ILE D 311 -21.79 -14.65 12.33
CA ILE D 311 -23.21 -14.48 12.02
C ILE D 311 -24.02 -14.42 13.31
N ASP D 312 -23.80 -15.40 14.19
CA ASP D 312 -24.56 -15.45 15.43
C ASP D 312 -24.30 -14.21 16.29
N ARG D 313 -23.02 -13.83 16.42
CA ARG D 313 -22.68 -12.67 17.23
C ARG D 313 -23.30 -11.41 16.67
N ASN D 314 -23.22 -11.21 15.36
CA ASN D 314 -23.77 -10.01 14.74
C ASN D 314 -25.28 -9.94 14.95
N PHE D 315 -25.97 -11.06 14.73
CA PHE D 315 -27.42 -11.06 14.91
C PHE D 315 -27.79 -10.73 16.35
N GLN D 316 -27.16 -11.42 17.31
CA GLN D 316 -27.49 -11.21 18.71
C GLN D 316 -27.20 -9.78 19.13
N VAL D 317 -26.03 -9.25 18.75
CA VAL D 317 -25.63 -7.93 19.17
C VAL D 317 -26.52 -6.86 18.54
N SER D 318 -26.85 -7.02 17.26
CA SER D 318 -27.72 -6.05 16.60
C SER D 318 -29.09 -6.03 17.24
N MET D 319 -29.67 -7.22 17.50
CA MET D 319 -30.96 -7.26 18.15
C MET D 319 -30.92 -6.62 19.52
N LEU D 320 -29.89 -6.93 20.31
CA LEU D 320 -29.75 -6.32 21.62
C LEU D 320 -29.69 -4.81 21.52
N ALA D 321 -28.81 -4.31 20.65
CA ALA D 321 -28.58 -2.87 20.56
C ALA D 321 -29.83 -2.13 20.11
N VAL D 322 -30.57 -2.68 19.14
CA VAL D 322 -31.69 -1.94 18.58
C VAL D 322 -33.02 -2.24 19.27
N ASP D 323 -33.07 -3.23 20.15
CA ASP D 323 -34.32 -3.57 20.84
C ASP D 323 -34.22 -3.32 22.34
N GLU D 324 -33.25 -3.94 23.01
CA GLU D 324 -33.22 -3.88 24.47
C GLU D 324 -32.57 -2.60 24.97
N MET D 325 -31.54 -2.12 24.28
CA MET D 325 -30.81 -0.94 24.70
C MET D 325 -31.31 0.35 24.05
N TYR D 326 -32.38 0.28 23.27
CA TYR D 326 -32.95 1.51 22.72
C TYR D 326 -33.58 2.33 23.84
N ASP D 327 -33.22 3.61 23.90
CA ASP D 327 -33.80 4.56 24.85
C ASP D 327 -33.83 3.97 26.25
N ASP D 328 -32.71 3.35 26.65
CA ASP D 328 -32.58 2.69 27.94
C ASP D 328 -31.31 3.16 28.64
N LEU D 329 -31.10 4.47 28.65
CA LEU D 329 -29.93 5.04 29.28
C LEU D 329 -30.11 5.11 30.80
N ALA D 330 -28.99 5.11 31.50
CA ALA D 330 -29.00 5.42 32.93
C ALA D 330 -29.11 6.93 33.11
N VAL D 331 -29.89 7.35 34.10
CA VAL D 331 -30.13 8.77 34.32
C VAL D 331 -28.79 9.50 34.40
N LEU D 332 -28.73 10.67 33.79
CA LEU D 332 -27.50 11.46 33.80
C LEU D 332 -27.02 11.69 35.22
N GLU D 333 -25.87 11.12 35.56
CA GLU D 333 -25.30 11.21 36.89
C GLU D 333 -23.91 11.83 36.81
N LYS D 334 -23.62 12.72 37.76
CA LYS D 334 -22.29 13.31 37.83
C LYS D 334 -21.24 12.23 38.03
N ASP D 335 -20.14 12.34 37.30
CA ASP D 335 -19.09 11.33 37.34
C ASP D 335 -18.18 11.56 38.54
N LEU D 336 -17.14 10.73 38.64
CA LEU D 336 -16.23 10.82 39.77
C LEU D 336 -15.51 12.18 39.80
N TYR D 337 -15.06 12.65 38.64
CA TYR D 337 -14.24 13.85 38.55
C TYR D 337 -15.05 15.09 38.16
N TRP D 338 -16.30 15.19 38.63
CA TRP D 338 -17.12 16.33 38.31
C TRP D 338 -16.48 17.63 38.82
N ASP D 339 -16.00 17.62 40.06
CA ASP D 339 -15.44 18.81 40.68
C ASP D 339 -13.92 18.88 40.59
N ALA D 340 -13.27 17.81 40.15
CA ALA D 340 -11.82 17.79 40.06
C ALA D 340 -11.31 18.78 39.03
N TYR D 347 -4.49 3.04 38.67
CA TYR D 347 -3.41 2.08 38.47
C TYR D 347 -3.37 1.06 39.61
N THR D 348 -3.11 -0.19 39.28
CA THR D 348 -3.02 -1.24 40.29
C THR D 348 -1.58 -1.46 40.73
N PHE D 360 4.61 12.71 27.93
CA PHE D 360 5.32 13.07 26.71
C PHE D 360 4.69 14.28 26.03
N GLN D 361 5.52 15.23 25.62
CA GLN D 361 5.07 16.44 24.96
C GLN D 361 5.60 16.58 23.55
N GLY D 362 6.90 16.35 23.36
CA GLY D 362 7.48 16.44 22.04
C GLY D 362 8.98 16.23 22.12
N SER D 363 9.55 15.91 20.96
CA SER D 363 11.00 15.69 20.90
C SER D 363 11.77 16.96 21.23
N THR D 364 11.33 18.10 20.71
CA THR D 364 12.03 19.36 20.95
C THR D 364 11.97 19.79 22.40
N PHE D 365 11.04 19.26 23.18
CA PHE D 365 10.92 19.63 24.59
C PHE D 365 11.89 18.83 25.45
N THR E 2 6.57 2.57 24.96
CA THR E 2 7.19 3.29 23.84
C THR E 2 8.48 3.97 24.26
N VAL E 3 9.56 3.68 23.53
CA VAL E 3 10.85 4.31 23.75
C VAL E 3 11.05 5.31 22.61
N THR E 4 11.12 6.60 22.96
CA THR E 4 11.17 7.67 21.98
C THR E 4 12.60 8.20 21.86
N TYR E 5 13.07 8.32 20.62
CA TYR E 5 14.38 8.91 20.35
C TYR E 5 14.33 9.83 19.14
N THR E 6 13.18 10.42 18.83
CA THR E 6 13.06 11.24 17.62
C THR E 6 13.94 12.48 17.70
N ALA E 7 14.00 13.11 18.88
CA ALA E 7 14.78 14.33 19.01
C ALA E 7 16.27 14.08 18.83
N ARG E 8 16.76 12.92 19.30
CA ARG E 8 18.17 12.61 19.16
C ARG E 8 18.59 12.40 17.72
N VAL E 9 17.63 12.19 16.81
CA VAL E 9 17.93 11.89 15.42
C VAL E 9 17.37 12.98 14.52
N ALA E 10 17.16 14.17 15.07
CA ALA E 10 16.57 15.25 14.29
C ALA E 10 17.43 15.61 13.10
N ASN E 11 18.74 15.67 13.29
CA ASN E 11 19.68 15.96 12.22
C ASN E 11 20.65 14.81 12.06
N ALA E 12 21.04 14.54 10.82
CA ALA E 12 22.02 13.49 10.53
C ALA E 12 23.40 14.00 10.90
N ARG E 13 23.77 13.78 12.15
CA ARG E 13 25.06 14.21 12.67
C ARG E 13 26.14 13.18 12.35
N PHE E 14 27.38 13.53 12.67
CA PHE E 14 28.51 12.65 12.34
C PHE E 14 28.36 11.31 13.03
N GLY E 15 28.17 11.30 14.35
CA GLY E 15 27.88 10.07 15.06
C GLY E 15 26.39 9.88 15.27
N GLY E 16 25.63 9.90 14.17
CA GLY E 16 24.18 9.94 14.26
C GLY E 16 23.56 8.80 15.03
N PHE E 17 23.64 7.59 14.51
CA PHE E 17 23.01 6.44 15.14
C PHE E 17 23.92 5.73 16.13
N SER E 18 25.21 6.11 16.20
CA SER E 18 26.11 5.47 17.15
C SER E 18 25.71 5.76 18.58
N GLN E 19 25.27 6.98 18.86
CA GLN E 19 24.89 7.36 20.22
C GLN E 19 23.62 6.65 20.69
N LEU E 20 22.89 5.98 19.79
CA LEU E 20 21.72 5.21 20.20
C LEU E 20 22.09 3.78 20.59
N LEU E 21 23.31 3.35 20.33
CA LEU E 21 23.73 2.00 20.72
C LEU E 21 23.91 1.86 22.22
N LEU E 22 24.00 2.95 22.95
CA LEU E 22 24.23 2.92 24.38
C LEU E 22 22.96 2.75 25.19
N LEU E 23 21.79 2.89 24.58
CA LEU E 23 20.53 2.79 25.29
C LEU E 23 20.23 1.34 25.65
N TRP E 24 19.71 1.12 26.85
CA TRP E 24 19.34 -0.20 27.31
C TRP E 24 17.84 -0.45 27.23
N ARG E 25 17.03 0.48 27.74
CA ARG E 25 15.59 0.33 27.70
C ARG E 25 15.12 0.29 26.25
N GLY E 26 14.24 -0.67 25.93
CA GLY E 26 13.76 -0.81 24.57
C GLY E 26 14.85 -1.11 23.58
N SER E 27 15.87 -1.88 23.97
CA SER E 27 17.02 -2.14 23.14
C SER E 27 17.05 -3.59 22.69
N ILE E 28 17.87 -3.84 21.66
CA ILE E 28 18.05 -5.21 21.16
C ILE E 28 18.78 -6.05 22.19
N TYR E 29 19.74 -5.47 22.91
CA TYR E 29 20.46 -6.22 23.93
C TYR E 29 19.50 -6.73 25.00
N LYS E 30 18.61 -5.86 25.49
CA LYS E 30 17.69 -6.26 26.54
C LYS E 30 16.81 -7.44 26.08
N LEU E 31 16.43 -7.45 24.80
CA LEU E 31 15.56 -8.48 24.29
C LEU E 31 16.29 -9.76 23.90
N LEU E 32 17.60 -9.69 23.66
CA LEU E 32 18.29 -10.81 23.04
C LEU E 32 19.51 -11.33 23.81
N TRP E 33 19.86 -10.73 24.95
CA TRP E 33 21.09 -11.15 25.61
C TRP E 33 20.97 -12.57 26.17
N ARG E 34 19.80 -12.93 26.70
CA ARG E 34 19.61 -14.29 27.20
C ARG E 34 19.74 -15.31 26.08
N GLU E 35 19.09 -15.04 24.95
CA GLU E 35 19.15 -15.97 23.83
C GLU E 35 20.56 -16.09 23.27
N LEU E 36 21.28 -14.96 23.18
CA LEU E 36 22.66 -15.01 22.72
C LEU E 36 23.53 -15.80 23.69
N LEU E 37 23.31 -15.62 24.98
CA LEU E 37 24.08 -16.36 25.97
C LEU E 37 23.82 -17.85 25.86
N CYS E 38 22.56 -18.25 25.68
CA CYS E 38 22.26 -19.68 25.51
C CYS E 38 22.89 -20.23 24.24
N PHE E 39 22.81 -19.48 23.14
CA PHE E 39 23.41 -19.94 21.89
C PHE E 39 24.91 -20.12 22.05
N LEU E 40 25.59 -19.15 22.66
CA LEU E 40 27.02 -19.27 22.90
C LEU E 40 27.33 -20.42 23.86
N GLY E 41 26.45 -20.66 24.84
CA GLY E 41 26.67 -21.78 25.74
C GLY E 41 26.61 -23.12 25.04
N PHE E 42 25.68 -23.33 24.14
CA PHE E 42 25.57 -24.65 23.48
C PHE E 42 26.69 -24.82 22.48
N TYR E 43 27.18 -23.73 21.91
CA TYR E 43 28.30 -23.77 20.93
C TYR E 43 29.56 -24.16 21.65
N MET E 44 29.83 -23.53 22.77
CA MET E 44 31.05 -23.84 23.54
C MET E 44 30.93 -25.23 24.15
N ALA E 45 29.74 -25.63 24.59
CA ALA E 45 29.63 -27.01 25.04
C ALA E 45 30.03 -27.96 23.93
N LEU E 46 29.53 -27.73 22.71
CA LEU E 46 29.92 -28.57 21.59
C LEU E 46 31.41 -28.46 21.30
N SER E 47 31.95 -27.23 21.38
CA SER E 47 33.38 -27.04 21.13
C SER E 47 34.22 -27.78 22.16
N ALA E 48 33.86 -27.69 23.44
CA ALA E 48 34.60 -28.39 24.48
C ALA E 48 34.51 -29.88 24.30
N ALA E 49 33.33 -30.40 23.94
CA ALA E 49 33.21 -31.82 23.65
C ALA E 49 34.14 -32.22 22.52
N TYR E 50 34.09 -31.50 21.41
CA TYR E 50 34.92 -31.83 20.25
C TYR E 50 36.41 -31.74 20.58
N ARG E 51 36.78 -30.84 21.49
CA ARG E 51 38.19 -30.61 21.77
C ARG E 51 38.76 -31.58 22.79
N PHE E 52 38.01 -31.94 23.83
CA PHE E 52 38.55 -32.68 24.96
C PHE E 52 37.79 -33.96 25.28
N VAL E 53 36.89 -34.41 24.41
CA VAL E 53 36.10 -35.61 24.72
C VAL E 53 36.24 -36.63 23.59
N LEU E 54 35.88 -36.22 22.38
CA LEU E 54 35.85 -37.14 21.26
C LEU E 54 37.24 -37.69 20.95
N THR E 55 37.28 -38.95 20.53
CA THR E 55 38.52 -39.58 20.12
C THR E 55 38.88 -39.16 18.70
N GLU E 56 39.98 -39.69 18.18
CA GLU E 56 40.45 -39.31 16.86
C GLU E 56 39.42 -39.66 15.79
N GLY E 57 38.89 -40.89 15.83
CA GLY E 57 37.87 -41.27 14.87
C GLY E 57 36.58 -40.50 15.05
N GLN E 58 36.16 -40.33 16.30
CA GLN E 58 34.98 -39.50 16.56
C GLN E 58 35.22 -38.07 16.11
N LYS E 59 36.44 -37.56 16.29
CA LYS E 59 36.75 -36.22 15.82
C LYS E 59 36.64 -36.12 14.30
N ARG E 60 37.16 -37.13 13.58
CA ARG E 60 37.07 -37.11 12.13
C ARG E 60 35.61 -37.14 11.66
N TYR E 61 34.81 -38.00 12.29
CA TYR E 61 33.40 -38.07 11.91
C TYR E 61 32.70 -36.75 12.22
N PHE E 62 33.01 -36.14 13.37
CA PHE E 62 32.40 -34.87 13.70
C PHE E 62 32.80 -33.79 12.72
N GLU E 63 34.05 -33.84 12.24
CA GLU E 63 34.48 -32.86 11.23
C GLU E 63 33.73 -33.05 9.92
N LYS E 64 33.54 -34.30 9.50
CA LYS E 64 32.74 -34.54 8.29
C LYS E 64 31.32 -34.01 8.46
N LEU E 65 30.72 -34.29 9.62
CA LEU E 65 29.37 -33.79 9.88
C LEU E 65 29.34 -32.26 9.91
N VAL E 66 30.38 -31.66 10.47
CA VAL E 66 30.46 -30.20 10.53
C VAL E 66 30.49 -29.61 9.14
N ILE E 67 31.33 -30.13 8.26
CA ILE E 67 31.50 -29.59 6.89
C ILE E 67 30.21 -29.75 6.07
N TYR E 68 29.42 -30.80 6.29
CA TYR E 68 28.13 -31.03 5.62
C TYR E 68 27.10 -30.02 6.13
N CYS E 69 26.83 -30.05 7.41
CA CYS E 69 25.91 -29.08 8.03
C CYS E 69 26.32 -27.65 7.63
N ASP E 70 27.60 -27.40 7.33
CA ASP E 70 27.99 -26.05 6.90
C ASP E 70 27.51 -25.73 5.49
N GLN E 71 27.63 -26.68 4.55
CA GLN E 71 27.30 -26.38 3.13
C GLN E 71 25.81 -26.51 2.78
N TYR E 72 24.97 -27.06 3.68
CA TYR E 72 23.55 -27.30 3.34
C TYR E 72 22.63 -26.54 4.28
N ALA E 73 23.17 -26.12 5.43
CA ALA E 73 22.37 -25.31 6.37
C ALA E 73 21.80 -24.12 5.60
N SER E 74 22.36 -23.85 4.42
CA SER E 74 21.90 -22.69 3.62
C SER E 74 20.63 -23.02 2.84
N LEU E 75 20.18 -24.28 2.86
CA LEU E 75 18.93 -24.69 2.16
C LEU E 75 17.74 -24.24 3.01
N ILE E 76 17.96 -23.87 4.26
CA ILE E 76 16.85 -23.36 5.10
C ILE E 76 16.58 -21.92 4.70
N PRO E 77 15.43 -21.59 4.08
CA PRO E 77 15.16 -20.23 3.62
C PRO E 77 14.87 -19.25 4.76
N VAL E 78 15.88 -18.99 5.59
CA VAL E 78 15.68 -18.13 6.75
C VAL E 78 15.29 -16.72 6.31
N SER E 79 16.06 -16.14 5.40
CA SER E 79 15.84 -14.75 5.02
C SER E 79 14.47 -14.56 4.37
N PHE E 80 14.07 -15.48 3.51
CA PHE E 80 12.82 -15.33 2.77
C PHE E 80 11.61 -15.30 3.70
N VAL E 81 11.45 -16.37 4.49
CA VAL E 81 10.32 -16.46 5.42
C VAL E 81 10.42 -15.35 6.46
N LEU E 82 11.62 -15.09 6.96
CA LEU E 82 11.79 -14.08 8.00
C LEU E 82 11.39 -12.70 7.49
N GLY E 83 11.80 -12.34 6.27
CA GLY E 83 11.44 -11.05 5.74
C GLY E 83 9.95 -10.91 5.52
N PHE E 84 9.33 -11.94 4.94
CA PHE E 84 7.88 -11.88 4.77
C PHE E 84 7.18 -11.68 6.11
N TYR E 85 7.56 -12.49 7.10
CA TYR E 85 6.93 -12.43 8.41
C TYR E 85 7.13 -11.07 9.07
N VAL E 86 8.34 -10.52 9.00
CA VAL E 86 8.62 -9.26 9.67
C VAL E 86 7.87 -8.13 9.00
N THR E 87 7.79 -8.14 7.67
CA THR E 87 7.02 -7.11 6.98
C THR E 87 5.56 -7.16 7.37
N LEU E 88 4.99 -8.37 7.41
CA LEU E 88 3.60 -8.50 7.83
C LEU E 88 3.41 -7.97 9.25
N VAL E 89 4.31 -8.33 10.15
CA VAL E 89 4.17 -7.93 11.55
C VAL E 89 4.29 -6.42 11.70
N VAL E 90 5.22 -5.79 10.97
CA VAL E 90 5.40 -4.35 11.10
C VAL E 90 4.21 -3.60 10.53
N ASN E 91 3.69 -4.05 9.39
CA ASN E 91 2.48 -3.42 8.86
C ASN E 91 1.33 -3.52 9.84
N ARG E 92 1.13 -4.71 10.43
CA ARG E 92 0.08 -4.87 11.42
C ARG E 92 0.33 -4.00 12.64
N TRP E 93 1.59 -3.84 13.04
CA TRP E 93 1.93 -3.03 14.20
C TRP E 93 1.49 -1.58 13.98
N TRP E 94 1.86 -1.01 12.84
CA TRP E 94 1.48 0.38 12.59
C TRP E 94 -0.04 0.52 12.44
N SER E 95 -0.68 -0.42 11.75
CA SER E 95 -2.13 -0.35 11.61
C SER E 95 -2.83 -0.43 12.96
N GLN E 96 -2.35 -1.31 13.84
CA GLN E 96 -2.92 -1.43 15.17
C GLN E 96 -2.75 -0.15 15.96
N TYR E 97 -1.57 0.48 15.87
CA TYR E 97 -1.42 1.75 16.56
C TYR E 97 -2.40 2.78 16.03
N LEU E 98 -2.55 2.85 14.70
CA LEU E 98 -3.51 3.79 14.13
C LEU E 98 -4.94 3.46 14.48
N CYS E 99 -5.22 2.22 14.89
CA CYS E 99 -6.57 1.81 15.25
C CYS E 99 -6.95 2.14 16.68
N MET E 100 -6.04 2.72 17.46
CA MET E 100 -6.37 3.06 18.85
C MET E 100 -7.31 4.26 18.87
N PRO E 101 -8.48 4.15 19.48
CA PRO E 101 -9.43 5.27 19.45
C PRO E 101 -8.90 6.49 20.21
N LEU E 102 -9.23 7.67 19.69
CA LEU E 102 -8.91 8.93 20.34
C LEU E 102 -10.13 9.83 20.32
N PRO E 103 -10.36 10.58 21.40
CA PRO E 103 -11.57 11.41 21.49
C PRO E 103 -11.44 12.81 20.91
N ASP E 104 -10.30 13.15 20.31
CA ASP E 104 -10.06 14.54 19.90
C ASP E 104 -11.12 15.03 18.93
N ALA E 105 -11.41 14.25 17.89
CA ALA E 105 -12.44 14.64 16.94
C ALA E 105 -13.81 14.71 17.63
N LEU E 106 -14.13 13.67 18.41
CA LEU E 106 -15.39 13.67 19.14
C LEU E 106 -15.45 14.81 20.14
N MET E 107 -14.34 15.09 20.81
CA MET E 107 -14.35 16.16 21.82
C MET E 107 -14.55 17.52 21.17
N CYS E 108 -13.91 17.76 20.02
CA CYS E 108 -14.16 19.00 19.29
C CYS E 108 -15.61 19.12 18.85
N VAL E 109 -16.17 18.03 18.32
CA VAL E 109 -17.55 18.07 17.87
C VAL E 109 -18.49 18.31 19.05
N VAL E 110 -18.23 17.67 20.19
CA VAL E 110 -19.09 17.82 21.35
C VAL E 110 -18.99 19.22 21.92
N ALA E 111 -17.78 19.79 21.94
CA ALA E 111 -17.62 21.16 22.40
C ALA E 111 -18.37 22.14 21.49
N GLY E 112 -18.34 21.90 20.18
CA GLY E 112 -19.01 22.80 19.27
C GLY E 112 -20.48 22.53 19.01
N THR E 113 -21.02 21.42 19.50
CA THR E 113 -22.38 21.02 19.12
C THR E 113 -23.32 20.80 20.30
N VAL E 114 -22.84 20.25 21.40
CA VAL E 114 -23.68 20.04 22.59
C VAL E 114 -23.57 21.30 23.46
N HIS E 115 -24.69 21.96 23.69
CA HIS E 115 -24.70 23.31 24.21
C HIS E 115 -25.28 23.36 25.61
N GLY E 116 -25.02 24.48 26.29
CA GLY E 116 -25.49 24.71 27.63
C GLY E 116 -24.37 24.97 28.60
N ARG E 117 -24.39 26.15 29.23
CA ARG E 117 -23.44 26.46 30.29
C ARG E 117 -23.90 25.94 31.65
N ASP E 118 -25.15 25.51 31.76
CA ASP E 118 -25.69 25.03 33.03
C ASP E 118 -25.17 23.63 33.33
N ASP E 119 -25.66 23.05 34.43
CA ASP E 119 -25.21 21.74 34.85
C ASP E 119 -25.66 20.65 33.89
N ARG E 120 -26.82 20.82 33.25
CA ARG E 120 -27.32 19.78 32.35
C ARG E 120 -26.44 19.67 31.11
N GLY E 121 -26.03 20.79 30.53
CA GLY E 121 -25.13 20.73 29.39
C GLY E 121 -23.77 20.15 29.75
N ARG E 122 -23.25 20.54 30.92
CA ARG E 122 -22.02 19.92 31.42
C ARG E 122 -22.19 18.41 31.52
N LEU E 123 -23.31 17.97 32.07
CA LEU E 123 -23.56 16.54 32.22
C LEU E 123 -23.60 15.86 30.85
N TYR E 124 -24.29 16.46 29.89
CA TYR E 124 -24.37 15.87 28.56
C TYR E 124 -22.98 15.70 27.95
N ARG E 125 -22.21 16.79 27.93
CA ARG E 125 -20.89 16.74 27.30
C ARG E 125 -19.97 15.75 28.00
N ARG E 126 -19.94 15.81 29.34
CA ARG E 126 -19.08 14.91 30.10
C ARG E 126 -19.50 13.46 29.91
N THR E 127 -20.81 13.19 29.88
CA THR E 127 -21.28 11.82 29.71
C THR E 127 -20.96 11.28 28.33
N LEU E 128 -21.08 12.11 27.29
CA LEU E 128 -20.70 11.64 25.96
C LEU E 128 -19.21 11.33 25.88
N MET E 129 -18.39 12.24 26.39
CA MET E 129 -16.95 11.99 26.36
C MET E 129 -16.59 10.76 27.18
N ARG E 130 -17.27 10.57 28.31
CA ARG E 130 -17.01 9.42 29.16
C ARG E 130 -17.50 8.12 28.53
N TYR E 131 -18.59 8.16 27.77
CA TYR E 131 -19.01 6.96 27.04
C TYR E 131 -17.97 6.57 26.02
N ALA E 132 -17.44 7.54 25.28
CA ALA E 132 -16.36 7.23 24.34
C ALA E 132 -15.15 6.65 25.08
N GLY E 133 -14.75 7.29 26.18
CA GLY E 133 -13.61 6.78 26.93
C GLY E 133 -13.85 5.41 27.51
N LEU E 134 -15.09 5.11 27.90
CA LEU E 134 -15.42 3.81 28.47
C LEU E 134 -15.40 2.73 27.40
N SER E 135 -15.88 3.04 26.19
CA SER E 135 -15.72 2.09 25.10
C SER E 135 -14.25 1.80 24.84
N ALA E 136 -13.43 2.86 24.82
CA ALA E 136 -12.00 2.66 24.62
C ALA E 136 -11.41 1.78 25.72
N VAL E 137 -11.79 2.04 26.98
CA VAL E 137 -11.25 1.27 28.10
C VAL E 137 -11.68 -0.19 28.02
N LEU E 138 -12.95 -0.44 27.70
CA LEU E 138 -13.42 -1.82 27.62
C LEU E 138 -12.67 -2.58 26.54
N ILE E 139 -12.54 -1.99 25.35
CA ILE E 139 -11.83 -2.68 24.29
C ILE E 139 -10.36 -2.88 24.67
N LEU E 140 -9.74 -1.87 25.28
CA LEU E 140 -8.33 -1.98 25.61
C LEU E 140 -8.07 -3.06 26.66
N ARG E 141 -8.90 -3.12 27.70
CA ARG E 141 -8.76 -4.19 28.68
C ARG E 141 -9.08 -5.55 28.08
N SER E 142 -9.90 -5.59 27.02
CA SER E 142 -10.08 -6.84 26.29
C SER E 142 -8.83 -7.25 25.53
N VAL E 143 -8.10 -6.26 24.99
CA VAL E 143 -6.99 -6.56 24.10
C VAL E 143 -5.61 -6.27 24.71
N SER E 144 -5.54 -5.50 25.79
CA SER E 144 -4.27 -5.08 26.35
C SER E 144 -4.06 -5.75 27.71
N THR E 145 -2.92 -6.42 27.86
CA THR E 145 -2.61 -7.06 29.14
C THR E 145 -2.34 -6.02 30.23
N ALA E 146 -1.68 -4.93 29.88
CA ALA E 146 -1.41 -3.88 30.86
C ALA E 146 -2.69 -3.23 31.34
N VAL E 147 -3.60 -2.91 30.41
CA VAL E 147 -4.87 -2.30 30.81
C VAL E 147 -5.69 -3.26 31.66
N PHE E 148 -5.71 -4.54 31.28
CA PHE E 148 -6.43 -5.52 32.08
C PHE E 148 -5.84 -5.64 33.48
N LYS E 149 -4.51 -5.61 33.59
CA LYS E 149 -3.89 -5.58 34.90
C LYS E 149 -4.30 -4.34 35.67
N ARG E 150 -4.50 -3.23 34.99
CA ARG E 150 -5.00 -2.03 35.66
C ARG E 150 -6.49 -2.11 35.96
N PHE E 151 -7.26 -2.79 35.12
CA PHE E 151 -8.71 -2.94 35.30
C PHE E 151 -9.07 -4.42 35.24
N PRO E 152 -8.66 -5.20 36.25
CA PRO E 152 -8.92 -6.65 36.20
C PRO E 152 -10.39 -7.00 36.24
N THR E 153 -11.25 -6.10 36.70
CA THR E 153 -12.68 -6.37 36.78
C THR E 153 -13.44 -5.11 36.39
N ILE E 154 -14.72 -5.28 36.07
CA ILE E 154 -15.57 -4.13 35.77
C ILE E 154 -15.74 -3.25 37.00
N ASP E 155 -15.56 -3.82 38.18
CA ASP E 155 -15.61 -3.01 39.40
C ASP E 155 -14.47 -1.99 39.41
N HIS E 156 -13.31 -2.37 38.92
CA HIS E 156 -12.21 -1.43 38.78
C HIS E 156 -12.57 -0.30 37.82
N VAL E 157 -13.24 -0.64 36.72
CA VAL E 157 -13.70 0.39 35.79
C VAL E 157 -14.66 1.34 36.48
N VAL E 158 -15.57 0.80 37.30
CA VAL E 158 -16.52 1.64 38.02
C VAL E 158 -15.79 2.57 38.99
N GLU E 159 -14.79 2.03 39.71
CA GLU E 159 -14.08 2.83 40.70
C GLU E 159 -13.16 3.86 40.08
N ALA E 160 -12.82 3.72 38.80
CA ALA E 160 -12.00 4.70 38.11
C ALA E 160 -12.80 5.87 37.55
N GLY E 161 -14.12 5.85 37.71
CA GLY E 161 -14.97 6.91 37.21
C GLY E 161 -15.43 6.74 35.78
N PHE E 162 -15.01 5.66 35.11
CA PHE E 162 -15.43 5.43 33.72
C PHE E 162 -16.87 4.94 33.65
N MET E 163 -17.28 4.09 34.57
CA MET E 163 -18.63 3.58 34.63
C MET E 163 -19.25 3.93 35.99
N THR E 164 -20.51 4.32 35.97
CA THR E 164 -21.26 4.53 37.19
C THR E 164 -21.86 3.22 37.67
N ARG E 165 -22.38 3.22 38.89
CA ARG E 165 -23.00 2.03 39.44
C ARG E 165 -24.25 1.64 38.66
N GLU E 166 -25.10 2.62 38.34
CA GLU E 166 -26.29 2.34 37.54
C GLU E 166 -25.90 1.84 36.15
N GLU E 167 -24.89 2.48 35.55
CA GLU E 167 -24.39 2.02 34.26
C GLU E 167 -23.83 0.62 34.38
N ARG E 168 -23.18 0.30 35.50
CA ARG E 168 -22.69 -1.06 35.70
C ARG E 168 -23.84 -2.06 35.78
N LYS E 169 -24.92 -1.70 36.45
CA LYS E 169 -26.08 -2.58 36.51
C LYS E 169 -26.65 -2.81 35.11
N LYS E 170 -26.80 -1.74 34.32
CA LYS E 170 -27.28 -1.89 32.95
C LYS E 170 -26.33 -2.74 32.12
N PHE E 171 -25.03 -2.54 32.28
CA PHE E 171 -24.04 -3.28 31.53
C PHE E 171 -24.09 -4.77 31.86
N GLU E 172 -24.22 -5.12 33.13
CA GLU E 172 -24.24 -6.52 33.52
C GLU E 172 -25.56 -7.19 33.19
N ASN E 173 -26.68 -6.47 33.29
CA ASN E 173 -27.98 -7.06 33.01
C ASN E 173 -28.19 -7.35 31.53
N LEU E 174 -27.34 -6.84 30.65
CA LEU E 174 -27.47 -7.09 29.22
C LEU E 174 -27.13 -8.54 28.92
N ASN E 175 -28.07 -9.27 28.32
CA ASN E 175 -27.90 -10.70 28.07
C ASN E 175 -27.12 -10.88 26.78
N SER E 176 -25.80 -10.93 26.91
CA SER E 176 -24.92 -11.12 25.77
C SER E 176 -23.71 -11.94 26.21
N SER E 177 -23.30 -12.87 25.36
CA SER E 177 -22.13 -13.71 25.61
C SER E 177 -20.88 -13.19 24.91
N TYR E 178 -20.96 -12.06 24.24
CA TYR E 178 -19.85 -11.49 23.49
C TYR E 178 -19.36 -10.21 24.16
N ASN E 179 -18.19 -9.74 23.72
CA ASN E 179 -17.61 -8.53 24.27
C ASN E 179 -18.58 -7.37 24.12
N LYS E 180 -18.77 -6.61 25.20
CA LYS E 180 -19.76 -5.54 25.25
C LYS E 180 -19.15 -4.16 25.08
N TYR E 181 -17.95 -4.07 24.50
CA TYR E 181 -17.31 -2.76 24.33
C TYR E 181 -18.18 -1.82 23.53
N TRP E 182 -19.04 -2.35 22.65
CA TRP E 182 -19.91 -1.53 21.82
C TRP E 182 -21.05 -0.91 22.62
N VAL E 183 -21.35 -1.43 23.81
CA VAL E 183 -22.48 -0.93 24.58
C VAL E 183 -22.38 0.57 24.85
N PRO E 184 -21.24 1.11 25.29
CA PRO E 184 -21.16 2.56 25.46
C PRO E 184 -21.37 3.34 24.18
N CYS E 185 -21.08 2.75 23.02
CA CYS E 185 -21.37 3.43 21.76
C CYS E 185 -22.87 3.56 21.51
N VAL E 186 -23.63 2.50 21.83
CA VAL E 186 -25.08 2.60 21.72
C VAL E 186 -25.63 3.58 22.74
N TRP E 187 -25.04 3.61 23.94
CA TRP E 187 -25.43 4.63 24.92
C TRP E 187 -25.15 6.02 24.39
N PHE E 188 -24.00 6.20 23.73
CA PHE E 188 -23.67 7.49 23.14
C PHE E 188 -24.69 7.89 22.08
N SER E 189 -25.06 6.95 21.21
CA SER E 189 -26.04 7.27 20.17
C SER E 189 -27.38 7.67 20.79
N ASN E 190 -27.82 6.93 21.80
CA ASN E 190 -29.09 7.26 22.46
C ASN E 190 -29.02 8.61 23.15
N LEU E 191 -27.90 8.91 23.81
CA LEU E 191 -27.76 10.18 24.51
C LEU E 191 -27.68 11.35 23.54
N ALA E 192 -27.00 11.15 22.40
CA ALA E 192 -26.96 12.19 21.38
C ALA E 192 -28.35 12.44 20.81
N ALA E 193 -29.11 11.38 20.56
CA ALA E 193 -30.48 11.55 20.11
C ALA E 193 -31.32 12.30 21.13
N GLN E 194 -31.15 11.97 22.41
CA GLN E 194 -31.90 12.65 23.46
C GLN E 194 -31.50 14.12 23.54
N ALA E 195 -30.21 14.42 23.42
CA ALA E 195 -29.76 15.81 23.46
C ALA E 195 -30.33 16.59 22.28
N ARG E 196 -30.35 15.98 21.09
CA ARG E 196 -30.96 16.65 19.94
C ARG E 196 -32.45 16.89 20.17
N ARG E 197 -33.14 15.91 20.73
CA ARG E 197 -34.58 16.07 20.98
C ARG E 197 -34.84 17.17 22.00
N GLU E 198 -34.01 17.24 23.04
CA GLU E 198 -34.17 18.23 24.10
C GLU E 198 -33.72 19.63 23.68
N GLY E 199 -33.05 19.76 22.54
CA GLY E 199 -32.60 21.05 22.06
C GLY E 199 -31.17 21.40 22.39
N ARG E 200 -30.46 20.55 23.13
CA ARG E 200 -29.05 20.82 23.42
C ARG E 200 -28.24 20.84 22.14
N ILE E 201 -28.54 19.94 21.21
CA ILE E 201 -27.99 19.97 19.86
C ILE E 201 -29.00 20.69 18.99
N ARG E 202 -28.58 21.80 18.38
CA ARG E 202 -29.51 22.75 17.79
C ARG E 202 -29.95 22.40 16.38
N ASP E 203 -29.29 21.45 15.72
CA ASP E 203 -29.61 21.16 14.33
C ASP E 203 -29.34 19.69 14.02
N ASN E 204 -30.02 19.18 13.00
CA ASN E 204 -29.88 17.79 12.61
C ASN E 204 -28.51 17.50 12.02
N SER E 205 -27.91 18.47 11.34
CA SER E 205 -26.58 18.28 10.79
C SER E 205 -25.56 18.08 11.90
N ALA E 206 -25.71 18.79 13.01
CA ALA E 206 -24.82 18.59 14.15
C ALA E 206 -24.94 17.18 14.69
N LEU E 207 -26.16 16.67 14.80
CA LEU E 207 -26.35 15.30 15.26
C LEU E 207 -25.73 14.30 14.28
N LYS E 208 -25.89 14.55 12.98
CA LYS E 208 -25.29 13.66 11.99
C LYS E 208 -23.77 13.66 12.11
N LEU E 209 -23.17 14.84 12.32
CA LEU E 209 -21.73 14.91 12.51
C LEU E 209 -21.29 14.17 13.77
N LEU E 210 -22.05 14.32 14.85
CA LEU E 210 -21.76 13.59 16.08
C LEU E 210 -21.80 12.09 15.84
N LEU E 211 -22.82 11.62 15.14
CA LEU E 211 -22.96 10.19 14.88
C LEU E 211 -21.85 9.68 13.96
N GLU E 212 -21.44 10.49 12.98
CA GLU E 212 -20.34 10.08 12.11
C GLU E 212 -19.04 9.96 12.89
N GLU E 213 -18.74 10.93 13.75
CA GLU E 213 -17.53 10.85 14.57
C GLU E 213 -17.59 9.68 15.53
N LEU E 214 -18.77 9.43 16.12
CA LEU E 214 -18.92 8.28 17.00
C LEU E 214 -18.71 6.97 16.24
N ASN E 215 -19.20 6.91 15.01
CA ASN E 215 -19.00 5.71 14.21
C ASN E 215 -17.53 5.51 13.87
N VAL E 216 -16.80 6.60 13.61
CA VAL E 216 -15.36 6.49 13.39
C VAL E 216 -14.68 5.93 14.64
N PHE E 217 -15.04 6.47 15.81
CA PHE E 217 -14.46 6.00 17.06
C PHE E 217 -14.76 4.53 17.30
N ARG E 218 -16.03 4.14 17.12
CA ARG E 218 -16.42 2.75 17.34
C ARG E 218 -15.78 1.83 16.33
N GLY E 219 -15.58 2.30 15.09
CA GLY E 219 -14.89 1.49 14.12
C GLY E 219 -13.43 1.28 14.50
N LYS E 220 -12.80 2.29 15.09
CA LYS E 220 -11.45 2.10 15.59
C LYS E 220 -11.41 1.07 16.71
N CYS E 221 -12.37 1.13 17.63
CA CYS E 221 -12.44 0.12 18.69
C CYS E 221 -12.66 -1.28 18.12
N GLY E 222 -13.56 -1.40 17.14
CA GLY E 222 -13.80 -2.69 16.51
C GLY E 222 -12.60 -3.20 15.74
N MET E 223 -11.84 -2.30 15.13
CA MET E 223 -10.59 -2.71 14.47
C MET E 223 -9.59 -3.22 15.48
N LEU E 224 -9.52 -2.58 16.65
CA LEU E 224 -8.68 -3.11 17.72
C LEU E 224 -9.11 -4.52 18.08
N PHE E 225 -10.42 -4.73 18.22
CA PHE E 225 -10.92 -6.06 18.55
C PHE E 225 -10.57 -7.07 17.46
N HIS E 226 -10.72 -6.70 16.20
CA HIS E 226 -10.44 -7.61 15.10
C HIS E 226 -8.96 -7.96 15.03
N TYR E 227 -8.10 -6.97 15.24
CA TYR E 227 -6.66 -7.25 15.27
C TYR E 227 -6.30 -8.18 16.41
N ASP E 228 -6.93 -7.98 17.57
CA ASP E 228 -6.67 -8.89 18.68
C ASP E 228 -7.15 -10.31 18.36
N TRP E 229 -8.33 -10.43 17.75
CA TRP E 229 -8.88 -11.74 17.46
C TRP E 229 -8.14 -12.43 16.33
N ILE E 230 -7.99 -11.76 15.19
CA ILE E 230 -7.38 -12.36 14.01
C ILE E 230 -5.88 -12.16 14.14
N SER E 231 -5.23 -13.10 14.82
CA SER E 231 -3.79 -13.05 14.96
C SER E 231 -3.12 -13.32 13.62
N VAL E 232 -1.83 -13.01 13.55
CA VAL E 232 -1.06 -13.46 12.40
C VAL E 232 -1.16 -14.97 12.32
N PRO E 233 -1.41 -15.55 11.15
CA PRO E 233 -1.67 -17.01 11.09
C PRO E 233 -0.60 -17.79 11.84
N LEU E 234 -1.06 -18.67 12.73
CA LEU E 234 -0.13 -19.43 13.57
C LEU E 234 0.82 -20.26 12.72
N VAL E 235 0.41 -20.62 11.50
CA VAL E 235 1.29 -21.38 10.63
C VAL E 235 2.55 -20.59 10.32
N TYR E 236 2.41 -19.30 10.02
CA TYR E 236 3.57 -18.47 9.73
C TYR E 236 4.48 -18.35 10.94
N THR E 237 3.88 -18.13 12.13
CA THR E 237 4.67 -18.04 13.34
C THR E 237 5.48 -19.32 13.58
N GLN E 238 4.81 -20.46 13.48
CA GLN E 238 5.50 -21.73 13.69
C GLN E 238 6.59 -21.94 12.64
N VAL E 239 6.31 -21.61 11.38
CA VAL E 239 7.28 -21.82 10.32
C VAL E 239 8.51 -20.96 10.55
N VAL E 240 8.32 -19.68 10.88
CA VAL E 240 9.46 -18.80 11.10
CA VAL E 240 9.45 -18.79 11.10
C VAL E 240 10.27 -19.25 12.31
N THR E 241 9.59 -19.61 13.40
CA THR E 241 10.31 -20.07 14.58
C THR E 241 11.12 -21.33 14.28
N ILE E 242 10.51 -22.28 13.54
CA ILE E 242 11.21 -23.52 13.22
C ILE E 242 12.38 -23.24 12.28
N ALA E 243 12.20 -22.32 11.34
CA ALA E 243 13.30 -21.97 10.44
C ALA E 243 14.47 -21.39 11.21
N LEU E 244 14.20 -20.45 12.11
CA LEU E 244 15.28 -19.87 12.89
C LEU E 244 15.97 -20.92 13.75
N TYR E 245 15.19 -21.74 14.46
CA TYR E 245 15.77 -22.74 15.34
C TYR E 245 16.60 -23.75 14.57
N SER E 246 16.08 -24.24 13.44
CA SER E 246 16.78 -25.25 12.67
C SER E 246 18.05 -24.67 12.04
N TYR E 247 17.97 -23.45 11.50
CA TYR E 247 19.16 -22.85 10.92
C TYR E 247 20.23 -22.64 11.97
N PHE E 248 19.85 -22.18 13.16
CA PHE E 248 20.86 -21.92 14.18
C PHE E 248 21.37 -23.21 14.82
N LEU E 249 20.60 -24.29 14.81
CA LEU E 249 21.14 -25.58 15.20
C LEU E 249 22.15 -26.09 14.19
N ALA E 250 21.81 -25.97 12.90
CA ALA E 250 22.77 -26.34 11.86
C ALA E 250 24.04 -25.49 11.96
N CYS E 251 23.89 -24.22 12.35
CA CYS E 251 25.07 -23.38 12.52
C CYS E 251 25.86 -23.77 13.76
N LEU E 252 25.16 -24.12 14.85
CA LEU E 252 25.83 -24.66 16.02
C LEU E 252 26.71 -25.84 15.65
N ILE E 253 26.35 -26.65 14.65
CA ILE E 253 27.27 -27.78 14.29
C ILE E 253 28.31 -27.38 13.25
N GLY E 254 27.94 -26.65 12.20
CA GLY E 254 28.88 -26.34 11.11
C GLY E 254 29.64 -25.06 11.26
N ARG E 255 29.40 -24.32 12.31
CA ARG E 255 30.14 -23.07 12.61
C ARG E 255 31.24 -23.46 13.59
N GLN E 256 31.32 -24.74 13.89
CA GLN E 256 32.45 -25.21 14.72
C GLN E 256 33.79 -24.93 14.02
N PHE E 257 34.82 -24.69 14.80
CA PHE E 257 36.16 -24.44 14.25
C PHE E 257 36.90 -25.75 14.35
N LEU E 258 37.28 -26.31 13.21
CA LEU E 258 37.89 -27.65 13.23
C LEU E 258 39.39 -27.48 13.41
N ASP E 259 40.06 -28.55 13.81
CA ASP E 259 41.51 -28.56 14.00
C ASP E 259 42.20 -28.22 12.68
N PRO E 260 42.96 -27.12 12.61
CA PRO E 260 43.60 -26.76 11.34
C PRO E 260 44.60 -27.78 10.86
N ALA E 261 45.10 -28.65 11.74
CA ALA E 261 46.11 -29.62 11.33
C ALA E 261 45.57 -30.63 10.33
N GLN E 262 44.26 -30.79 10.22
CA GLN E 262 43.68 -31.74 9.28
C GLN E 262 43.69 -31.24 7.85
N GLY E 263 43.98 -29.96 7.63
CA GLY E 263 44.07 -29.43 6.29
C GLY E 263 42.75 -29.26 5.57
N TYR E 264 41.64 -29.22 6.30
CA TYR E 264 40.36 -28.98 5.67
C TYR E 264 40.32 -27.59 5.06
N LYS E 265 39.70 -27.47 3.89
CA LYS E 265 39.68 -26.16 3.20
C LYS E 265 38.76 -25.19 3.91
N ASP E 266 39.24 -23.98 4.20
CA ASP E 266 38.41 -22.93 4.86
C ASP E 266 38.51 -23.11 6.38
N HIS E 267 39.40 -24.00 6.83
CA HIS E 267 39.59 -24.22 8.28
C HIS E 267 41.08 -24.13 8.58
N ASP E 268 41.63 -22.91 8.56
CA ASP E 268 43.06 -22.69 8.86
C ASP E 268 43.21 -21.84 10.12
N LEU E 269 42.23 -21.01 10.42
CA LEU E 269 42.29 -20.13 11.58
C LEU E 269 41.27 -20.58 12.60
N ASP E 270 41.73 -20.90 13.81
CA ASP E 270 40.85 -21.33 14.89
C ASP E 270 40.69 -20.17 15.87
N LEU E 271 39.63 -19.39 15.70
CA LEU E 271 39.38 -18.25 16.59
C LEU E 271 38.82 -18.68 17.94
N CYS E 272 38.25 -19.87 18.02
CA CYS E 272 37.61 -20.34 19.28
C CYS E 272 36.19 -19.83 19.39
N VAL E 273 35.98 -18.52 19.53
CA VAL E 273 34.63 -17.92 19.59
C VAL E 273 34.20 -17.60 18.17
N PRO E 274 33.03 -18.09 17.68
CA PRO E 274 32.59 -17.83 16.31
C PRO E 274 31.89 -16.47 16.20
N ILE E 275 32.65 -15.42 15.86
CA ILE E 275 32.06 -14.05 15.79
C ILE E 275 30.99 -13.90 14.73
N PHE E 276 31.26 -14.32 13.52
CA PHE E 276 30.30 -14.05 12.41
C PHE E 276 29.02 -14.84 12.63
N THR E 277 29.10 -16.06 13.17
CA THR E 277 27.87 -16.79 13.49
C THR E 277 27.13 -16.06 14.61
N LEU E 278 27.83 -15.57 15.62
CA LEU E 278 27.24 -14.83 16.73
C LEU E 278 26.69 -13.54 16.18
N LEU E 279 27.40 -12.90 15.24
CA LEU E 279 26.78 -11.72 14.66
C LEU E 279 25.58 -12.07 13.81
N GLN E 280 25.67 -13.14 13.02
CA GLN E 280 24.54 -13.57 12.21
C GLN E 280 23.37 -13.99 13.09
N PHE E 281 23.65 -14.73 14.17
CA PHE E 281 22.61 -15.06 15.13
C PHE E 281 22.02 -13.79 15.72
N PHE E 282 22.87 -12.84 16.11
CA PHE E 282 22.39 -11.58 16.65
C PHE E 282 21.38 -10.95 15.70
N PHE E 283 21.76 -10.81 14.43
CA PHE E 283 20.89 -10.09 13.50
C PHE E 283 19.60 -10.84 13.24
N TYR E 284 19.68 -12.14 12.94
CA TYR E 284 18.47 -12.88 12.58
C TYR E 284 17.55 -13.08 13.78
N ALA E 285 18.11 -13.52 14.92
CA ALA E 285 17.32 -13.67 16.13
C ALA E 285 16.79 -12.34 16.61
N GLY E 286 17.49 -11.23 16.36
CA GLY E 286 17.00 -9.92 16.71
C GLY E 286 15.83 -9.52 15.85
N TRP E 287 15.90 -9.84 14.56
CA TRP E 287 14.75 -9.63 13.68
C TRP E 287 13.54 -10.38 14.23
N LEU E 288 13.74 -11.66 14.55
CA LEU E 288 12.62 -12.45 15.05
C LEU E 288 12.12 -11.93 16.40
N LYS E 289 13.03 -11.48 17.27
CA LYS E 289 12.62 -10.98 18.58
C LYS E 289 11.87 -9.66 18.47
N VAL E 290 12.28 -8.80 17.53
CA VAL E 290 11.51 -7.58 17.28
C VAL E 290 10.14 -7.94 16.74
N ALA E 291 10.05 -8.96 15.89
CA ALA E 291 8.75 -9.43 15.45
C ALA E 291 7.91 -9.91 16.62
N GLU E 292 8.53 -10.64 17.56
CA GLU E 292 7.80 -11.10 18.74
C GLU E 292 7.29 -9.93 19.57
N GLN E 293 8.14 -8.91 19.75
CA GLN E 293 7.75 -7.74 20.52
C GLN E 293 6.58 -7.01 19.87
N LEU E 294 6.66 -6.83 18.55
CA LEU E 294 5.65 -6.05 17.82
C LEU E 294 4.40 -6.86 17.50
N ILE E 295 4.44 -8.19 17.61
CA ILE E 295 3.30 -9.00 17.20
C ILE E 295 2.08 -8.67 18.05
N ASN E 296 2.28 -8.45 19.35
CA ASN E 296 1.25 -7.93 20.23
C ASN E 296 1.76 -6.64 20.84
N PRO E 297 1.44 -5.48 20.27
CA PRO E 297 1.99 -4.22 20.78
C PRO E 297 1.29 -3.68 22.02
N PHE E 298 0.35 -4.44 22.58
CA PHE E 298 -0.38 -4.01 23.77
C PHE E 298 0.05 -4.75 25.02
N GLY E 299 1.15 -5.50 24.96
CA GLY E 299 1.66 -6.16 26.14
C GLY E 299 2.40 -5.18 27.05
N GLU E 300 3.46 -5.64 27.71
CA GLU E 300 4.23 -4.81 28.62
C GLU E 300 5.70 -4.75 28.22
N ASP E 301 5.99 -4.93 26.94
CA ASP E 301 7.34 -4.71 26.45
C ASP E 301 7.70 -3.23 26.59
N ASP E 302 9.01 -2.96 26.63
CA ASP E 302 9.47 -1.58 26.76
C ASP E 302 8.99 -0.73 25.59
N ASP E 303 8.97 -1.29 24.38
CA ASP E 303 8.59 -0.57 23.19
C ASP E 303 7.12 -0.74 22.83
N ASP E 304 6.35 -1.41 23.67
CA ASP E 304 4.92 -1.55 23.43
C ASP E 304 4.22 -0.22 23.67
N PHE E 305 2.98 -0.13 23.21
CA PHE E 305 2.22 1.11 23.30
C PHE E 305 1.91 1.45 24.76
N GLU E 306 1.91 2.75 25.05
CA GLU E 306 1.58 3.25 26.39
C GLU E 306 0.07 3.39 26.52
N THR E 307 -0.60 2.24 26.61
CA THR E 307 -2.06 2.22 26.60
C THR E 307 -2.63 2.92 27.83
N ASN E 308 -2.04 2.70 29.00
CA ASN E 308 -2.55 3.35 30.21
C ASN E 308 -2.32 4.85 30.17
N PHE E 309 -1.13 5.26 29.73
CA PHE E 309 -0.87 6.69 29.56
C PHE E 309 -1.86 7.30 28.59
N LEU E 310 -2.14 6.62 27.48
CA LEU E 310 -3.08 7.13 26.51
C LEU E 310 -4.49 7.21 27.10
N ILE E 311 -4.88 6.23 27.90
CA ILE E 311 -6.19 6.27 28.55
C ILE E 311 -6.30 7.50 29.43
N ASP E 312 -5.30 7.72 30.28
CA ASP E 312 -5.33 8.86 31.18
C ASP E 312 -5.35 10.18 30.42
N ARG E 313 -4.48 10.29 29.41
CA ARG E 313 -4.40 11.52 28.63
C ARG E 313 -5.71 11.79 27.92
N ASN E 314 -6.30 10.76 27.30
CA ASN E 314 -7.55 10.95 26.57
C ASN E 314 -8.66 11.39 27.50
N PHE E 315 -8.78 10.73 28.66
CA PHE E 315 -9.82 11.12 29.60
C PHE E 315 -9.65 12.56 30.06
N GLN E 316 -8.44 12.90 30.49
CA GLN E 316 -8.20 14.25 31.00
C GLN E 316 -8.46 15.30 29.92
N VAL E 317 -7.95 15.07 28.71
CA VAL E 317 -8.08 16.05 27.65
C VAL E 317 -9.54 16.19 27.23
N SER E 318 -10.26 15.08 27.11
CA SER E 318 -11.66 15.15 26.73
C SER E 318 -12.47 15.91 27.77
N MET E 319 -12.24 15.61 29.05
CA MET E 319 -12.97 16.33 30.10
C MET E 319 -12.65 17.82 30.06
N LEU E 320 -11.37 18.16 29.92
CA LEU E 320 -10.98 19.57 29.82
C LEU E 320 -11.69 20.25 28.66
N ALA E 321 -11.61 19.64 27.47
CA ALA E 321 -12.14 20.27 26.26
C ALA E 321 -13.64 20.46 26.34
N VAL E 322 -14.37 19.47 26.87
CA VAL E 322 -15.83 19.55 26.84
C VAL E 322 -16.42 20.18 28.10
N ASP E 323 -15.63 20.42 29.14
CA ASP E 323 -16.15 21.02 30.36
C ASP E 323 -15.55 22.40 30.62
N GLU E 324 -14.23 22.50 30.69
CA GLU E 324 -13.62 23.76 31.11
C GLU E 324 -13.50 24.73 29.94
N MET E 325 -13.21 24.24 28.75
CA MET E 325 -13.01 25.10 27.59
C MET E 325 -14.27 25.29 26.76
N TYR E 326 -15.40 24.75 27.20
CA TYR E 326 -16.65 25.01 26.48
C TYR E 326 -17.05 26.48 26.64
N ASP E 327 -17.35 27.12 25.51
CA ASP E 327 -17.83 28.51 25.51
C ASP E 327 -16.97 29.39 26.41
N ASP E 328 -15.66 29.23 26.30
CA ASP E 328 -14.70 29.97 27.12
C ASP E 328 -13.63 30.60 26.23
N LEU E 329 -14.07 31.25 25.16
CA LEU E 329 -13.16 31.90 24.25
C LEU E 329 -12.70 33.24 24.80
N ALA E 330 -11.52 33.67 24.34
CA ALA E 330 -11.07 35.03 24.59
C ALA E 330 -11.77 35.98 23.63
N VAL E 331 -12.16 37.15 24.14
CA VAL E 331 -12.92 38.09 23.33
C VAL E 331 -12.18 38.34 22.02
N LEU E 332 -12.94 38.41 20.92
CA LEU E 332 -12.34 38.63 19.61
C LEU E 332 -11.48 39.87 19.63
N GLU E 333 -10.18 39.70 19.43
CA GLU E 333 -9.21 40.78 19.46
C GLU E 333 -8.45 40.82 18.13
N LYS E 334 -8.24 42.03 17.63
CA LYS E 334 -7.45 42.19 16.41
C LYS E 334 -6.04 41.65 16.62
N ASP E 335 -5.55 40.91 15.63
CA ASP E 335 -4.25 40.27 15.74
C ASP E 335 -3.14 41.26 15.40
N LEU E 336 -1.90 40.76 15.39
CA LEU E 336 -0.76 41.62 15.14
C LEU E 336 -0.82 42.24 13.74
N TYR E 337 -1.19 41.43 12.74
CA TYR E 337 -1.15 41.83 11.35
C TYR E 337 -2.51 42.27 10.82
N TRP E 338 -3.32 42.90 11.66
CA TRP E 338 -4.64 43.36 11.23
C TRP E 338 -4.53 44.36 10.08
N ASP E 339 -3.63 45.32 10.21
CA ASP E 339 -3.49 46.37 9.20
C ASP E 339 -2.37 46.10 8.20
N ALA E 340 -1.55 45.08 8.43
CA ALA E 340 -0.44 44.77 7.52
C ALA E 340 -0.96 44.32 6.16
N TYR E 347 11.52 34.89 13.22
CA TYR E 347 12.71 34.06 13.19
C TYR E 347 13.71 34.51 14.27
N THR E 348 14.34 33.53 14.91
CA THR E 348 15.33 33.83 15.95
C THR E 348 16.75 33.87 15.36
N PHE E 360 9.52 29.40 -2.83
CA PHE E 360 9.38 28.43 -3.91
C PHE E 360 8.04 28.59 -4.62
N GLN E 361 8.08 28.60 -5.95
CA GLN E 361 6.88 28.74 -6.77
C GLN E 361 6.64 27.54 -7.65
N GLY E 362 7.66 27.06 -8.35
CA GLY E 362 7.52 25.90 -9.20
C GLY E 362 8.81 25.64 -9.94
N SER E 363 8.93 24.40 -10.43
CA SER E 363 10.12 24.01 -11.18
C SER E 363 10.27 24.83 -12.45
N THR E 364 9.17 25.04 -13.18
CA THR E 364 9.23 25.78 -14.44
C THR E 364 9.60 27.25 -14.24
N PHE E 365 9.46 27.78 -13.03
CA PHE E 365 9.79 29.17 -12.77
C PHE E 365 11.27 29.34 -12.50
#